data_2MAX
#
_entry.id   2MAX
#
_entity_poly.entity_id   1
_entity_poly.type   'polypeptide(L)'
_entity_poly.pdbx_seq_one_letter_code
;MRGSHHHHHHGSLGVFGERPIANTEYSGDYAQRDDAKDLSAKIESMNLSARCFNCLDKIGIKYVGELVLMSEEELKGVKN
MGKKSYDEIAEKLNDLGYPVGTELSPEQRESLKKRLEKLEDKGGND
;
_entity_poly.pdbx_strand_id   A
#
# COMPACT_ATOMS: atom_id res chain seq x y z
N LEU A 13 -1.86 21.26 -35.24
CA LEU A 13 -2.71 22.16 -34.41
C LEU A 13 -4.15 22.17 -34.94
N GLY A 14 -5.15 22.31 -34.06
CA GLY A 14 -6.57 22.33 -34.42
C GLY A 14 -7.50 22.56 -33.22
N VAL A 15 -8.82 22.59 -33.48
CA VAL A 15 -9.90 22.89 -32.51
C VAL A 15 -11.06 21.88 -32.56
N PHE A 16 -10.86 20.73 -33.19
CA PHE A 16 -11.86 19.67 -33.39
C PHE A 16 -11.23 18.27 -33.27
N GLY A 17 -12.03 17.27 -32.89
CA GLY A 17 -11.60 15.88 -32.66
C GLY A 17 -12.67 15.02 -31.98
N GLU A 18 -12.25 13.85 -31.47
CA GLU A 18 -13.09 12.91 -30.71
C GLU A 18 -12.30 12.32 -29.52
N ARG A 19 -13.02 11.92 -28.45
CA ARG A 19 -12.47 11.57 -27.14
C ARG A 19 -12.75 10.10 -26.75
N PRO A 20 -11.95 9.50 -25.85
CA PRO A 20 -12.24 8.20 -25.23
C PRO A 20 -13.41 8.28 -24.23
N ILE A 21 -13.75 7.15 -23.59
CA ILE A 21 -14.77 7.06 -22.54
C ILE A 21 -14.55 8.06 -21.38
N ALA A 22 -15.64 8.55 -20.79
CA ALA A 22 -15.62 9.52 -19.70
C ALA A 22 -15.04 8.93 -18.38
N ASN A 23 -14.48 9.80 -17.52
CA ASN A 23 -14.04 9.44 -16.17
C ASN A 23 -15.23 9.27 -15.21
N THR A 24 -15.04 8.50 -14.12
CA THR A 24 -16.06 8.28 -13.08
C THR A 24 -16.40 9.56 -12.28
N GLU A 25 -15.41 10.45 -12.09
CA GLU A 25 -15.53 11.75 -11.38
C GLU A 25 -16.11 11.65 -9.94
N TYR A 26 -16.02 10.47 -9.31
CA TYR A 26 -16.46 10.20 -7.94
C TYR A 26 -15.62 10.96 -6.89
N SER A 27 -16.18 11.15 -5.69
CA SER A 27 -15.54 11.84 -4.56
C SER A 27 -16.02 11.31 -3.19
N GLY A 28 -15.29 11.62 -2.12
CA GLY A 28 -15.51 11.13 -0.75
C GLY A 28 -14.56 11.78 0.27
N ASP A 29 -14.43 11.17 1.45
CA ASP A 29 -13.50 11.61 2.51
C ASP A 29 -12.04 11.70 1.99
N TYR A 30 -11.35 12.80 2.34
CA TYR A 30 -10.06 13.18 1.74
C TYR A 30 -8.94 12.16 1.98
N ALA A 31 -8.87 11.60 3.19
CA ALA A 31 -7.99 10.50 3.60
C ALA A 31 -8.54 9.91 4.91
N GLN A 32 -8.06 8.74 5.32
CA GLN A 32 -8.29 8.19 6.66
C GLN A 32 -7.12 7.29 7.10
N ARG A 33 -6.88 7.18 8.42
CA ARG A 33 -5.66 6.55 8.99
C ARG A 33 -5.87 5.54 10.12
N ASP A 34 -7.09 5.38 10.64
CA ASP A 34 -7.40 4.38 11.67
C ASP A 34 -7.26 2.93 11.13
N ASP A 35 -7.53 2.74 9.84
CA ASP A 35 -7.43 1.45 9.14
C ASP A 35 -5.98 0.98 8.89
N ALA A 36 -4.98 1.82 9.16
CA ALA A 36 -3.56 1.47 8.96
C ALA A 36 -3.03 0.35 9.91
N LYS A 37 -3.88 -0.16 10.83
CA LYS A 37 -3.64 -1.40 11.59
C LYS A 37 -3.58 -2.66 10.70
N ASP A 38 -4.35 -2.70 9.61
CA ASP A 38 -4.44 -3.86 8.68
C ASP A 38 -3.24 -4.01 7.72
N LEU A 39 -2.24 -3.12 7.81
CA LEU A 39 -1.12 -3.07 6.88
C LEU A 39 -0.09 -4.21 7.05
N SER A 40 -0.16 -4.96 8.13
CA SER A 40 0.56 -6.21 8.34
C SER A 40 0.06 -7.37 7.47
N ALA A 41 -1.02 -7.19 6.69
CA ALA A 41 -1.54 -8.19 5.80
C ALA A 41 -0.62 -8.37 4.58
N LYS A 42 -0.67 -9.57 4.01
CA LYS A 42 -0.19 -9.87 2.65
C LYS A 42 -1.03 -9.13 1.62
N ILE A 43 -0.41 -8.59 0.57
CA ILE A 43 -1.12 -7.93 -0.54
C ILE A 43 -2.04 -8.91 -1.29
N GLU A 44 -1.63 -10.17 -1.35
CA GLU A 44 -2.45 -11.30 -1.84
C GLU A 44 -3.79 -11.47 -1.08
N SER A 45 -3.95 -10.84 0.09
CA SER A 45 -5.13 -11.02 0.96
C SER A 45 -6.36 -10.26 0.45
N MET A 46 -6.15 -9.37 -0.53
CA MET A 46 -7.15 -8.45 -1.08
C MET A 46 -7.75 -8.96 -2.41
N ASN A 47 -7.55 -10.24 -2.73
CA ASN A 47 -8.04 -10.92 -3.95
C ASN A 47 -7.52 -10.31 -5.29
N LEU A 48 -6.30 -9.77 -5.28
CA LEU A 48 -5.58 -9.37 -6.51
C LEU A 48 -5.39 -10.54 -7.49
N SER A 49 -5.35 -10.23 -8.79
CA SER A 49 -4.76 -11.10 -9.82
C SER A 49 -3.27 -11.36 -9.55
N ALA A 50 -2.76 -12.55 -9.91
CA ALA A 50 -1.39 -12.92 -9.63
C ALA A 50 -0.34 -12.04 -10.32
N ARG A 51 -0.62 -11.48 -11.51
CA ARG A 51 0.32 -10.59 -12.22
C ARG A 51 0.66 -9.34 -11.41
N CYS A 52 -0.33 -8.79 -10.70
CA CYS A 52 -0.17 -7.71 -9.73
C CYS A 52 0.77 -8.13 -8.60
N PHE A 53 0.52 -9.29 -7.98
CA PHE A 53 1.32 -9.75 -6.85
C PHE A 53 2.75 -10.15 -7.25
N ASN A 54 2.91 -10.69 -8.47
CA ASN A 54 4.20 -11.10 -9.04
C ASN A 54 5.05 -9.90 -9.45
N CYS A 55 4.45 -8.73 -9.69
CA CYS A 55 5.18 -7.46 -9.69
C CYS A 55 5.69 -7.13 -8.28
N LEU A 56 4.76 -6.99 -7.33
CA LEU A 56 4.97 -6.52 -5.96
C LEU A 56 6.01 -7.37 -5.19
N ASP A 57 5.95 -8.70 -5.30
CA ASP A 57 6.91 -9.63 -4.72
C ASP A 57 8.37 -9.48 -5.22
N LYS A 58 8.61 -9.04 -6.47
CA LYS A 58 9.94 -9.03 -7.09
C LYS A 58 10.77 -7.80 -6.74
N ILE A 59 10.10 -6.67 -6.55
CA ILE A 59 10.63 -5.42 -5.97
C ILE A 59 10.78 -5.51 -4.43
N GLY A 60 10.05 -6.45 -3.83
CA GLY A 60 10.15 -6.80 -2.40
C GLY A 60 9.00 -6.26 -1.55
N ILE A 61 7.98 -5.68 -2.19
CA ILE A 61 6.74 -5.20 -1.58
C ILE A 61 5.81 -6.41 -1.34
N LYS A 62 5.96 -7.06 -0.17
CA LYS A 62 5.27 -8.32 0.17
C LYS A 62 3.99 -8.12 1.00
N TYR A 63 3.81 -6.93 1.56
CA TYR A 63 2.69 -6.60 2.47
C TYR A 63 1.97 -5.32 2.09
N VAL A 64 0.72 -5.18 2.55
CA VAL A 64 -0.11 -4.00 2.28
C VAL A 64 0.58 -2.74 2.80
N GLY A 65 1.27 -2.83 3.94
CA GLY A 65 2.18 -1.82 4.48
C GLY A 65 3.22 -1.34 3.49
N GLU A 66 3.90 -2.28 2.84
CA GLU A 66 4.88 -1.97 1.78
C GLU A 66 4.23 -1.31 0.55
N LEU A 67 3.03 -1.75 0.12
CA LEU A 67 2.30 -1.05 -0.97
C LEU A 67 1.91 0.38 -0.50
N VAL A 68 1.36 0.53 0.71
CA VAL A 68 1.02 1.82 1.32
C VAL A 68 2.26 2.76 1.39
N LEU A 69 3.45 2.21 1.66
CA LEU A 69 4.75 2.89 1.63
C LEU A 69 5.32 3.09 0.22
N MET A 70 4.86 2.35 -0.80
CA MET A 70 5.02 2.64 -2.21
C MET A 70 4.20 3.87 -2.65
N SER A 71 4.71 5.05 -2.31
CA SER A 71 4.22 6.35 -2.83
C SER A 71 4.13 6.35 -4.35
N GLU A 72 3.21 7.13 -4.93
CA GLU A 72 2.80 7.02 -6.35
C GLU A 72 3.98 7.00 -7.34
N GLU A 73 5.02 7.79 -7.08
CA GLU A 73 6.23 7.90 -7.89
C GLU A 73 7.10 6.62 -7.88
N GLU A 74 7.18 5.91 -6.75
CA GLU A 74 7.72 4.55 -6.70
C GLU A 74 6.82 3.60 -7.48
N LEU A 75 5.51 3.70 -7.24
CA LEU A 75 4.49 2.81 -7.79
C LEU A 75 4.40 2.76 -9.33
N LYS A 76 4.48 3.92 -9.98
CA LYS A 76 4.70 4.07 -11.44
C LYS A 76 6.02 3.49 -11.96
N GLY A 77 6.94 3.13 -11.06
CA GLY A 77 8.35 2.85 -11.34
C GLY A 77 8.79 1.38 -11.26
N VAL A 78 7.91 0.41 -10.94
CA VAL A 78 8.22 -1.02 -11.17
C VAL A 78 8.50 -1.31 -12.67
N LYS A 79 9.07 -2.48 -12.98
CA LYS A 79 9.51 -2.84 -14.36
C LYS A 79 8.47 -3.56 -15.23
N ASN A 80 7.46 -4.19 -14.62
CA ASN A 80 6.42 -4.96 -15.33
C ASN A 80 5.03 -4.68 -14.74
N MET A 81 4.72 -3.39 -14.50
CA MET A 81 3.52 -2.98 -13.73
C MET A 81 2.21 -3.57 -14.28
N GLY A 82 1.96 -3.39 -15.58
CA GLY A 82 0.70 -3.73 -16.26
C GLY A 82 -0.45 -2.75 -15.95
N LYS A 83 -1.19 -2.31 -16.98
CA LYS A 83 -2.24 -1.27 -16.88
C LYS A 83 -3.39 -1.68 -15.93
N LYS A 84 -4.02 -2.83 -16.18
CA LYS A 84 -5.09 -3.38 -15.32
C LYS A 84 -4.58 -3.70 -13.92
N SER A 85 -3.34 -4.17 -13.83
CA SER A 85 -2.71 -4.63 -12.58
C SER A 85 -2.46 -3.49 -11.59
N TYR A 86 -1.93 -2.34 -12.03
CA TYR A 86 -1.81 -1.16 -11.18
C TYR A 86 -3.18 -0.62 -10.74
N ASP A 87 -4.18 -0.64 -11.63
CA ASP A 87 -5.53 -0.15 -11.34
C ASP A 87 -6.22 -0.97 -10.23
N GLU A 88 -6.18 -2.31 -10.31
CA GLU A 88 -6.70 -3.15 -9.22
C GLU A 88 -5.83 -3.12 -7.96
N ILE A 89 -4.50 -2.95 -8.08
CA ILE A 89 -3.59 -2.60 -6.96
C ILE A 89 -4.14 -1.39 -6.21
N ALA A 90 -4.35 -0.29 -6.94
CA ALA A 90 -4.75 0.98 -6.36
C ALA A 90 -6.16 0.93 -5.76
N GLU A 91 -7.11 0.26 -6.40
CA GLU A 91 -8.48 0.09 -5.89
C GLU A 91 -8.60 -0.90 -4.71
N LYS A 92 -7.74 -1.93 -4.63
CA LYS A 92 -7.71 -2.82 -3.45
C LYS A 92 -6.92 -2.23 -2.29
N LEU A 93 -5.93 -1.37 -2.56
CA LEU A 93 -5.40 -0.44 -1.55
C LEU A 93 -6.50 0.52 -1.04
N ASN A 94 -7.31 1.09 -1.96
CA ASN A 94 -8.47 1.94 -1.66
C ASN A 94 -9.54 1.24 -0.79
N ASP A 95 -9.73 -0.08 -0.95
CA ASP A 95 -10.68 -0.85 -0.14
C ASP A 95 -10.42 -0.79 1.39
N LEU A 96 -9.17 -0.58 1.81
CA LEU A 96 -8.83 -0.28 3.23
C LEU A 96 -9.35 1.08 3.70
N GLY A 97 -9.49 2.05 2.80
CA GLY A 97 -9.92 3.43 3.08
C GLY A 97 -9.12 4.50 2.34
N TYR A 98 -7.90 4.18 1.86
CA TYR A 98 -6.95 5.13 1.31
C TYR A 98 -6.49 4.67 -0.10
N PRO A 99 -6.89 5.36 -1.19
CA PRO A 99 -6.42 5.08 -2.54
C PRO A 99 -4.93 5.44 -2.68
N VAL A 100 -4.11 4.50 -3.16
CA VAL A 100 -2.66 4.67 -3.15
C VAL A 100 -2.16 5.89 -3.95
N GLY A 101 -1.26 6.67 -3.33
CA GLY A 101 -0.64 7.87 -3.92
C GLY A 101 -0.99 9.19 -3.21
N THR A 102 -1.99 9.18 -2.33
CA THR A 102 -2.46 10.30 -1.49
C THR A 102 -1.41 10.67 -0.42
N GLU A 103 -0.38 11.41 -0.83
CA GLU A 103 0.84 11.72 -0.05
C GLU A 103 0.99 13.24 0.17
N LEU A 104 0.08 13.82 0.98
CA LEU A 104 0.03 15.24 1.29
C LEU A 104 0.10 15.58 2.79
N SER A 105 0.04 14.56 3.64
CA SER A 105 0.31 14.60 5.09
C SER A 105 0.71 13.20 5.60
N PRO A 106 1.88 12.67 5.16
CA PRO A 106 2.22 11.25 5.30
C PRO A 106 3.00 10.89 6.58
N GLU A 107 3.22 11.81 7.52
CA GLU A 107 4.24 11.69 8.59
C GLU A 107 4.17 10.41 9.45
N GLN A 108 2.97 9.81 9.60
CA GLN A 108 2.78 8.47 10.19
C GLN A 108 3.57 7.33 9.50
N ARG A 109 4.02 7.50 8.24
CA ARG A 109 4.68 6.45 7.46
C ARG A 109 6.04 6.01 8.01
N GLU A 110 6.80 6.88 8.69
CA GLU A 110 8.05 6.44 9.32
C GLU A 110 7.81 5.46 10.49
N SER A 111 6.73 5.68 11.26
CA SER A 111 6.26 4.77 12.30
C SER A 111 5.78 3.44 11.72
N LEU A 112 5.04 3.48 10.59
CA LEU A 112 4.68 2.30 9.82
C LEU A 112 5.91 1.50 9.40
N LYS A 113 6.91 2.12 8.77
CA LYS A 113 8.12 1.45 8.27
C LYS A 113 8.86 0.72 9.40
N LYS A 114 8.98 1.33 10.58
CA LYS A 114 9.60 0.70 11.77
C LYS A 114 8.77 -0.46 12.34
N ARG A 115 7.44 -0.35 12.37
CA ARG A 115 6.54 -1.46 12.73
C ARG A 115 6.57 -2.58 11.71
N LEU A 116 6.69 -2.26 10.42
CA LEU A 116 6.72 -3.21 9.30
C LEU A 116 7.98 -4.11 9.31
N GLU A 117 9.12 -3.52 9.70
CA GLU A 117 10.37 -4.22 9.96
C GLU A 117 10.26 -5.37 11.00
N LYS A 118 9.18 -5.37 11.80
CA LYS A 118 8.88 -6.35 12.85
C LYS A 118 7.68 -7.26 12.53
N LEU A 119 7.16 -7.23 11.30
CA LEU A 119 6.29 -8.29 10.77
C LEU A 119 7.02 -9.64 10.82
N GLU A 120 8.25 -9.68 10.29
CA GLU A 120 9.24 -10.75 10.48
C GLU A 120 10.64 -10.31 10.01
N ASP A 121 11.69 -10.74 10.72
CA ASP A 121 13.07 -10.68 10.23
C ASP A 121 13.27 -11.62 9.02
N LYS A 122 14.08 -11.19 8.03
CA LYS A 122 14.28 -11.93 6.77
C LYS A 122 15.67 -11.74 6.14
N GLY A 123 16.16 -10.49 6.07
CA GLY A 123 17.43 -10.15 5.42
C GLY A 123 17.54 -8.67 5.03
N GLY A 124 18.46 -8.36 4.12
CA GLY A 124 18.67 -7.03 3.54
C GLY A 124 19.40 -7.06 2.19
N ASN A 125 19.46 -5.91 1.50
CA ASN A 125 20.01 -5.76 0.15
C ASN A 125 20.58 -4.33 -0.07
N ASP A 126 21.38 -4.15 -1.13
CA ASP A 126 22.03 -2.89 -1.54
C ASP A 126 22.19 -2.77 -3.07
N LEU A 13 25.93 -4.06 -2.93
CA LEU A 13 24.83 -3.18 -2.43
C LEU A 13 24.46 -2.15 -3.50
N GLY A 14 23.23 -2.18 -3.99
CA GLY A 14 22.70 -1.23 -4.98
C GLY A 14 21.34 -1.63 -5.58
N VAL A 15 20.72 -0.73 -6.34
CA VAL A 15 19.41 -0.91 -7.01
C VAL A 15 19.31 -0.05 -8.28
N PHE A 16 18.47 -0.47 -9.24
CA PHE A 16 18.21 0.24 -10.50
C PHE A 16 16.77 -0.03 -11.00
N GLY A 17 16.23 0.88 -11.83
CA GLY A 17 14.85 0.79 -12.34
C GLY A 17 14.51 1.80 -13.45
N GLU A 18 13.28 1.75 -13.93
CA GLU A 18 12.72 2.57 -15.02
C GLU A 18 11.22 2.85 -14.78
N ARG A 19 10.66 3.92 -15.36
CA ARG A 19 9.29 4.40 -15.09
C ARG A 19 8.54 4.87 -16.36
N PRO A 20 7.35 4.31 -16.67
CA PRO A 20 6.48 4.81 -17.74
C PRO A 20 5.83 6.17 -17.43
N ILE A 21 5.07 6.70 -18.40
CA ILE A 21 4.42 8.03 -18.36
C ILE A 21 3.46 8.19 -17.15
N ALA A 22 3.48 9.37 -16.54
CA ALA A 22 2.67 9.75 -15.38
C ALA A 22 1.20 10.14 -15.71
N ASN A 23 0.46 10.62 -14.71
CA ASN A 23 -0.94 11.05 -14.75
C ASN A 23 -1.13 12.37 -13.97
N THR A 24 -2.17 13.13 -14.34
CA THR A 24 -2.46 14.47 -13.76
C THR A 24 -2.94 14.41 -12.30
N GLU A 25 -3.75 13.42 -11.96
CA GLU A 25 -4.31 13.20 -10.60
C GLU A 25 -4.75 11.74 -10.37
N TYR A 26 -5.10 11.42 -9.12
CA TYR A 26 -5.81 10.20 -8.71
C TYR A 26 -6.65 10.49 -7.44
N SER A 27 -7.51 9.54 -7.03
CA SER A 27 -8.38 9.62 -5.84
C SER A 27 -7.63 9.89 -4.52
N GLY A 28 -8.36 10.39 -3.52
CA GLY A 28 -7.85 10.72 -2.18
C GLY A 28 -8.87 10.47 -1.06
N ASP A 29 -8.46 10.70 0.19
CA ASP A 29 -9.29 10.49 1.40
C ASP A 29 -8.96 11.53 2.49
N TYR A 30 -9.97 11.92 3.28
CA TYR A 30 -9.87 13.01 4.26
C TYR A 30 -9.00 12.68 5.49
N ALA A 31 -9.35 11.62 6.25
CA ALA A 31 -8.67 11.16 7.46
C ALA A 31 -9.22 9.79 7.86
N GLN A 32 -8.46 9.05 8.69
CA GLN A 32 -8.84 7.74 9.22
C GLN A 32 -8.63 7.66 10.75
N ARG A 33 -9.07 6.55 11.38
CA ARG A 33 -9.07 6.31 12.83
C ARG A 33 -8.29 5.03 13.17
N ASP A 34 -6.96 5.15 13.25
CA ASP A 34 -6.00 4.07 13.52
C ASP A 34 -6.02 2.90 12.50
N ASP A 35 -6.53 3.18 11.29
CA ASP A 35 -6.75 2.20 10.20
C ASP A 35 -5.47 1.55 9.67
N ALA A 36 -4.31 2.20 9.86
CA ALA A 36 -3.00 1.66 9.45
C ALA A 36 -2.51 0.44 10.28
N LYS A 37 -3.28 -0.04 11.27
CA LYS A 37 -3.00 -1.30 12.01
C LYS A 37 -3.09 -2.56 11.13
N ASP A 38 -3.99 -2.58 10.14
CA ASP A 38 -4.21 -3.69 9.19
C ASP A 38 -3.07 -3.90 8.17
N LEU A 39 -2.06 -3.04 8.17
CA LEU A 39 -0.98 -3.03 7.18
C LEU A 39 0.04 -4.18 7.29
N SER A 40 0.02 -4.91 8.39
CA SER A 40 0.69 -6.20 8.59
C SER A 40 0.12 -7.34 7.73
N ALA A 41 -1.01 -7.14 7.05
CA ALA A 41 -1.60 -8.12 6.16
C ALA A 41 -0.78 -8.29 4.89
N LYS A 42 -0.88 -9.48 4.31
CA LYS A 42 -0.38 -9.77 2.96
C LYS A 42 -1.24 -9.06 1.91
N ILE A 43 -0.63 -8.68 0.80
CA ILE A 43 -1.34 -8.11 -0.37
C ILE A 43 -2.30 -9.12 -0.99
N GLU A 44 -1.99 -10.41 -0.86
CA GLU A 44 -2.88 -11.51 -1.24
C GLU A 44 -4.20 -11.54 -0.43
N SER A 45 -4.36 -10.68 0.59
CA SER A 45 -5.59 -10.64 1.43
C SER A 45 -6.75 -9.93 0.72
N MET A 46 -6.49 -9.38 -0.49
CA MET A 46 -7.39 -8.48 -1.22
C MET A 46 -7.89 -9.10 -2.56
N ASN A 47 -7.72 -10.41 -2.74
CA ASN A 47 -8.14 -11.21 -3.92
C ASN A 47 -7.65 -10.64 -5.28
N LEU A 48 -6.46 -10.05 -5.30
CA LEU A 48 -5.79 -9.53 -6.50
C LEU A 48 -5.30 -10.63 -7.47
N SER A 49 -5.16 -10.27 -8.75
CA SER A 49 -4.56 -11.10 -9.80
C SER A 49 -3.08 -11.39 -9.55
N ALA A 50 -2.57 -12.50 -10.09
CA ALA A 50 -1.17 -12.89 -9.94
C ALA A 50 -0.18 -11.93 -10.57
N ARG A 51 -0.48 -11.26 -11.69
CA ARG A 51 0.48 -10.32 -12.35
C ARG A 51 0.76 -9.09 -11.48
N CYS A 52 -0.28 -8.57 -10.82
CA CYS A 52 -0.16 -7.66 -9.67
C CYS A 52 0.76 -8.25 -8.59
N PHE A 53 0.44 -9.43 -8.04
CA PHE A 53 1.19 -9.95 -6.90
C PHE A 53 2.65 -10.29 -7.24
N ASN A 54 2.92 -10.71 -8.48
CA ASN A 54 4.25 -11.04 -8.99
C ASN A 54 5.08 -9.78 -9.24
N CYS A 55 4.47 -8.67 -9.67
CA CYS A 55 5.16 -7.37 -9.69
C CYS A 55 5.63 -6.98 -8.28
N LEU A 56 4.70 -6.99 -7.33
CA LEU A 56 4.89 -6.62 -5.93
C LEU A 56 5.94 -7.51 -5.24
N ASP A 57 5.92 -8.83 -5.47
CA ASP A 57 6.96 -9.76 -5.02
C ASP A 57 8.37 -9.51 -5.63
N LYS A 58 8.49 -9.03 -6.88
CA LYS A 58 9.79 -8.87 -7.57
C LYS A 58 10.59 -7.66 -7.05
N ILE A 59 9.89 -6.57 -6.75
CA ILE A 59 10.42 -5.36 -6.08
C ILE A 59 10.58 -5.55 -4.57
N GLY A 60 9.80 -6.48 -4.01
CA GLY A 60 9.84 -6.83 -2.59
C GLY A 60 8.79 -6.12 -1.73
N ILE A 61 7.74 -5.54 -2.33
CA ILE A 61 6.50 -5.17 -1.65
C ILE A 61 5.69 -6.46 -1.40
N LYS A 62 5.70 -6.96 -0.16
CA LYS A 62 5.13 -8.27 0.23
C LYS A 62 3.93 -8.16 1.18
N TYR A 63 3.64 -6.96 1.65
CA TYR A 63 2.51 -6.64 2.53
C TYR A 63 1.76 -5.38 2.13
N VAL A 64 0.54 -5.23 2.65
CA VAL A 64 -0.30 -4.04 2.43
C VAL A 64 0.44 -2.80 2.91
N GLY A 65 1.13 -2.89 4.06
CA GLY A 65 2.08 -1.89 4.59
C GLY A 65 3.08 -1.38 3.57
N GLU A 66 3.71 -2.32 2.88
CA GLU A 66 4.74 -2.06 1.88
C GLU A 66 4.16 -1.46 0.58
N LEU A 67 2.96 -1.88 0.14
CA LEU A 67 2.26 -1.17 -0.96
C LEU A 67 1.85 0.23 -0.48
N VAL A 68 1.31 0.39 0.74
CA VAL A 68 0.92 1.67 1.32
C VAL A 68 2.11 2.64 1.38
N LEU A 69 3.32 2.14 1.67
CA LEU A 69 4.59 2.87 1.63
C LEU A 69 5.11 3.14 0.20
N MET A 70 4.69 2.35 -0.79
CA MET A 70 4.77 2.67 -2.21
C MET A 70 3.86 3.86 -2.60
N SER A 71 4.32 5.07 -2.27
CA SER A 71 3.80 6.32 -2.85
C SER A 71 3.70 6.27 -4.38
N GLU A 72 2.81 7.06 -4.98
CA GLU A 72 2.39 6.90 -6.39
C GLU A 72 3.56 6.87 -7.40
N GLU A 73 4.62 7.65 -7.15
CA GLU A 73 5.82 7.73 -7.99
C GLU A 73 6.75 6.50 -7.86
N GLU A 74 6.85 5.91 -6.66
CA GLU A 74 7.47 4.58 -6.46
C GLU A 74 6.65 3.53 -7.21
N LEU A 75 5.33 3.55 -7.02
CA LEU A 75 4.38 2.66 -7.67
C LEU A 75 4.53 2.65 -9.19
N LYS A 76 4.59 3.82 -9.81
CA LYS A 76 4.91 4.02 -11.24
C LYS A 76 6.36 3.68 -11.63
N GLY A 77 7.15 3.08 -10.74
CA GLY A 77 8.58 2.80 -10.90
C GLY A 77 8.96 1.31 -10.80
N VAL A 78 8.01 0.37 -10.62
CA VAL A 78 8.27 -1.05 -10.93
C VAL A 78 8.61 -1.28 -12.42
N LYS A 79 9.16 -2.45 -12.72
CA LYS A 79 9.72 -2.78 -14.06
C LYS A 79 8.77 -3.46 -15.05
N ASN A 80 7.69 -4.08 -14.57
CA ASN A 80 6.76 -4.86 -15.39
C ASN A 80 5.30 -4.59 -14.97
N MET A 81 4.99 -3.33 -14.62
CA MET A 81 3.75 -2.97 -13.91
C MET A 81 2.47 -3.52 -14.57
N GLY A 82 2.29 -3.24 -15.86
CA GLY A 82 1.02 -3.42 -16.59
C GLY A 82 -0.13 -2.49 -16.13
N LYS A 83 -0.94 -2.01 -17.08
CA LYS A 83 -1.98 -0.99 -16.83
C LYS A 83 -3.12 -1.48 -15.93
N LYS A 84 -3.70 -2.65 -16.26
CA LYS A 84 -4.80 -3.27 -15.49
C LYS A 84 -4.36 -3.65 -14.08
N SER A 85 -3.15 -4.19 -13.94
CA SER A 85 -2.55 -4.60 -12.67
C SER A 85 -2.39 -3.43 -11.69
N TYR A 86 -1.92 -2.26 -12.14
CA TYR A 86 -1.83 -1.04 -11.32
C TYR A 86 -3.22 -0.52 -10.90
N ASP A 87 -4.20 -0.58 -11.81
CA ASP A 87 -5.58 -0.15 -11.53
C ASP A 87 -6.24 -1.00 -10.43
N GLU A 88 -6.14 -2.35 -10.49
CA GLU A 88 -6.61 -3.20 -9.40
C GLU A 88 -5.77 -3.09 -8.13
N ILE A 89 -4.44 -2.89 -8.23
CA ILE A 89 -3.55 -2.52 -7.12
C ILE A 89 -4.14 -1.36 -6.35
N ALA A 90 -4.41 -0.28 -7.06
CA ALA A 90 -4.86 0.97 -6.47
C ALA A 90 -6.32 0.90 -5.97
N GLU A 91 -7.21 0.18 -6.66
CA GLU A 91 -8.60 -0.06 -6.23
C GLU A 91 -8.71 -0.97 -5.00
N LYS A 92 -7.93 -2.06 -4.92
CA LYS A 92 -7.93 -2.92 -3.72
C LYS A 92 -7.18 -2.30 -2.54
N LEU A 93 -6.14 -1.49 -2.79
CA LEU A 93 -5.58 -0.65 -1.74
C LEU A 93 -6.58 0.42 -1.26
N ASN A 94 -7.37 1.03 -2.17
CA ASN A 94 -8.50 1.90 -1.82
C ASN A 94 -9.56 1.21 -0.94
N ASP A 95 -9.84 -0.08 -1.17
CA ASP A 95 -10.78 -0.87 -0.35
C ASP A 95 -10.37 -0.97 1.14
N LEU A 96 -9.09 -0.74 1.48
CA LEU A 96 -8.64 -0.49 2.86
C LEU A 96 -9.40 0.69 3.52
N GLY A 97 -9.55 1.78 2.78
CA GLY A 97 -9.96 3.11 3.25
C GLY A 97 -9.15 4.26 2.64
N TYR A 98 -7.93 3.98 2.12
CA TYR A 98 -7.01 4.96 1.55
C TYR A 98 -6.61 4.56 0.11
N PRO A 99 -7.00 5.32 -0.93
CA PRO A 99 -6.58 5.08 -2.32
C PRO A 99 -5.09 5.37 -2.50
N VAL A 100 -4.31 4.36 -2.95
CA VAL A 100 -2.85 4.44 -2.91
C VAL A 100 -2.23 5.65 -3.56
N GLY A 101 -1.23 6.22 -2.87
CA GLY A 101 -0.19 7.03 -3.50
C GLY A 101 -0.22 8.51 -3.12
N THR A 102 -1.34 9.00 -2.60
CA THR A 102 -1.49 10.41 -2.18
C THR A 102 -0.55 10.80 -1.03
N GLU A 103 -0.24 12.09 -0.90
CA GLU A 103 0.93 12.60 -0.16
C GLU A 103 0.62 13.88 0.66
N LEU A 104 -0.65 14.06 1.05
CA LEU A 104 -1.17 15.24 1.76
C LEU A 104 -0.37 15.68 3.02
N SER A 105 0.05 14.73 3.87
CA SER A 105 0.93 14.91 5.05
C SER A 105 1.25 13.55 5.69
N PRO A 106 2.03 12.67 5.01
CA PRO A 106 2.15 11.25 5.34
C PRO A 106 3.16 10.92 6.45
N GLU A 107 3.60 11.89 7.25
CA GLU A 107 4.73 11.76 8.19
C GLU A 107 4.67 10.55 9.15
N GLN A 108 3.46 10.06 9.47
CA GLN A 108 3.26 8.80 10.23
C GLN A 108 3.89 7.56 9.56
N ARG A 109 4.20 7.61 8.26
CA ARG A 109 4.82 6.49 7.52
C ARG A 109 6.19 6.07 8.05
N GLU A 110 6.92 6.96 8.73
CA GLU A 110 8.17 6.64 9.41
C GLU A 110 7.98 5.65 10.57
N SER A 111 6.85 5.74 11.28
CA SER A 111 6.43 4.76 12.28
C SER A 111 6.02 3.43 11.63
N LEU A 112 5.32 3.47 10.48
CA LEU A 112 4.98 2.29 9.69
C LEU A 112 6.22 1.53 9.23
N LYS A 113 7.26 2.19 8.71
CA LYS A 113 8.52 1.53 8.33
C LYS A 113 9.09 0.65 9.45
N LYS A 114 9.15 1.17 10.68
CA LYS A 114 9.58 0.41 11.86
C LYS A 114 8.65 -0.77 12.17
N ARG A 115 7.34 -0.50 12.25
CA ARG A 115 6.31 -1.54 12.46
C ARG A 115 6.40 -2.66 11.41
N LEU A 116 6.69 -2.33 10.15
CA LEU A 116 6.84 -3.28 9.07
C LEU A 116 8.12 -4.11 9.15
N GLU A 117 9.25 -3.46 9.48
CA GLU A 117 10.52 -4.14 9.76
C GLU A 117 10.41 -5.16 10.90
N LYS A 118 9.47 -4.99 11.85
CA LYS A 118 9.15 -5.93 12.91
C LYS A 118 8.08 -7.00 12.59
N LEU A 119 7.52 -7.06 11.36
CA LEU A 119 6.63 -8.17 10.94
C LEU A 119 7.32 -9.54 11.07
N GLU A 120 8.57 -9.62 10.64
CA GLU A 120 9.56 -10.58 11.19
C GLU A 120 10.98 -9.98 11.26
N ASP A 121 11.77 -10.43 12.24
CA ASP A 121 13.14 -9.98 12.53
C ASP A 121 14.20 -10.51 11.53
N LYS A 122 13.99 -10.23 10.24
CA LYS A 122 14.83 -10.68 9.11
C LYS A 122 15.00 -9.56 8.06
N GLY A 123 16.19 -9.47 7.46
CA GLY A 123 16.49 -8.55 6.35
C GLY A 123 16.12 -9.10 4.96
N GLY A 124 16.02 -8.22 3.97
CA GLY A 124 15.55 -8.55 2.61
C GLY A 124 15.25 -7.33 1.74
N ASN A 125 16.21 -6.40 1.64
CA ASN A 125 16.06 -5.08 0.99
C ASN A 125 17.25 -4.74 0.07
N ASP A 126 17.07 -3.69 -0.75
CA ASP A 126 18.02 -3.23 -1.79
C ASP A 126 18.09 -1.68 -1.88
N LEU A 13 0.46 20.61 67.06
CA LEU A 13 -0.67 21.00 66.15
C LEU A 13 -0.26 20.73 64.70
N GLY A 14 -1.05 19.92 63.97
CA GLY A 14 -0.73 19.50 62.60
C GLY A 14 -1.80 18.60 61.94
N VAL A 15 -3.08 18.97 62.08
CA VAL A 15 -4.22 18.21 61.52
C VAL A 15 -4.16 18.05 59.98
N PHE A 16 -4.78 16.98 59.48
CA PHE A 16 -4.82 16.61 58.06
C PHE A 16 -6.11 15.84 57.70
N GLY A 17 -6.26 15.45 56.43
CA GLY A 17 -7.41 14.70 55.92
C GLY A 17 -7.10 13.84 54.68
N GLU A 18 -8.13 13.19 54.14
CA GLU A 18 -8.05 12.17 53.08
C GLU A 18 -9.09 12.44 51.96
N ARG A 19 -9.21 13.72 51.57
CA ARG A 19 -10.14 14.21 50.53
C ARG A 19 -9.99 13.48 49.18
N PRO A 20 -11.07 13.33 48.40
CA PRO A 20 -11.05 12.61 47.12
C PRO A 20 -10.28 13.36 46.02
N ILE A 21 -9.89 12.62 44.97
CA ILE A 21 -9.14 13.10 43.79
C ILE A 21 -9.77 12.46 42.53
N ALA A 22 -9.72 13.17 41.39
CA ALA A 22 -10.31 12.76 40.11
C ALA A 22 -9.31 12.89 38.94
N ASN A 23 -9.65 12.28 37.80
CA ASN A 23 -8.77 12.11 36.63
C ASN A 23 -9.51 12.28 35.28
N THR A 24 -10.53 13.14 35.24
CA THR A 24 -11.36 13.43 34.07
C THR A 24 -10.52 13.77 32.82
N GLU A 25 -10.95 13.28 31.65
CA GLU A 25 -10.18 13.30 30.40
C GLU A 25 -11.02 13.84 29.22
N TYR A 26 -11.10 15.18 29.11
CA TYR A 26 -11.74 15.88 28.00
C TYR A 26 -11.10 15.56 26.62
N SER A 27 -9.78 15.32 26.61
CA SER A 27 -8.99 14.91 25.44
C SER A 27 -7.77 14.08 25.88
N GLY A 28 -7.36 13.10 25.06
CA GLY A 28 -6.26 12.19 25.39
C GLY A 28 -5.91 11.12 24.35
N ASP A 29 -6.46 11.18 23.14
CA ASP A 29 -6.12 10.29 22.01
C ASP A 29 -4.66 10.47 21.56
N TYR A 30 -3.87 9.39 21.59
CA TYR A 30 -2.44 9.41 21.28
C TYR A 30 -2.13 9.63 19.79
N ALA A 31 -3.03 9.19 18.90
CA ALA A 31 -2.95 9.32 17.45
C ALA A 31 -4.37 9.16 16.86
N GLN A 32 -4.52 9.39 15.55
CA GLN A 32 -5.80 9.22 14.83
C GLN A 32 -5.67 8.40 13.53
N ARG A 33 -4.55 7.66 13.38
CA ARG A 33 -4.19 6.83 12.21
C ARG A 33 -4.55 5.35 12.39
N ASP A 34 -5.45 5.03 13.33
CA ASP A 34 -5.84 3.66 13.72
C ASP A 34 -6.30 2.75 12.56
N ASP A 35 -6.83 3.33 11.47
CA ASP A 35 -7.16 2.63 10.23
C ASP A 35 -5.99 1.83 9.61
N ALA A 36 -4.74 2.25 9.88
CA ALA A 36 -3.52 1.58 9.46
C ALA A 36 -3.15 0.33 10.28
N LYS A 37 -4.00 -0.15 11.20
CA LYS A 37 -3.79 -1.42 11.93
C LYS A 37 -3.76 -2.69 11.05
N ASP A 38 -4.42 -2.64 9.87
CA ASP A 38 -4.50 -3.75 8.90
C ASP A 38 -3.28 -3.89 7.98
N LEU A 39 -2.28 -3.02 8.11
CA LEU A 39 -1.12 -2.97 7.21
C LEU A 39 -0.14 -4.15 7.33
N SER A 40 -0.26 -4.96 8.39
CA SER A 40 0.44 -6.22 8.56
C SER A 40 -0.08 -7.37 7.68
N ALA A 41 -1.16 -7.17 6.93
CA ALA A 41 -1.70 -8.15 6.01
C ALA A 41 -0.83 -8.26 4.76
N LYS A 42 -0.89 -9.42 4.11
CA LYS A 42 -0.35 -9.67 2.77
C LYS A 42 -1.14 -8.90 1.70
N ILE A 43 -0.47 -8.47 0.63
CA ILE A 43 -1.15 -7.88 -0.54
C ILE A 43 -2.05 -8.89 -1.26
N GLU A 44 -1.67 -10.16 -1.23
CA GLU A 44 -2.51 -11.26 -1.75
C GLU A 44 -3.79 -11.49 -0.91
N SER A 45 -4.06 -10.69 0.14
CA SER A 45 -5.33 -10.75 0.89
C SER A 45 -6.49 -10.17 0.07
N MET A 46 -6.16 -9.37 -0.96
CA MET A 46 -7.10 -8.64 -1.81
C MET A 46 -7.74 -9.47 -2.93
N ASN A 47 -7.38 -10.76 -3.07
CA ASN A 47 -7.82 -11.69 -4.13
C ASN A 47 -7.63 -11.15 -5.57
N LEU A 48 -6.51 -10.46 -5.81
CA LEU A 48 -6.14 -9.85 -7.10
C LEU A 48 -5.52 -10.87 -8.09
N SER A 49 -5.38 -10.47 -9.35
CA SER A 49 -4.63 -11.21 -10.37
C SER A 49 -3.15 -11.34 -9.98
N ALA A 50 -2.57 -12.53 -10.15
CA ALA A 50 -1.21 -12.82 -9.72
C ALA A 50 -0.13 -11.94 -10.38
N ARG A 51 -0.36 -11.38 -11.57
CA ARG A 51 0.60 -10.49 -12.26
C ARG A 51 0.92 -9.22 -11.45
N CYS A 52 -0.08 -8.64 -10.77
CA CYS A 52 0.13 -7.55 -9.82
C CYS A 52 0.98 -8.00 -8.62
N PHE A 53 0.69 -9.17 -8.04
CA PHE A 53 1.44 -9.67 -6.88
C PHE A 53 2.87 -10.07 -7.24
N ASN A 54 3.08 -10.58 -8.45
CA ASN A 54 4.38 -10.97 -8.99
C ASN A 54 5.25 -9.76 -9.38
N CYS A 55 4.62 -8.61 -9.68
CA CYS A 55 5.34 -7.33 -9.68
C CYS A 55 5.82 -6.98 -8.26
N LEU A 56 4.87 -6.88 -7.33
CA LEU A 56 5.05 -6.45 -5.94
C LEU A 56 6.11 -7.29 -5.20
N ASP A 57 6.08 -8.62 -5.33
CA ASP A 57 7.08 -9.52 -4.74
C ASP A 57 8.51 -9.38 -5.29
N LYS A 58 8.72 -8.88 -6.53
CA LYS A 58 10.05 -8.82 -7.17
C LYS A 58 10.85 -7.56 -6.77
N ILE A 59 10.15 -6.44 -6.59
CA ILE A 59 10.66 -5.22 -5.94
C ILE A 59 10.81 -5.39 -4.42
N GLY A 60 10.06 -6.33 -3.85
CA GLY A 60 10.17 -6.77 -2.45
C GLY A 60 9.06 -6.21 -1.55
N ILE A 61 7.96 -5.77 -2.14
CA ILE A 61 6.75 -5.26 -1.49
C ILE A 61 5.79 -6.44 -1.28
N LYS A 62 5.68 -6.93 -0.03
CA LYS A 62 5.02 -8.21 0.31
C LYS A 62 3.76 -8.05 1.17
N TYR A 63 3.54 -6.84 1.71
CA TYR A 63 2.40 -6.53 2.59
C TYR A 63 1.65 -5.26 2.18
N VAL A 64 0.41 -5.14 2.66
CA VAL A 64 -0.43 -3.94 2.47
C VAL A 64 0.30 -2.72 2.98
N GLY A 65 0.97 -2.82 4.13
CA GLY A 65 1.90 -1.83 4.69
C GLY A 65 2.93 -1.33 3.70
N GLU A 66 3.57 -2.26 3.02
CA GLU A 66 4.62 -2.03 2.02
C GLU A 66 4.09 -1.41 0.71
N LEU A 67 2.90 -1.80 0.22
CA LEU A 67 2.22 -1.06 -0.86
C LEU A 67 1.84 0.35 -0.35
N VAL A 68 1.27 0.48 0.85
CA VAL A 68 0.90 1.77 1.46
C VAL A 68 2.12 2.72 1.56
N LEU A 69 3.31 2.19 1.84
CA LEU A 69 4.59 2.89 1.81
C LEU A 69 5.14 3.17 0.40
N MET A 70 4.75 2.38 -0.61
CA MET A 70 4.83 2.73 -2.02
C MET A 70 3.94 3.93 -2.39
N SER A 71 4.41 5.13 -2.05
CA SER A 71 3.89 6.40 -2.58
C SER A 71 3.80 6.35 -4.12
N GLU A 72 2.86 7.11 -4.69
CA GLU A 72 2.47 7.00 -6.12
C GLU A 72 3.66 7.05 -7.10
N GLU A 73 4.68 7.88 -6.83
CA GLU A 73 5.88 8.01 -7.66
C GLU A 73 6.78 6.76 -7.67
N GLU A 74 6.87 6.02 -6.55
CA GLU A 74 7.46 4.67 -6.52
C GLU A 74 6.58 3.69 -7.29
N LEU A 75 5.26 3.75 -7.05
CA LEU A 75 4.26 2.86 -7.62
C LEU A 75 4.21 2.86 -9.16
N LYS A 76 4.30 4.04 -9.78
CA LYS A 76 4.53 4.23 -11.23
C LYS A 76 5.86 3.66 -11.74
N GLY A 77 6.77 3.30 -10.85
CA GLY A 77 8.20 3.07 -11.12
C GLY A 77 8.69 1.62 -10.98
N VAL A 78 7.84 0.63 -10.70
CA VAL A 78 8.21 -0.79 -10.96
C VAL A 78 8.54 -1.05 -12.45
N LYS A 79 9.06 -2.24 -12.78
CA LYS A 79 9.50 -2.59 -14.16
C LYS A 79 8.60 -3.58 -14.92
N ASN A 80 7.54 -4.08 -14.30
CA ASN A 80 6.59 -5.06 -14.86
C ASN A 80 5.13 -4.76 -14.42
N MET A 81 4.77 -3.48 -14.26
CA MET A 81 3.54 -3.07 -13.56
C MET A 81 2.27 -3.67 -14.15
N GLY A 82 2.09 -3.54 -15.47
CA GLY A 82 0.82 -3.78 -16.20
C GLY A 82 -0.29 -2.78 -15.84
N LYS A 83 -1.01 -2.26 -16.85
CA LYS A 83 -2.03 -1.21 -16.67
C LYS A 83 -3.20 -1.64 -15.77
N LYS A 84 -3.83 -2.77 -16.09
CA LYS A 84 -4.93 -3.36 -15.30
C LYS A 84 -4.45 -3.81 -13.91
N SER A 85 -3.26 -4.40 -13.85
CA SER A 85 -2.62 -4.86 -12.61
C SER A 85 -2.35 -3.75 -11.60
N TYR A 86 -1.87 -2.57 -12.03
CA TYR A 86 -1.77 -1.37 -11.17
C TYR A 86 -3.16 -0.84 -10.75
N ASP A 87 -4.13 -0.81 -11.67
CA ASP A 87 -5.48 -0.30 -11.39
C ASP A 87 -6.20 -1.13 -10.31
N GLU A 88 -6.12 -2.47 -10.37
CA GLU A 88 -6.67 -3.34 -9.33
C GLU A 88 -5.86 -3.33 -8.01
N ILE A 89 -4.52 -3.15 -8.09
CA ILE A 89 -3.65 -2.77 -6.96
C ILE A 89 -4.22 -1.55 -6.25
N ALA A 90 -4.43 -0.47 -7.00
CA ALA A 90 -4.83 0.82 -6.48
C ALA A 90 -6.26 0.79 -5.91
N GLU A 91 -7.19 0.10 -6.57
CA GLU A 91 -8.57 -0.07 -6.09
C GLU A 91 -8.64 -0.83 -4.76
N LYS A 92 -8.05 -2.04 -4.67
CA LYS A 92 -8.09 -2.80 -3.42
C LYS A 92 -7.18 -2.25 -2.32
N LEU A 93 -6.15 -1.45 -2.66
CA LEU A 93 -5.51 -0.59 -1.67
C LEU A 93 -6.46 0.52 -1.17
N ASN A 94 -7.22 1.21 -2.03
CA ASN A 94 -8.23 2.19 -1.60
C ASN A 94 -9.32 1.56 -0.71
N ASP A 95 -9.69 0.31 -0.97
CA ASP A 95 -10.66 -0.46 -0.17
C ASP A 95 -10.22 -0.67 1.31
N LEU A 96 -8.95 -0.42 1.66
CA LEU A 96 -8.49 -0.24 3.04
C LEU A 96 -9.27 0.87 3.78
N GLY A 97 -9.44 2.02 3.12
CA GLY A 97 -9.83 3.30 3.71
C GLY A 97 -9.00 4.50 3.23
N TYR A 98 -7.82 4.27 2.62
CA TYR A 98 -6.92 5.31 2.11
C TYR A 98 -6.50 4.97 0.66
N PRO A 99 -6.79 5.85 -0.33
CA PRO A 99 -6.42 5.66 -1.74
C PRO A 99 -4.92 5.88 -2.01
N VAL A 100 -4.22 4.83 -2.46
CA VAL A 100 -3.02 4.96 -3.29
C VAL A 100 -3.32 5.82 -4.52
N GLY A 101 -2.50 6.84 -4.75
CA GLY A 101 -2.77 7.94 -5.69
C GLY A 101 -2.49 9.34 -5.14
N THR A 102 -2.11 9.47 -3.85
CA THR A 102 -1.71 10.75 -3.24
C THR A 102 -0.69 10.57 -2.11
N GLU A 103 -0.06 11.67 -1.68
CA GLU A 103 1.05 11.71 -0.71
C GLU A 103 1.09 13.03 0.10
N LEU A 104 -0.08 13.62 0.34
CA LEU A 104 -0.30 14.95 0.95
C LEU A 104 0.58 15.33 2.16
N SER A 105 0.67 14.48 3.20
CA SER A 105 1.40 14.74 4.45
C SER A 105 1.57 13.49 5.35
N PRO A 106 1.84 12.28 4.81
CA PRO A 106 1.73 11.00 5.55
C PRO A 106 2.90 10.70 6.51
N GLU A 107 3.54 11.71 7.07
CA GLU A 107 4.80 11.64 7.83
C GLU A 107 4.80 10.63 9.00
N GLN A 108 3.64 10.28 9.54
CA GLN A 108 3.45 9.19 10.51
C GLN A 108 4.00 7.83 10.01
N ARG A 109 4.16 7.64 8.69
CA ARG A 109 4.79 6.48 8.05
C ARG A 109 6.18 6.12 8.56
N GLU A 110 6.90 7.05 9.20
CA GLU A 110 8.17 6.76 9.88
C GLU A 110 8.04 5.67 10.97
N SER A 111 6.88 5.59 11.62
CA SER A 111 6.53 4.51 12.56
C SER A 111 6.24 3.20 11.82
N LEU A 112 5.48 3.25 10.73
CA LEU A 112 5.16 2.10 9.89
C LEU A 112 6.40 1.40 9.35
N LYS A 113 7.43 2.14 8.88
CA LYS A 113 8.67 1.56 8.36
C LYS A 113 9.27 0.50 9.30
N LYS A 114 9.49 0.86 10.57
CA LYS A 114 10.02 -0.04 11.60
C LYS A 114 9.02 -1.12 12.03
N ARG A 115 7.75 -0.76 12.21
CA ARG A 115 6.66 -1.72 12.50
C ARG A 115 6.56 -2.83 11.44
N LEU A 116 6.80 -2.50 10.17
CA LEU A 116 6.71 -3.44 9.07
C LEU A 116 7.86 -4.45 9.01
N GLU A 117 9.09 -4.01 9.30
CA GLU A 117 10.21 -4.94 9.53
C GLU A 117 9.85 -5.95 10.62
N LYS A 118 9.36 -5.47 11.77
CA LYS A 118 8.95 -6.28 12.94
C LYS A 118 7.78 -7.25 12.69
N LEU A 119 7.12 -7.24 11.52
CA LEU A 119 6.20 -8.31 11.09
C LEU A 119 6.87 -9.69 11.08
N GLU A 120 8.12 -9.76 10.60
CA GLU A 120 8.87 -11.02 10.46
C GLU A 120 10.37 -10.93 10.85
N ASP A 121 11.02 -9.78 10.71
CA ASP A 121 12.41 -9.58 11.16
C ASP A 121 12.51 -9.33 12.69
N LYS A 122 13.74 -9.41 13.22
CA LYS A 122 14.05 -9.35 14.67
C LYS A 122 15.03 -8.20 15.00
N GLY A 123 14.94 -7.11 14.22
CA GLY A 123 15.81 -5.93 14.33
C GLY A 123 15.75 -5.20 15.68
N GLY A 124 16.80 -4.42 15.97
CA GLY A 124 17.05 -3.73 17.25
C GLY A 124 16.37 -2.35 17.34
N ASN A 125 15.03 -2.32 17.29
CA ASN A 125 14.22 -1.10 17.41
C ASN A 125 14.18 -0.46 18.82
N ASP A 126 14.86 -1.06 19.81
CA ASP A 126 14.99 -0.57 21.20
C ASP A 126 15.45 0.89 21.34
N LEU A 13 -25.80 -34.78 -3.29
CA LEU A 13 -24.58 -35.04 -4.11
C LEU A 13 -24.60 -34.27 -5.44
N GLY A 14 -23.43 -34.00 -6.02
CA GLY A 14 -23.27 -33.32 -7.32
C GLY A 14 -21.80 -33.15 -7.75
N VAL A 15 -21.59 -32.70 -8.99
CA VAL A 15 -20.26 -32.56 -9.62
C VAL A 15 -20.07 -31.24 -10.39
N PHE A 16 -20.98 -30.27 -10.20
CA PHE A 16 -21.02 -28.99 -10.92
C PHE A 16 -21.59 -27.84 -10.05
N GLY A 17 -21.40 -26.60 -10.51
CA GLY A 17 -21.96 -25.39 -9.89
C GLY A 17 -21.38 -24.09 -10.47
N GLU A 18 -22.01 -22.96 -10.17
CA GLU A 18 -21.60 -21.60 -10.58
C GLU A 18 -22.11 -20.52 -9.61
N ARG A 19 -21.50 -19.32 -9.66
CA ARG A 19 -21.87 -18.13 -8.88
C ARG A 19 -21.76 -16.84 -9.73
N PRO A 20 -22.60 -15.82 -9.48
CA PRO A 20 -22.51 -14.53 -10.19
C PRO A 20 -21.30 -13.69 -9.76
N ILE A 21 -20.95 -12.69 -10.57
CA ILE A 21 -19.88 -11.71 -10.33
C ILE A 21 -20.38 -10.31 -10.75
N ALA A 22 -20.16 -9.30 -9.91
CA ALA A 22 -20.56 -7.90 -10.16
C ALA A 22 -19.84 -7.31 -11.39
N ASN A 23 -20.59 -7.00 -12.45
CA ASN A 23 -20.08 -6.34 -13.66
C ASN A 23 -19.76 -4.83 -13.47
N THR A 24 -20.33 -4.21 -12.43
CA THR A 24 -20.18 -2.78 -12.07
C THR A 24 -20.14 -2.64 -10.55
N GLU A 25 -19.32 -1.72 -10.03
CA GLU A 25 -19.11 -1.48 -8.59
C GLU A 25 -19.07 0.03 -8.27
N TYR A 26 -19.15 0.38 -6.97
CA TYR A 26 -19.30 1.75 -6.46
C TYR A 26 -18.60 1.96 -5.11
N SER A 27 -18.62 3.19 -4.60
CA SER A 27 -18.00 3.63 -3.34
C SER A 27 -18.88 4.66 -2.59
N GLY A 28 -18.46 5.09 -1.39
CA GLY A 28 -19.18 6.08 -0.58
C GLY A 28 -18.39 6.68 0.59
N ASP A 29 -17.56 5.87 1.26
CA ASP A 29 -16.58 6.36 2.26
C ASP A 29 -15.52 7.25 1.59
N TYR A 30 -15.53 8.56 1.87
CA TYR A 30 -14.71 9.55 1.17
C TYR A 30 -13.19 9.32 1.34
N ALA A 31 -12.74 9.10 2.58
CA ALA A 31 -11.39 8.69 2.95
C ALA A 31 -11.43 8.17 4.40
N GLN A 32 -10.53 7.25 4.75
CA GLN A 32 -10.36 6.78 6.13
C GLN A 32 -8.89 6.37 6.38
N ARG A 33 -8.40 6.51 7.62
CA ARG A 33 -6.99 6.19 7.98
C ARG A 33 -6.81 5.30 9.22
N ASP A 34 -7.86 5.10 10.02
CA ASP A 34 -7.87 4.21 11.19
C ASP A 34 -7.55 2.74 10.83
N ASP A 35 -7.92 2.33 9.61
CA ASP A 35 -7.67 1.01 9.03
C ASP A 35 -6.19 0.71 8.74
N ALA A 36 -5.27 1.68 8.90
CA ALA A 36 -3.82 1.44 8.82
C ALA A 36 -3.28 0.48 9.91
N LYS A 37 -4.13 -0.01 10.82
CA LYS A 37 -3.88 -1.20 11.68
C LYS A 37 -3.70 -2.50 10.87
N ASP A 38 -4.34 -2.63 9.71
CA ASP A 38 -4.38 -3.84 8.86
C ASP A 38 -3.14 -4.05 7.96
N LEU A 39 -2.15 -3.15 8.04
CA LEU A 39 -1.09 -3.08 7.04
C LEU A 39 -0.07 -4.23 7.05
N SER A 40 0.01 -5.01 8.12
CA SER A 40 0.78 -6.25 8.14
C SER A 40 0.16 -7.42 7.36
N ALA A 41 -1.01 -7.23 6.74
CA ALA A 41 -1.60 -8.19 5.86
C ALA A 41 -0.77 -8.33 4.58
N LYS A 42 -0.87 -9.50 3.95
CA LYS A 42 -0.37 -9.76 2.60
C LYS A 42 -1.20 -8.99 1.57
N ILE A 43 -0.56 -8.51 0.51
CA ILE A 43 -1.25 -7.86 -0.62
C ILE A 43 -2.19 -8.81 -1.35
N GLU A 44 -1.87 -10.11 -1.31
CA GLU A 44 -2.70 -11.18 -1.86
C GLU A 44 -4.07 -11.30 -1.15
N SER A 45 -4.28 -10.64 0.00
CA SER A 45 -5.51 -10.81 0.81
C SER A 45 -6.73 -10.09 0.20
N MET A 46 -6.50 -9.29 -0.85
CA MET A 46 -7.51 -8.52 -1.58
C MET A 46 -8.13 -9.29 -2.77
N ASN A 47 -7.78 -10.57 -2.95
CA ASN A 47 -8.20 -11.47 -4.05
C ASN A 47 -7.92 -10.91 -5.47
N LEU A 48 -6.73 -10.31 -5.66
CA LEU A 48 -6.27 -9.75 -6.93
C LEU A 48 -5.84 -10.84 -7.94
N SER A 49 -5.66 -10.44 -9.20
CA SER A 49 -4.97 -11.26 -10.21
C SER A 49 -3.49 -11.40 -9.86
N ALA A 50 -2.91 -12.60 -10.01
CA ALA A 50 -1.53 -12.87 -9.62
C ALA A 50 -0.49 -11.99 -10.33
N ARG A 51 -0.77 -11.48 -11.55
CA ARG A 51 0.15 -10.60 -12.31
C ARG A 51 0.60 -9.36 -11.53
N CYS A 52 -0.30 -8.75 -10.75
CA CYS A 52 0.02 -7.64 -9.85
C CYS A 52 0.94 -8.08 -8.70
N PHE A 53 0.67 -9.24 -8.09
CA PHE A 53 1.46 -9.76 -6.98
C PHE A 53 2.86 -10.22 -7.44
N ASN A 54 2.96 -10.72 -8.67
CA ASN A 54 4.19 -11.15 -9.33
C ASN A 54 5.11 -9.97 -9.70
N CYS A 55 4.56 -8.75 -9.74
CA CYS A 55 5.34 -7.52 -9.70
C CYS A 55 5.83 -7.24 -8.27
N LEU A 56 4.88 -7.07 -7.34
CA LEU A 56 5.07 -6.64 -5.95
C LEU A 56 6.11 -7.50 -5.19
N ASP A 57 6.07 -8.82 -5.37
CA ASP A 57 7.06 -9.77 -4.83
C ASP A 57 8.53 -9.52 -5.24
N LYS A 58 8.83 -9.01 -6.46
CA LYS A 58 10.21 -8.93 -7.02
C LYS A 58 10.98 -7.71 -6.51
N ILE A 59 10.27 -6.60 -6.39
CA ILE A 59 10.69 -5.35 -5.72
C ILE A 59 10.69 -5.46 -4.19
N GLY A 60 10.04 -6.52 -3.69
CA GLY A 60 10.10 -6.95 -2.29
C GLY A 60 8.92 -6.46 -1.45
N ILE A 61 7.95 -5.82 -2.08
CA ILE A 61 6.70 -5.33 -1.50
C ILE A 61 5.76 -6.51 -1.26
N LYS A 62 5.91 -7.19 -0.11
CA LYS A 62 5.17 -8.39 0.29
C LYS A 62 3.85 -8.11 1.03
N TYR A 63 3.65 -6.88 1.51
CA TYR A 63 2.53 -6.55 2.42
C TYR A 63 1.79 -5.28 2.05
N VAL A 64 0.58 -5.14 2.56
CA VAL A 64 -0.24 -3.93 2.37
C VAL A 64 0.50 -2.70 2.87
N GLY A 65 1.24 -2.81 3.98
CA GLY A 65 2.15 -1.81 4.53
C GLY A 65 3.21 -1.36 3.53
N GLU A 66 3.86 -2.32 2.88
CA GLU A 66 4.83 -2.07 1.80
C GLU A 66 4.19 -1.37 0.58
N LEU A 67 2.99 -1.79 0.13
CA LEU A 67 2.28 -1.08 -0.96
C LEU A 67 1.91 0.34 -0.46
N VAL A 68 1.38 0.50 0.75
CA VAL A 68 1.05 1.79 1.37
C VAL A 68 2.28 2.73 1.42
N LEU A 69 3.48 2.19 1.70
CA LEU A 69 4.78 2.89 1.64
C LEU A 69 5.31 3.13 0.22
N MET A 70 4.85 2.37 -0.79
CA MET A 70 4.97 2.68 -2.20
C MET A 70 4.15 3.93 -2.59
N SER A 71 4.73 5.09 -2.30
CA SER A 71 4.31 6.39 -2.87
C SER A 71 4.11 6.29 -4.40
N GLU A 72 3.18 7.09 -4.96
CA GLU A 72 2.71 6.94 -6.35
C GLU A 72 3.87 6.93 -7.38
N GLU A 73 4.93 7.71 -7.15
CA GLU A 73 6.12 7.78 -8.01
C GLU A 73 6.95 6.49 -7.99
N GLU A 74 7.05 5.79 -6.85
CA GLU A 74 7.59 4.42 -6.79
C GLU A 74 6.67 3.45 -7.51
N LEU A 75 5.36 3.55 -7.23
CA LEU A 75 4.33 2.67 -7.75
C LEU A 75 4.27 2.61 -9.28
N LYS A 76 4.25 3.77 -9.94
CA LYS A 76 4.41 3.94 -11.40
C LYS A 76 5.81 3.53 -11.93
N GLY A 77 6.73 3.16 -11.04
CA GLY A 77 8.16 2.98 -11.30
C GLY A 77 8.68 1.53 -11.21
N VAL A 78 7.86 0.51 -10.87
CA VAL A 78 8.23 -0.90 -11.14
C VAL A 78 8.51 -1.14 -12.65
N LYS A 79 9.13 -2.28 -12.98
CA LYS A 79 9.57 -2.59 -14.36
C LYS A 79 8.57 -3.35 -15.24
N ASN A 80 7.64 -4.10 -14.64
CA ASN A 80 6.65 -4.94 -15.34
C ASN A 80 5.24 -4.74 -14.77
N MET A 81 4.88 -3.49 -14.49
CA MET A 81 3.65 -3.14 -13.73
C MET A 81 2.38 -3.79 -14.27
N GLY A 82 2.11 -3.59 -15.57
CA GLY A 82 0.83 -3.92 -16.24
C GLY A 82 -0.33 -2.98 -15.87
N LYS A 83 -1.11 -2.52 -16.86
CA LYS A 83 -2.16 -1.50 -16.68
C LYS A 83 -3.30 -1.92 -15.74
N LYS A 84 -3.92 -3.08 -15.97
CA LYS A 84 -4.99 -3.63 -15.11
C LYS A 84 -4.45 -4.02 -13.73
N SER A 85 -3.23 -4.55 -13.69
CA SER A 85 -2.52 -4.93 -12.45
C SER A 85 -2.30 -3.76 -11.50
N TYR A 86 -1.86 -2.58 -11.99
CA TYR A 86 -1.79 -1.36 -11.18
C TYR A 86 -3.18 -0.85 -10.74
N ASP A 87 -4.17 -0.92 -11.64
CA ASP A 87 -5.53 -0.46 -11.34
C ASP A 87 -6.15 -1.26 -10.19
N GLU A 88 -6.09 -2.60 -10.21
CA GLU A 88 -6.58 -3.43 -9.11
C GLU A 88 -5.73 -3.35 -7.84
N ILE A 89 -4.40 -3.12 -7.97
CA ILE A 89 -3.51 -2.70 -6.87
C ILE A 89 -4.09 -1.48 -6.17
N ALA A 90 -4.31 -0.40 -6.92
CA ALA A 90 -4.73 0.88 -6.36
C ALA A 90 -6.18 0.88 -5.89
N GLU A 91 -7.10 0.22 -6.60
CA GLU A 91 -8.53 0.15 -6.26
C GLU A 91 -8.86 -0.74 -5.05
N LYS A 92 -7.96 -1.64 -4.65
CA LYS A 92 -8.10 -2.47 -3.45
C LYS A 92 -7.15 -2.09 -2.31
N LEU A 93 -6.07 -1.36 -2.59
CA LEU A 93 -5.42 -0.54 -1.55
C LEU A 93 -6.38 0.57 -1.07
N ASN A 94 -7.14 1.16 -2.00
CA ASN A 94 -8.28 2.07 -1.76
C ASN A 94 -9.31 1.53 -0.75
N ASP A 95 -9.62 0.22 -0.81
CA ASP A 95 -10.68 -0.41 -0.01
C ASP A 95 -10.45 -0.32 1.51
N LEU A 96 -9.18 -0.21 1.95
CA LEU A 96 -8.84 0.10 3.34
C LEU A 96 -9.35 1.50 3.77
N GLY A 97 -9.33 2.47 2.87
CA GLY A 97 -9.75 3.86 3.11
C GLY A 97 -8.86 4.92 2.44
N TYR A 98 -7.66 4.57 1.97
CA TYR A 98 -6.65 5.49 1.45
C TYR A 98 -6.28 5.11 0.01
N PRO A 99 -6.54 5.98 -1.00
CA PRO A 99 -6.13 5.79 -2.39
C PRO A 99 -4.60 5.89 -2.52
N VAL A 100 -3.93 4.78 -2.91
CA VAL A 100 -2.47 4.69 -2.83
C VAL A 100 -1.69 5.87 -3.41
N GLY A 101 -0.71 6.34 -2.63
CA GLY A 101 0.40 7.14 -3.13
C GLY A 101 0.29 8.65 -2.91
N THR A 102 -0.88 9.14 -2.49
CA THR A 102 -1.07 10.56 -2.12
C THR A 102 -0.31 10.96 -0.84
N GLU A 103 -0.05 12.26 -0.65
CA GLU A 103 0.89 12.80 0.35
C GLU A 103 0.35 14.06 1.07
N LEU A 104 -0.97 14.15 1.27
CA LEU A 104 -1.63 15.27 1.97
C LEU A 104 -1.15 15.51 3.43
N SER A 105 -0.77 14.45 4.16
CA SER A 105 -0.23 14.48 5.53
C SER A 105 0.28 13.07 5.94
N PRO A 106 1.34 12.56 5.29
CA PRO A 106 1.71 11.14 5.35
C PRO A 106 2.62 10.76 6.53
N GLU A 107 2.88 11.67 7.48
CA GLU A 107 3.95 11.57 8.49
C GLU A 107 3.97 10.24 9.29
N GLN A 108 2.80 9.61 9.47
CA GLN A 108 2.66 8.27 10.07
C GLN A 108 3.45 7.16 9.35
N ARG A 109 3.81 7.32 8.06
CA ARG A 109 4.58 6.30 7.32
C ARG A 109 5.99 6.07 7.87
N GLU A 110 6.58 7.05 8.55
CA GLU A 110 7.85 6.90 9.26
C GLU A 110 7.74 5.95 10.47
N SER A 111 6.59 5.90 11.14
CA SER A 111 6.27 4.92 12.17
C SER A 111 5.96 3.54 11.55
N LEU A 112 5.22 3.52 10.42
CA LEU A 112 4.87 2.29 9.71
C LEU A 112 6.09 1.48 9.29
N LYS A 113 7.09 2.07 8.62
CA LYS A 113 8.27 1.33 8.15
C LYS A 113 9.05 0.64 9.29
N LYS A 114 9.10 1.28 10.46
CA LYS A 114 9.70 0.72 11.69
C LYS A 114 8.89 -0.44 12.30
N ARG A 115 7.55 -0.40 12.21
CA ARG A 115 6.68 -1.55 12.53
C ARG A 115 6.84 -2.67 11.48
N LEU A 116 6.92 -2.30 10.20
CA LEU A 116 7.02 -3.21 9.06
C LEU A 116 8.25 -4.12 9.11
N GLU A 117 9.41 -3.56 9.45
CA GLU A 117 10.66 -4.34 9.61
C GLU A 117 10.66 -5.33 10.80
N LYS A 118 9.61 -5.29 11.64
CA LYS A 118 9.40 -6.17 12.80
C LYS A 118 8.21 -7.13 12.64
N LEU A 119 7.43 -7.04 11.55
CA LEU A 119 6.47 -8.07 11.15
C LEU A 119 7.19 -9.42 10.89
N GLU A 120 8.31 -9.34 10.18
CA GLU A 120 9.25 -10.44 9.92
C GLU A 120 10.70 -9.92 9.89
N ASP A 121 11.59 -10.54 10.67
CA ASP A 121 13.04 -10.25 10.68
C ASP A 121 13.78 -10.70 9.39
N LYS A 122 13.07 -11.36 8.47
CA LYS A 122 13.60 -12.04 7.27
C LYS A 122 12.74 -11.73 6.02
N GLY A 123 13.37 -11.78 4.84
CA GLY A 123 12.81 -11.23 3.60
C GLY A 123 13.64 -11.54 2.35
N GLY A 124 13.57 -10.65 1.34
CA GLY A 124 14.19 -10.82 0.02
C GLY A 124 14.79 -9.52 -0.57
N ASN A 125 15.14 -9.58 -1.86
CA ASN A 125 15.78 -8.50 -2.63
C ASN A 125 14.90 -7.23 -2.80
N ASP A 126 15.52 -6.15 -3.33
CA ASP A 126 14.91 -4.83 -3.58
C ASP A 126 15.23 -4.30 -4.99
N LEU A 13 15.79 -11.81 -7.43
CA LEU A 13 14.74 -11.17 -6.56
C LEU A 13 15.40 -10.15 -5.60
N GLY A 14 14.59 -9.24 -5.03
CA GLY A 14 15.04 -8.23 -4.07
C GLY A 14 13.89 -7.66 -3.21
N VAL A 15 14.23 -6.75 -2.28
CA VAL A 15 13.30 -6.15 -1.30
C VAL A 15 13.58 -4.66 -1.08
N PHE A 16 12.79 -3.81 -1.72
CA PHE A 16 12.82 -2.34 -1.57
C PHE A 16 11.42 -1.75 -1.75
N GLY A 17 11.08 -0.69 -0.98
CA GLY A 17 9.73 -0.08 -1.03
C GLY A 17 9.40 0.92 0.08
N GLU A 18 10.37 1.71 0.55
CA GLU A 18 10.21 2.62 1.71
C GLU A 18 10.77 4.04 1.51
N ARG A 19 11.08 4.42 0.26
CA ARG A 19 11.69 5.69 -0.14
C ARG A 19 10.92 6.92 0.40
N PRO A 20 11.60 7.97 0.92
CA PRO A 20 10.98 9.19 1.43
C PRO A 20 10.50 10.14 0.32
N ILE A 21 9.56 9.69 -0.52
CA ILE A 21 8.87 10.52 -1.53
C ILE A 21 8.14 11.69 -0.84
N ALA A 22 7.45 11.42 0.27
CA ALA A 22 6.78 12.43 1.09
C ALA A 22 7.78 13.48 1.63
N ASN A 23 7.58 14.74 1.25
CA ASN A 23 8.41 15.88 1.67
C ASN A 23 7.62 17.21 1.73
N THR A 24 6.62 17.39 0.86
CA THR A 24 5.56 18.42 0.95
C THR A 24 4.36 17.92 1.78
N GLU A 25 3.48 18.85 2.17
CA GLU A 25 2.21 18.56 2.86
C GLU A 25 1.16 19.66 2.57
N TYR A 26 -0.11 19.28 2.46
CA TYR A 26 -1.23 20.16 2.13
C TYR A 26 -2.59 19.49 2.42
N SER A 27 -3.62 20.29 2.71
CA SER A 27 -5.02 19.84 2.93
C SER A 27 -5.15 18.58 3.83
N GLY A 28 -4.43 18.58 4.96
CA GLY A 28 -4.31 17.43 5.87
C GLY A 28 -3.91 17.81 7.30
N ASP A 29 -3.73 16.81 8.16
CA ASP A 29 -3.48 16.93 9.60
C ASP A 29 -2.39 15.95 10.08
N TYR A 30 -1.91 16.13 11.32
CA TYR A 30 -0.81 15.36 11.93
C TYR A 30 -0.96 13.82 11.88
N ALA A 31 -2.20 13.33 11.87
CA ALA A 31 -2.56 11.92 11.72
C ALA A 31 -3.95 11.84 11.05
N GLN A 32 -4.39 10.63 10.71
CA GLN A 32 -5.66 10.42 9.99
C GLN A 32 -6.53 9.40 10.75
N ARG A 33 -6.10 8.14 10.79
CA ARG A 33 -6.60 7.03 11.64
C ARG A 33 -5.43 6.10 12.01
N ASP A 34 -5.66 5.19 12.95
CA ASP A 34 -4.72 4.14 13.37
C ASP A 34 -4.68 2.92 12.42
N ASP A 35 -5.24 3.02 11.22
CA ASP A 35 -5.42 1.91 10.25
C ASP A 35 -4.13 1.17 9.84
N ALA A 36 -2.93 1.75 10.06
CA ALA A 36 -1.65 1.03 9.95
C ALA A 36 -1.52 -0.19 10.89
N LYS A 37 -2.39 -0.33 11.90
CA LYS A 37 -2.63 -1.57 12.67
C LYS A 37 -3.06 -2.79 11.79
N ASP A 38 -3.56 -2.53 10.58
CA ASP A 38 -4.01 -3.54 9.59
C ASP A 38 -3.16 -3.53 8.31
N LEU A 39 -2.01 -2.85 8.32
CA LEU A 39 -1.07 -2.80 7.20
C LEU A 39 0.01 -3.89 7.26
N SER A 40 0.12 -4.63 8.36
CA SER A 40 0.86 -5.88 8.42
C SER A 40 0.27 -7.04 7.61
N ALA A 41 -0.86 -6.83 6.92
CA ALA A 41 -1.48 -7.84 6.11
C ALA A 41 -0.65 -8.14 4.87
N LYS A 42 -0.75 -9.38 4.42
CA LYS A 42 -0.31 -9.83 3.09
C LYS A 42 -1.18 -9.15 2.01
N ILE A 43 -0.58 -8.74 0.90
CA ILE A 43 -1.30 -8.16 -0.26
C ILE A 43 -2.29 -9.15 -0.88
N GLU A 44 -1.99 -10.45 -0.73
CA GLU A 44 -2.90 -11.57 -1.00
C GLU A 44 -4.28 -11.45 -0.29
N SER A 45 -4.45 -10.55 0.68
CA SER A 45 -5.73 -10.40 1.42
C SER A 45 -6.82 -9.73 0.57
N MET A 46 -6.44 -9.21 -0.61
CA MET A 46 -7.22 -8.26 -1.40
C MET A 46 -7.70 -8.85 -2.75
N ASN A 47 -7.65 -10.19 -2.88
CA ASN A 47 -8.10 -10.99 -4.03
C ASN A 47 -7.54 -10.52 -5.41
N LEU A 48 -6.29 -10.04 -5.42
CA LEU A 48 -5.58 -9.60 -6.63
C LEU A 48 -5.28 -10.76 -7.60
N SER A 49 -5.10 -10.43 -8.88
CA SER A 49 -4.53 -11.31 -9.91
C SER A 49 -3.06 -11.60 -9.64
N ALA A 50 -2.56 -12.76 -10.07
CA ALA A 50 -1.16 -13.13 -9.87
C ALA A 50 -0.17 -12.17 -10.52
N ARG A 51 -0.44 -11.64 -11.72
CA ARG A 51 0.48 -10.72 -12.42
C ARG A 51 0.67 -9.38 -11.67
N CYS A 52 -0.40 -8.91 -11.02
CA CYS A 52 -0.37 -7.85 -10.01
C CYS A 52 0.48 -8.23 -8.79
N PHE A 53 0.23 -9.39 -8.18
CA PHE A 53 1.02 -9.82 -7.02
C PHE A 53 2.51 -10.08 -7.35
N ASN A 54 2.81 -10.50 -8.58
CA ASN A 54 4.15 -10.88 -9.02
C ASN A 54 5.00 -9.64 -9.39
N CYS A 55 4.37 -8.52 -9.77
CA CYS A 55 5.07 -7.23 -9.73
C CYS A 55 5.51 -6.88 -8.30
N LEU A 56 4.55 -6.89 -7.38
CA LEU A 56 4.72 -6.53 -5.97
C LEU A 56 5.81 -7.43 -5.30
N ASP A 57 5.80 -8.73 -5.57
CA ASP A 57 6.85 -9.68 -5.19
C ASP A 57 8.25 -9.45 -5.83
N LYS A 58 8.35 -8.95 -7.08
CA LYS A 58 9.61 -8.79 -7.82
C LYS A 58 10.47 -7.66 -7.24
N ILE A 59 9.83 -6.53 -6.93
CA ILE A 59 10.37 -5.40 -6.16
C ILE A 59 10.44 -5.69 -4.65
N GLY A 60 9.60 -6.62 -4.19
CA GLY A 60 9.55 -7.06 -2.80
C GLY A 60 8.69 -6.18 -1.89
N ILE A 61 7.68 -5.52 -2.45
CA ILE A 61 6.46 -5.11 -1.72
C ILE A 61 5.67 -6.40 -1.44
N LYS A 62 5.76 -6.94 -0.21
CA LYS A 62 5.18 -8.24 0.19
C LYS A 62 3.98 -8.10 1.12
N TYR A 63 3.76 -6.90 1.66
CA TYR A 63 2.65 -6.56 2.55
C TYR A 63 1.96 -5.26 2.15
N VAL A 64 0.72 -5.06 2.62
CA VAL A 64 -0.06 -3.83 2.40
C VAL A 64 0.68 -2.61 2.95
N GLY A 65 1.39 -2.76 4.08
CA GLY A 65 2.35 -1.82 4.68
C GLY A 65 3.39 -1.33 3.68
N GLU A 66 3.93 -2.27 2.93
CA GLU A 66 4.92 -2.04 1.89
C GLU A 66 4.30 -1.41 0.62
N LEU A 67 3.06 -1.73 0.23
CA LEU A 67 2.35 -1.00 -0.84
C LEU A 67 2.04 0.44 -0.36
N VAL A 68 1.48 0.68 0.84
CA VAL A 68 1.22 2.06 1.35
C VAL A 68 2.52 2.89 1.42
N LEU A 69 3.66 2.28 1.72
CA LEU A 69 4.99 2.90 1.67
C LEU A 69 5.50 3.13 0.24
N MET A 70 5.07 2.31 -0.73
CA MET A 70 5.09 2.60 -2.16
C MET A 70 4.16 3.77 -2.56
N SER A 71 4.58 4.99 -2.23
CA SER A 71 3.96 6.21 -2.78
C SER A 71 3.95 6.19 -4.32
N GLU A 72 3.03 6.94 -4.93
CA GLU A 72 2.71 6.86 -6.37
C GLU A 72 3.95 6.88 -7.30
N GLU A 73 4.96 7.71 -6.96
CA GLU A 73 6.20 7.85 -7.74
C GLU A 73 7.03 6.56 -7.83
N GLU A 74 7.04 5.74 -6.78
CA GLU A 74 7.57 4.38 -6.81
C GLU A 74 6.62 3.45 -7.55
N LEU A 75 5.34 3.50 -7.21
CA LEU A 75 4.30 2.60 -7.70
C LEU A 75 4.12 2.59 -9.23
N LYS A 76 4.08 3.77 -9.85
CA LYS A 76 4.17 4.00 -11.31
C LYS A 76 5.52 3.61 -11.94
N GLY A 77 6.50 3.21 -11.12
CA GLY A 77 7.93 3.10 -11.47
C GLY A 77 8.56 1.72 -11.27
N VAL A 78 7.81 0.65 -10.94
CA VAL A 78 8.27 -0.74 -11.15
C VAL A 78 8.66 -1.02 -12.63
N LYS A 79 9.21 -2.21 -12.90
CA LYS A 79 9.66 -2.62 -14.24
C LYS A 79 8.73 -3.57 -15.02
N ASN A 80 7.81 -4.24 -14.32
CA ASN A 80 6.96 -5.30 -14.90
C ASN A 80 5.47 -5.13 -14.51
N MET A 81 4.98 -3.89 -14.33
CA MET A 81 3.62 -3.66 -13.81
C MET A 81 2.52 -4.31 -14.68
N GLY A 82 2.50 -3.98 -15.97
CA GLY A 82 1.31 -4.11 -16.83
C GLY A 82 0.17 -3.14 -16.44
N LYS A 83 -0.62 -2.67 -17.42
CA LYS A 83 -1.61 -1.59 -17.22
C LYS A 83 -2.77 -1.94 -16.29
N LYS A 84 -3.30 -3.17 -16.36
CA LYS A 84 -4.42 -3.64 -15.54
C LYS A 84 -4.03 -3.81 -14.07
N SER A 85 -2.81 -4.28 -13.81
CA SER A 85 -2.29 -4.55 -12.47
C SER A 85 -2.29 -3.31 -11.57
N TYR A 86 -1.90 -2.14 -12.08
CA TYR A 86 -1.90 -0.91 -11.28
C TYR A 86 -3.32 -0.48 -10.87
N ASP A 87 -4.30 -0.63 -11.77
CA ASP A 87 -5.68 -0.29 -11.50
C ASP A 87 -6.27 -1.12 -10.35
N GLU A 88 -6.06 -2.44 -10.33
CA GLU A 88 -6.45 -3.29 -9.21
C GLU A 88 -5.59 -3.08 -7.95
N ILE A 89 -4.29 -2.76 -8.08
CA ILE A 89 -3.44 -2.27 -6.97
C ILE A 89 -4.15 -1.10 -6.27
N ALA A 90 -4.48 -0.07 -7.02
CA ALA A 90 -5.00 1.16 -6.46
C ALA A 90 -6.47 1.04 -6.03
N GLU A 91 -7.29 0.24 -6.70
CA GLU A 91 -8.69 0.02 -6.34
C GLU A 91 -8.88 -0.89 -5.11
N LYS A 92 -8.01 -1.89 -4.93
CA LYS A 92 -8.07 -2.78 -3.76
C LYS A 92 -7.23 -2.26 -2.60
N LEU A 93 -6.18 -1.45 -2.84
CA LEU A 93 -5.65 -0.59 -1.79
C LEU A 93 -6.67 0.48 -1.36
N ASN A 94 -7.50 1.01 -2.28
CA ASN A 94 -8.59 1.94 -1.95
C ASN A 94 -9.58 1.39 -0.90
N ASP A 95 -9.95 0.10 -0.97
CA ASP A 95 -10.90 -0.54 -0.03
C ASP A 95 -10.44 -0.49 1.44
N LEU A 96 -9.13 -0.37 1.69
CA LEU A 96 -8.54 -0.03 3.00
C LEU A 96 -9.17 1.22 3.66
N GLY A 97 -9.45 2.26 2.86
CA GLY A 97 -9.84 3.60 3.31
C GLY A 97 -8.93 4.74 2.82
N TYR A 98 -7.85 4.44 2.07
CA TYR A 98 -6.89 5.41 1.52
C TYR A 98 -6.56 5.05 0.05
N PRO A 99 -6.76 5.98 -0.91
CA PRO A 99 -6.41 5.80 -2.33
C PRO A 99 -4.88 5.86 -2.54
N VAL A 100 -4.24 4.78 -2.99
CA VAL A 100 -2.77 4.72 -3.02
C VAL A 100 -2.10 5.88 -3.75
N GLY A 101 -1.14 6.51 -3.07
CA GLY A 101 -0.20 7.46 -3.67
C GLY A 101 -0.48 8.94 -3.37
N THR A 102 -1.60 9.27 -2.70
CA THR A 102 -1.88 10.66 -2.27
C THR A 102 -0.91 11.12 -1.15
N GLU A 103 -0.73 12.44 -0.98
CA GLU A 103 0.45 13.03 -0.32
C GLU A 103 0.12 14.10 0.75
N LEU A 104 -1.12 14.13 1.23
CA LEU A 104 -1.64 15.18 2.11
C LEU A 104 -0.81 15.44 3.39
N SER A 105 -0.44 14.40 4.14
CA SER A 105 0.33 14.47 5.40
C SER A 105 0.74 13.08 5.94
N PRO A 106 1.37 12.20 5.13
CA PRO A 106 1.56 10.78 5.44
C PRO A 106 2.69 10.48 6.45
N GLU A 107 2.84 11.33 7.48
CA GLU A 107 3.88 11.25 8.52
C GLU A 107 3.92 9.90 9.28
N GLN A 108 2.82 9.14 9.27
CA GLN A 108 2.77 7.76 9.78
C GLN A 108 3.76 6.80 9.10
N ARG A 109 4.33 7.16 7.93
CA ARG A 109 5.51 6.50 7.31
C ARG A 109 6.64 6.23 8.31
N GLU A 110 6.91 7.17 9.22
CA GLU A 110 7.97 7.07 10.23
C GLU A 110 7.73 5.94 11.24
N SER A 111 6.47 5.64 11.56
CA SER A 111 6.08 4.52 12.43
C SER A 111 6.00 3.21 11.66
N LEU A 112 5.30 3.21 10.51
CA LEU A 112 5.07 2.03 9.68
C LEU A 112 6.37 1.35 9.22
N LYS A 113 7.37 2.12 8.76
CA LYS A 113 8.62 1.54 8.25
C LYS A 113 9.35 0.67 9.28
N LYS A 114 9.36 1.12 10.55
CA LYS A 114 9.95 0.39 11.69
C LYS A 114 9.07 -0.76 12.17
N ARG A 115 7.75 -0.60 12.17
CA ARG A 115 6.78 -1.68 12.43
C ARG A 115 6.92 -2.80 11.40
N LEU A 116 7.13 -2.49 10.12
CA LEU A 116 7.27 -3.47 9.05
C LEU A 116 8.46 -4.42 9.24
N GLU A 117 9.60 -3.86 9.66
CA GLU A 117 10.81 -4.61 10.07
C GLU A 117 10.59 -5.55 11.27
N LYS A 118 9.51 -5.38 12.05
CA LYS A 118 9.17 -6.16 13.24
C LYS A 118 8.01 -7.15 13.06
N LEU A 119 7.30 -7.11 11.91
CA LEU A 119 6.28 -8.12 11.58
C LEU A 119 6.86 -9.55 11.48
N GLU A 120 8.03 -9.64 10.84
CA GLU A 120 8.78 -10.89 10.60
C GLU A 120 10.29 -10.59 10.67
N ASP A 121 10.76 -10.17 11.84
CA ASP A 121 12.15 -9.75 12.08
C ASP A 121 13.20 -10.84 11.71
N LYS A 122 14.30 -10.40 11.09
CA LYS A 122 15.37 -11.26 10.54
C LYS A 122 16.70 -10.50 10.42
N GLY A 123 17.82 -11.22 10.40
CA GLY A 123 19.18 -10.67 10.25
C GLY A 123 19.62 -10.34 8.81
N GLY A 124 18.67 -10.17 7.88
CA GLY A 124 18.94 -9.90 6.45
C GLY A 124 19.23 -8.44 6.10
N ASN A 125 19.06 -7.50 7.05
CA ASN A 125 19.17 -6.05 6.82
C ASN A 125 20.03 -5.31 7.89
N ASP A 126 20.58 -6.03 8.89
CA ASP A 126 21.40 -5.50 10.00
C ASP A 126 22.48 -6.50 10.45
N LEU A 13 -15.23 0.49 -51.27
CA LEU A 13 -15.73 -0.75 -50.62
C LEU A 13 -14.98 -0.97 -49.28
N GLY A 14 -15.71 -0.91 -48.16
CA GLY A 14 -15.17 -1.09 -46.80
C GLY A 14 -14.89 0.23 -46.07
N VAL A 15 -14.64 0.13 -44.75
CA VAL A 15 -14.36 1.26 -43.85
C VAL A 15 -13.58 0.79 -42.61
N PHE A 16 -12.91 1.72 -41.90
CA PHE A 16 -12.16 1.46 -40.67
C PHE A 16 -12.23 2.63 -39.67
N GLY A 17 -11.83 2.40 -38.42
CA GLY A 17 -11.74 3.43 -37.37
C GLY A 17 -11.41 2.86 -35.98
N GLU A 18 -11.02 3.76 -35.07
CA GLU A 18 -10.66 3.46 -33.67
C GLU A 18 -11.08 4.62 -32.73
N ARG A 19 -11.14 4.37 -31.42
CA ARG A 19 -11.44 5.37 -30.37
C ARG A 19 -10.56 5.16 -29.13
N PRO A 20 -10.07 6.23 -28.46
CA PRO A 20 -9.27 6.13 -27.24
C PRO A 20 -10.14 5.77 -26.03
N ILE A 21 -9.81 4.67 -25.33
CA ILE A 21 -10.47 4.22 -24.12
C ILE A 21 -10.16 5.13 -22.92
N ALA A 22 -11.18 5.42 -22.09
CA ALA A 22 -11.06 6.18 -20.85
C ALA A 22 -10.72 5.26 -19.66
N ASN A 23 -9.46 4.81 -19.57
CA ASN A 23 -9.00 3.81 -18.59
C ASN A 23 -9.23 4.18 -17.11
N THR A 24 -9.28 5.46 -16.75
CA THR A 24 -9.44 5.96 -15.38
C THR A 24 -10.24 7.28 -15.37
N GLU A 25 -11.17 7.45 -14.43
CA GLU A 25 -12.02 8.65 -14.33
C GLU A 25 -12.33 9.10 -12.89
N TYR A 26 -12.05 8.28 -11.86
CA TYR A 26 -12.28 8.62 -10.44
C TYR A 26 -11.28 7.93 -9.49
N SER A 27 -10.98 8.60 -8.38
CA SER A 27 -10.26 8.08 -7.20
C SER A 27 -10.55 8.98 -5.99
N GLY A 28 -10.54 8.43 -4.76
CA GLY A 28 -10.73 9.24 -3.54
C GLY A 28 -10.81 8.46 -2.23
N ASP A 29 -10.62 9.17 -1.11
CA ASP A 29 -10.81 8.65 0.25
C ASP A 29 -12.30 8.49 0.57
N TYR A 30 -12.84 7.27 0.48
CA TYR A 30 -14.22 6.97 0.87
C TYR A 30 -14.47 7.26 2.36
N ALA A 31 -13.52 6.87 3.21
CA ALA A 31 -13.41 7.20 4.64
C ALA A 31 -11.99 6.83 5.11
N GLN A 32 -11.64 7.17 6.36
CA GLN A 32 -10.51 6.56 7.07
C GLN A 32 -10.95 6.17 8.49
N ARG A 33 -10.46 5.01 8.98
CA ARG A 33 -11.02 4.25 10.11
C ARG A 33 -9.94 3.73 11.08
N ASP A 34 -8.80 4.43 11.17
CA ASP A 34 -7.52 3.92 11.70
C ASP A 34 -7.04 2.64 10.98
N ASP A 35 -7.47 2.47 9.72
CA ASP A 35 -7.22 1.33 8.84
C ASP A 35 -5.74 1.04 8.55
N ALA A 36 -4.81 1.97 8.83
CA ALA A 36 -3.38 1.70 8.82
C ALA A 36 -2.92 0.65 9.87
N LYS A 37 -3.81 0.19 10.76
CA LYS A 37 -3.60 -0.98 11.64
C LYS A 37 -3.62 -2.34 10.91
N ASP A 38 -4.20 -2.43 9.71
CA ASP A 38 -4.30 -3.66 8.89
C ASP A 38 -3.10 -3.89 7.96
N LEU A 39 -2.06 -3.07 8.07
CA LEU A 39 -0.94 -3.03 7.12
C LEU A 39 0.09 -4.17 7.26
N SER A 40 0.05 -4.91 8.36
CA SER A 40 0.77 -6.17 8.55
C SER A 40 0.23 -7.35 7.71
N ALA A 41 -0.87 -7.15 6.97
CA ALA A 41 -1.44 -8.16 6.09
C ALA A 41 -0.60 -8.35 4.83
N LYS A 42 -0.67 -9.55 4.29
CA LYS A 42 -0.23 -9.89 2.93
C LYS A 42 -1.07 -9.14 1.88
N ILE A 43 -0.44 -8.72 0.78
CA ILE A 43 -1.13 -8.10 -0.35
C ILE A 43 -2.11 -9.07 -1.03
N GLU A 44 -1.77 -10.37 -0.98
CA GLU A 44 -2.62 -11.50 -1.37
C GLU A 44 -3.98 -11.54 -0.63
N SER A 45 -4.17 -10.76 0.45
CA SER A 45 -5.39 -10.80 1.27
C SER A 45 -6.52 -9.90 0.73
N MET A 46 -6.31 -9.31 -0.46
CA MET A 46 -7.21 -8.32 -1.09
C MET A 46 -7.80 -8.82 -2.42
N ASN A 47 -7.72 -10.13 -2.70
CA ASN A 47 -8.26 -10.81 -3.89
C ASN A 47 -7.76 -10.25 -5.25
N LEU A 48 -6.53 -9.73 -5.28
CA LEU A 48 -5.83 -9.32 -6.52
C LEU A 48 -5.53 -10.51 -7.45
N SER A 49 -5.38 -10.23 -8.74
CA SER A 49 -4.73 -11.12 -9.71
C SER A 49 -3.27 -11.43 -9.33
N ALA A 50 -2.77 -12.61 -9.70
CA ALA A 50 -1.37 -12.97 -9.45
C ALA A 50 -0.36 -12.05 -10.13
N ARG A 51 -0.69 -11.43 -11.28
CA ARG A 51 0.22 -10.51 -11.99
C ARG A 51 0.60 -9.29 -11.12
N CYS A 52 -0.38 -8.77 -10.39
CA CYS A 52 -0.20 -7.75 -9.35
C CYS A 52 0.77 -8.24 -8.26
N PHE A 53 0.52 -9.41 -7.68
CA PHE A 53 1.34 -9.93 -6.60
C PHE A 53 2.77 -10.28 -7.06
N ASN A 54 2.92 -10.75 -8.31
CA ASN A 54 4.19 -11.11 -8.91
C ASN A 54 5.03 -9.86 -9.25
N CYS A 55 4.39 -8.75 -9.63
CA CYS A 55 5.09 -7.46 -9.69
C CYS A 55 5.64 -7.07 -8.31
N LEU A 56 4.74 -6.99 -7.32
CA LEU A 56 5.00 -6.55 -5.94
C LEU A 56 6.09 -7.40 -5.25
N ASP A 57 6.06 -8.72 -5.42
CA ASP A 57 7.06 -9.64 -4.85
C ASP A 57 8.51 -9.42 -5.32
N LYS A 58 8.76 -9.02 -6.59
CA LYS A 58 10.13 -9.01 -7.16
C LYS A 58 10.91 -7.72 -6.86
N ILE A 59 10.18 -6.61 -6.68
CA ILE A 59 10.66 -5.36 -6.07
C ILE A 59 10.79 -5.46 -4.54
N GLY A 60 10.10 -6.46 -3.96
CA GLY A 60 10.23 -6.86 -2.55
C GLY A 60 9.08 -6.38 -1.66
N ILE A 61 8.04 -5.76 -2.24
CA ILE A 61 6.79 -5.36 -1.59
C ILE A 61 5.90 -6.61 -1.36
N LYS A 62 5.90 -7.13 -0.14
CA LYS A 62 5.23 -8.40 0.23
C LYS A 62 4.00 -8.23 1.12
N TYR A 63 3.81 -7.03 1.67
CA TYR A 63 2.68 -6.69 2.56
C TYR A 63 1.95 -5.41 2.16
N VAL A 64 0.71 -5.26 2.64
CA VAL A 64 -0.13 -4.09 2.39
C VAL A 64 0.58 -2.84 2.87
N GLY A 65 1.24 -2.89 4.02
CA GLY A 65 2.12 -1.84 4.57
C GLY A 65 3.18 -1.37 3.58
N GLU A 66 3.83 -2.34 2.94
CA GLU A 66 4.87 -2.12 1.93
C GLU A 66 4.32 -1.55 0.61
N LEU A 67 3.12 -1.96 0.14
CA LEU A 67 2.43 -1.26 -0.96
C LEU A 67 2.05 0.16 -0.49
N VAL A 68 1.49 0.33 0.71
CA VAL A 68 1.10 1.63 1.28
C VAL A 68 2.30 2.60 1.34
N LEU A 69 3.50 2.09 1.63
CA LEU A 69 4.77 2.83 1.61
C LEU A 69 5.36 3.03 0.21
N MET A 70 4.94 2.25 -0.80
CA MET A 70 5.11 2.54 -2.21
C MET A 70 4.31 3.78 -2.63
N SER A 71 4.86 4.96 -2.36
CA SER A 71 4.40 6.25 -2.90
C SER A 71 4.17 6.17 -4.41
N GLU A 72 3.22 6.95 -4.95
CA GLU A 72 2.77 6.80 -6.35
C GLU A 72 3.92 6.81 -7.38
N GLU A 73 4.94 7.64 -7.16
CA GLU A 73 6.13 7.74 -8.03
C GLU A 73 6.99 6.45 -8.05
N GLU A 74 7.05 5.70 -6.94
CA GLU A 74 7.60 4.35 -6.92
C GLU A 74 6.65 3.38 -7.62
N LEU A 75 5.36 3.45 -7.29
CA LEU A 75 4.32 2.54 -7.77
C LEU A 75 4.17 2.51 -9.30
N LYS A 76 4.12 3.69 -9.94
CA LYS A 76 4.22 3.89 -11.39
C LYS A 76 5.57 3.47 -12.01
N GLY A 77 6.54 3.08 -11.18
CA GLY A 77 7.95 2.92 -11.53
C GLY A 77 8.52 1.48 -11.43
N VAL A 78 7.73 0.46 -11.05
CA VAL A 78 8.10 -0.95 -11.31
C VAL A 78 8.36 -1.22 -12.80
N LYS A 79 8.98 -2.35 -13.12
CA LYS A 79 9.49 -2.65 -14.48
C LYS A 79 8.58 -3.50 -15.38
N ASN A 80 7.48 -4.06 -14.84
CA ASN A 80 6.51 -4.87 -15.59
C ASN A 80 5.08 -4.65 -15.05
N MET A 81 4.73 -3.38 -14.74
CA MET A 81 3.51 -3.06 -13.98
C MET A 81 2.22 -3.62 -14.58
N GLY A 82 1.98 -3.34 -15.87
CA GLY A 82 0.70 -3.53 -16.56
C GLY A 82 -0.40 -2.56 -16.09
N LYS A 83 -1.14 -1.94 -17.04
CA LYS A 83 -2.14 -0.90 -16.77
C LYS A 83 -3.30 -1.41 -15.90
N LYS A 84 -3.93 -2.52 -16.31
CA LYS A 84 -5.04 -3.17 -15.57
C LYS A 84 -4.60 -3.63 -14.18
N SER A 85 -3.41 -4.22 -14.09
CA SER A 85 -2.82 -4.69 -12.82
C SER A 85 -2.59 -3.55 -11.83
N TYR A 86 -2.02 -2.42 -12.25
CA TYR A 86 -1.89 -1.23 -11.39
C TYR A 86 -3.25 -0.67 -10.96
N ASP A 87 -4.23 -0.64 -11.86
CA ASP A 87 -5.57 -0.14 -11.56
C ASP A 87 -6.25 -0.96 -10.44
N GLU A 88 -6.22 -2.30 -10.50
CA GLU A 88 -6.72 -3.13 -9.41
C GLU A 88 -5.84 -3.09 -8.15
N ILE A 89 -4.51 -2.97 -8.26
CA ILE A 89 -3.58 -2.68 -7.16
C ILE A 89 -4.06 -1.46 -6.37
N ALA A 90 -4.25 -0.36 -7.09
CA ALA A 90 -4.61 0.91 -6.49
C ALA A 90 -6.07 0.92 -5.99
N GLU A 91 -7.00 0.24 -6.66
CA GLU A 91 -8.39 0.08 -6.20
C GLU A 91 -8.52 -0.80 -4.95
N LYS A 92 -7.84 -1.95 -4.88
CA LYS A 92 -7.84 -2.79 -3.67
C LYS A 92 -7.11 -2.13 -2.50
N LEU A 93 -6.05 -1.36 -2.77
CA LEU A 93 -5.46 -0.49 -1.74
C LEU A 93 -6.44 0.64 -1.33
N ASN A 94 -7.19 1.24 -2.28
CA ASN A 94 -8.25 2.24 -1.99
C ASN A 94 -9.38 1.66 -1.12
N ASP A 95 -9.74 0.40 -1.28
CA ASP A 95 -10.76 -0.30 -0.47
C ASP A 95 -10.40 -0.37 1.04
N LEU A 96 -9.11 -0.27 1.39
CA LEU A 96 -8.65 0.00 2.76
C LEU A 96 -9.29 1.26 3.39
N GLY A 97 -9.51 2.27 2.55
CA GLY A 97 -9.90 3.64 2.88
C GLY A 97 -9.06 4.66 2.11
N TYR A 98 -7.77 4.37 1.90
CA TYR A 98 -6.73 5.27 1.39
C TYR A 98 -6.34 4.89 -0.06
N PRO A 99 -6.65 5.70 -1.08
CA PRO A 99 -6.20 5.51 -2.48
C PRO A 99 -4.67 5.65 -2.58
N VAL A 100 -3.96 4.60 -3.00
CA VAL A 100 -2.51 4.54 -2.88
C VAL A 100 -1.74 5.73 -3.47
N GLY A 101 -0.76 6.21 -2.69
CA GLY A 101 0.34 7.04 -3.18
C GLY A 101 0.15 8.54 -2.99
N THR A 102 -1.02 9.00 -2.57
CA THR A 102 -1.27 10.42 -2.22
C THR A 102 -0.44 10.86 -0.99
N GLU A 103 -0.25 12.17 -0.83
CA GLU A 103 0.82 12.76 0.00
C GLU A 103 0.39 13.97 0.85
N LEU A 104 -0.92 14.10 1.10
CA LEU A 104 -1.52 15.21 1.84
C LEU A 104 -1.04 15.42 3.29
N SER A 105 -0.62 14.35 3.99
CA SER A 105 -0.14 14.36 5.38
C SER A 105 0.37 12.95 5.77
N PRO A 106 1.48 12.47 5.19
CA PRO A 106 1.90 11.07 5.25
C PRO A 106 2.70 10.71 6.53
N GLU A 107 2.54 11.48 7.61
CA GLU A 107 3.34 11.39 8.85
C GLU A 107 3.37 10.00 9.51
N GLN A 108 2.39 9.13 9.22
CA GLN A 108 2.39 7.72 9.63
C GLN A 108 3.59 6.92 9.08
N ARG A 109 4.22 7.34 7.96
CA ARG A 109 5.42 6.75 7.36
C ARG A 109 6.56 6.58 8.38
N GLU A 110 6.73 7.55 9.27
CA GLU A 110 7.76 7.56 10.33
C GLU A 110 7.62 6.38 11.31
N SER A 111 6.39 5.91 11.57
CA SER A 111 6.08 4.80 12.47
C SER A 111 5.93 3.48 11.71
N LEU A 112 5.24 3.47 10.57
CA LEU A 112 4.95 2.29 9.78
C LEU A 112 6.20 1.53 9.35
N LYS A 113 7.26 2.23 8.90
CA LYS A 113 8.49 1.57 8.44
C LYS A 113 9.14 0.67 9.51
N LYS A 114 9.16 1.13 10.78
CA LYS A 114 9.67 0.41 11.94
C LYS A 114 8.73 -0.72 12.38
N ARG A 115 7.41 -0.51 12.33
CA ARG A 115 6.40 -1.58 12.52
C ARG A 115 6.54 -2.69 11.48
N LEU A 116 6.77 -2.33 10.21
CA LEU A 116 6.92 -3.29 9.12
C LEU A 116 8.19 -4.16 9.23
N GLU A 117 9.29 -3.54 9.64
CA GLU A 117 10.56 -4.20 9.96
C GLU A 117 10.43 -5.34 11.00
N LYS A 118 9.37 -5.31 11.83
CA LYS A 118 9.05 -6.31 12.86
C LYS A 118 8.01 -7.36 12.45
N LEU A 119 7.45 -7.29 11.23
CA LEU A 119 6.64 -8.39 10.66
C LEU A 119 7.48 -9.67 10.54
N GLU A 120 8.69 -9.52 9.99
CA GLU A 120 9.76 -10.53 10.00
C GLU A 120 11.13 -9.85 9.85
N ASP A 121 12.11 -10.25 10.67
CA ASP A 121 13.53 -9.87 10.50
C ASP A 121 14.09 -10.45 9.19
N LYS A 122 14.25 -9.59 8.18
CA LYS A 122 14.50 -9.96 6.76
C LYS A 122 15.42 -8.95 6.07
N GLY A 123 16.12 -9.40 5.03
CA GLY A 123 16.99 -8.58 4.17
C GLY A 123 16.92 -8.98 2.69
N GLY A 124 17.54 -8.18 1.82
CA GLY A 124 17.46 -8.34 0.36
C GLY A 124 18.10 -7.19 -0.41
N ASN A 125 17.75 -7.05 -1.69
CA ASN A 125 18.21 -5.95 -2.56
C ASN A 125 17.19 -5.63 -3.68
N ASP A 126 17.38 -4.49 -4.36
CA ASP A 126 16.49 -3.94 -5.40
C ASP A 126 17.25 -3.12 -6.47
N LEU A 13 -16.56 14.92 51.56
CA LEU A 13 -15.27 15.63 51.79
C LEU A 13 -14.14 14.95 51.01
N GLY A 14 -13.43 15.68 50.15
CA GLY A 14 -12.27 15.20 49.38
C GLY A 14 -11.72 16.22 48.38
N VAL A 15 -10.51 15.97 47.88
CA VAL A 15 -9.76 16.82 46.93
C VAL A 15 -8.91 16.00 45.96
N PHE A 16 -8.44 16.62 44.89
CA PHE A 16 -7.48 16.06 43.91
C PHE A 16 -6.57 17.15 43.31
N GLY A 17 -5.48 16.75 42.66
CA GLY A 17 -4.44 17.68 42.17
C GLY A 17 -3.34 16.99 41.34
N GLU A 18 -3.73 16.10 40.43
CA GLU A 18 -2.81 15.27 39.61
C GLU A 18 -3.24 15.28 38.13
N ARG A 19 -2.26 15.29 37.22
CA ARG A 19 -2.44 15.42 35.76
C ARG A 19 -1.52 14.46 34.99
N PRO A 20 -1.90 14.02 33.76
CA PRO A 20 -1.06 13.21 32.88
C PRO A 20 0.11 14.01 32.28
N ILE A 21 0.99 13.32 31.55
CA ILE A 21 2.17 13.87 30.85
C ILE A 21 2.20 13.45 29.37
N ALA A 22 2.90 14.23 28.54
CA ALA A 22 3.00 14.05 27.09
C ALA A 22 4.33 14.64 26.53
N ASN A 23 4.56 14.47 25.22
CA ASN A 23 5.72 15.00 24.49
C ASN A 23 5.33 15.48 23.07
N THR A 24 6.18 16.33 22.48
CA THR A 24 5.94 17.02 21.19
C THR A 24 7.25 17.13 20.40
N GLU A 25 7.17 17.11 19.06
CA GLU A 25 8.30 17.18 18.13
C GLU A 25 8.01 18.13 16.95
N TYR A 26 8.98 18.31 16.05
CA TYR A 26 8.88 19.16 14.84
C TYR A 26 7.90 18.65 13.77
N SER A 27 7.30 17.46 13.94
CA SER A 27 6.19 16.94 13.12
C SER A 27 4.94 17.85 13.15
N GLY A 28 4.07 17.70 12.15
CA GLY A 28 2.87 18.54 11.97
C GLY A 28 1.61 17.93 12.60
N ASP A 29 1.25 16.72 12.19
CA ASP A 29 0.09 15.95 12.72
C ASP A 29 0.26 14.42 12.53
N TYR A 30 -0.79 13.65 12.82
CA TYR A 30 -0.79 12.19 12.87
C TYR A 30 -1.83 11.55 11.93
N ALA A 31 -2.36 12.32 10.97
CA ALA A 31 -3.40 11.97 10.00
C ALA A 31 -4.65 11.32 10.66
N GLN A 32 -4.95 11.77 11.89
CA GLN A 32 -5.60 11.02 12.98
C GLN A 32 -6.66 9.98 12.55
N ARG A 33 -6.22 8.73 12.29
CA ARG A 33 -7.07 7.58 11.89
C ARG A 33 -6.36 6.25 12.21
N ASP A 34 -7.14 5.20 12.46
CA ASP A 34 -6.66 3.87 12.89
C ASP A 34 -6.60 2.82 11.76
N ASP A 35 -7.06 3.16 10.55
CA ASP A 35 -7.14 2.24 9.40
C ASP A 35 -5.79 1.60 8.97
N ALA A 36 -4.67 2.22 9.31
CA ALA A 36 -3.33 1.65 9.10
C ALA A 36 -3.01 0.40 9.96
N LYS A 37 -3.93 -0.04 10.85
CA LYS A 37 -3.79 -1.31 11.60
C LYS A 37 -3.79 -2.59 10.73
N ASP A 38 -4.40 -2.55 9.55
CA ASP A 38 -4.51 -3.69 8.61
C ASP A 38 -3.30 -3.86 7.67
N LEU A 39 -2.28 -3.00 7.81
CA LEU A 39 -1.11 -2.97 6.92
C LEU A 39 -0.12 -4.13 7.11
N SER A 40 -0.26 -4.89 8.19
CA SER A 40 0.42 -6.16 8.43
C SER A 40 -0.09 -7.31 7.55
N ALA A 41 -1.14 -7.11 6.74
CA ALA A 41 -1.64 -8.09 5.82
C ALA A 41 -0.69 -8.25 4.62
N LYS A 42 -0.63 -9.48 4.12
CA LYS A 42 -0.07 -9.80 2.80
C LYS A 42 -0.92 -9.13 1.71
N ILE A 43 -0.28 -8.71 0.62
CA ILE A 43 -0.98 -8.18 -0.55
C ILE A 43 -1.81 -9.27 -1.25
N GLU A 44 -1.37 -10.51 -1.12
CA GLU A 44 -2.11 -11.71 -1.59
C GLU A 44 -3.42 -11.94 -0.80
N SER A 45 -3.74 -11.10 0.20
CA SER A 45 -4.99 -11.20 0.98
C SER A 45 -6.13 -10.37 0.36
N MET A 46 -5.88 -9.81 -0.83
CA MET A 46 -6.82 -9.01 -1.61
C MET A 46 -7.18 -9.80 -2.89
N ASN A 47 -8.45 -9.74 -3.32
CA ASN A 47 -9.01 -10.55 -4.41
C ASN A 47 -8.57 -10.10 -5.82
N LEU A 48 -7.28 -10.28 -6.12
CA LEU A 48 -6.58 -9.70 -7.28
C LEU A 48 -5.93 -10.76 -8.19
N SER A 49 -5.58 -10.33 -9.41
CA SER A 49 -4.75 -11.10 -10.35
C SER A 49 -3.35 -11.36 -9.80
N ALA A 50 -2.73 -12.47 -10.17
CA ALA A 50 -1.35 -12.77 -9.81
C ALA A 50 -0.33 -11.77 -10.39
N ARG A 51 -0.63 -11.07 -11.50
CA ARG A 51 0.28 -10.09 -12.11
C ARG A 51 0.52 -8.87 -11.22
N CYS A 52 -0.49 -8.44 -10.45
CA CYS A 52 -0.33 -7.52 -9.31
C CYS A 52 0.70 -8.06 -8.33
N PHE A 53 0.49 -9.27 -7.79
CA PHE A 53 1.36 -9.80 -6.74
C PHE A 53 2.79 -10.10 -7.22
N ASN A 54 2.94 -10.55 -8.47
CA ASN A 54 4.22 -10.93 -9.07
C ASN A 54 5.08 -9.70 -9.40
N CYS A 55 4.47 -8.53 -9.63
CA CYS A 55 5.20 -7.27 -9.59
C CYS A 55 5.76 -7.01 -8.19
N LEU A 56 4.86 -6.89 -7.21
CA LEU A 56 5.11 -6.45 -5.84
C LEU A 56 6.13 -7.36 -5.11
N ASP A 57 6.05 -8.67 -5.29
CA ASP A 57 6.99 -9.64 -4.74
C ASP A 57 8.44 -9.52 -5.25
N LYS A 58 8.67 -9.04 -6.50
CA LYS A 58 10.02 -9.03 -7.12
C LYS A 58 10.87 -7.83 -6.66
N ILE A 59 10.22 -6.71 -6.42
CA ILE A 59 10.77 -5.50 -5.78
C ILE A 59 10.87 -5.62 -4.25
N GLY A 60 10.08 -6.53 -3.68
CA GLY A 60 10.12 -6.92 -2.27
C GLY A 60 8.97 -6.33 -1.43
N ILE A 61 8.00 -5.69 -2.07
CA ILE A 61 6.75 -5.21 -1.46
C ILE A 61 5.83 -6.41 -1.22
N LYS A 62 5.92 -7.00 -0.01
CA LYS A 62 5.23 -8.26 0.35
C LYS A 62 3.95 -8.07 1.17
N TYR A 63 3.71 -6.84 1.63
CA TYR A 63 2.57 -6.49 2.50
C TYR A 63 1.83 -5.24 2.05
N VAL A 64 0.58 -5.10 2.50
CA VAL A 64 -0.24 -3.90 2.27
C VAL A 64 0.48 -2.67 2.82
N GLY A 65 1.18 -2.81 3.96
CA GLY A 65 2.09 -1.81 4.52
C GLY A 65 3.15 -1.34 3.53
N GLU A 66 3.84 -2.27 2.88
CA GLU A 66 4.84 -1.96 1.85
C GLU A 66 4.20 -1.29 0.62
N LEU A 67 3.01 -1.71 0.16
CA LEU A 67 2.30 -0.99 -0.91
C LEU A 67 1.93 0.43 -0.41
N VAL A 68 1.39 0.60 0.81
CA VAL A 68 1.06 1.89 1.40
C VAL A 68 2.30 2.81 1.47
N LEU A 69 3.49 2.26 1.79
CA LEU A 69 4.80 2.93 1.73
C LEU A 69 5.31 3.17 0.29
N MET A 70 4.87 2.40 -0.70
CA MET A 70 4.95 2.72 -2.12
C MET A 70 4.06 3.92 -2.51
N SER A 71 4.54 5.12 -2.19
CA SER A 71 4.06 6.37 -2.78
C SER A 71 3.95 6.29 -4.32
N GLU A 72 3.03 7.04 -4.91
CA GLU A 72 2.64 6.97 -6.33
C GLU A 72 3.83 7.00 -7.31
N GLU A 73 4.88 7.82 -7.03
CA GLU A 73 6.11 7.89 -7.82
C GLU A 73 6.95 6.59 -7.80
N GLU A 74 7.06 5.92 -6.65
CA GLU A 74 7.64 4.56 -6.56
C GLU A 74 6.77 3.57 -7.32
N LEU A 75 5.45 3.65 -7.13
CA LEU A 75 4.46 2.74 -7.69
C LEU A 75 4.47 2.66 -9.23
N LYS A 76 4.45 3.81 -9.91
CA LYS A 76 4.72 3.94 -11.36
C LYS A 76 6.15 3.56 -11.78
N GLY A 77 7.04 3.27 -10.83
CA GLY A 77 8.47 3.04 -11.01
C GLY A 77 8.91 1.56 -11.02
N VAL A 78 8.03 0.58 -10.74
CA VAL A 78 8.34 -0.84 -11.06
C VAL A 78 8.62 -1.04 -12.56
N LYS A 79 9.21 -2.18 -12.93
CA LYS A 79 9.75 -2.40 -14.30
C LYS A 79 8.79 -3.03 -15.31
N ASN A 80 7.79 -3.79 -14.85
CA ASN A 80 6.82 -4.47 -15.72
C ASN A 80 5.40 -4.39 -15.13
N MET A 81 5.01 -3.19 -14.68
CA MET A 81 3.78 -2.98 -13.91
C MET A 81 2.52 -3.57 -14.57
N GLY A 82 2.24 -3.18 -15.81
CA GLY A 82 0.94 -3.38 -16.49
C GLY A 82 -0.20 -2.52 -15.91
N LYS A 83 -1.17 -2.12 -16.77
CA LYS A 83 -2.24 -1.17 -16.40
C LYS A 83 -3.28 -1.80 -15.45
N LYS A 84 -3.78 -3.00 -15.79
CA LYS A 84 -4.77 -3.75 -14.99
C LYS A 84 -4.26 -4.04 -13.58
N SER A 85 -2.99 -4.46 -13.47
CA SER A 85 -2.30 -4.71 -12.19
C SER A 85 -2.27 -3.47 -11.29
N TYR A 86 -1.93 -2.30 -11.82
CA TYR A 86 -1.92 -1.04 -11.06
C TYR A 86 -3.32 -0.59 -10.63
N ASP A 87 -4.32 -0.72 -11.51
CA ASP A 87 -5.71 -0.40 -11.19
C ASP A 87 -6.26 -1.29 -10.06
N GLU A 88 -5.95 -2.59 -10.08
CA GLU A 88 -6.25 -3.53 -9.00
C GLU A 88 -5.50 -3.25 -7.69
N ILE A 89 -4.21 -2.93 -7.79
CA ILE A 89 -3.37 -2.39 -6.72
C ILE A 89 -4.09 -1.23 -6.04
N ALA A 90 -4.47 -0.22 -6.81
CA ALA A 90 -5.08 0.99 -6.31
C ALA A 90 -6.49 0.75 -5.72
N GLU A 91 -7.29 -0.11 -6.34
CA GLU A 91 -8.65 -0.43 -5.88
C GLU A 91 -8.68 -1.09 -4.49
N LYS A 92 -7.89 -2.15 -4.28
CA LYS A 92 -7.90 -2.84 -2.99
C LYS A 92 -6.98 -2.19 -1.95
N LEU A 93 -6.02 -1.36 -2.35
CA LEU A 93 -5.39 -0.41 -1.42
C LEU A 93 -6.38 0.65 -0.92
N ASN A 94 -7.23 1.21 -1.80
CA ASN A 94 -8.32 2.12 -1.41
C ASN A 94 -9.33 1.48 -0.43
N ASP A 95 -9.62 0.18 -0.57
CA ASP A 95 -10.51 -0.56 0.34
C ASP A 95 -10.08 -0.52 1.83
N LEU A 96 -8.79 -0.25 2.12
CA LEU A 96 -8.29 0.10 3.45
C LEU A 96 -9.05 1.27 4.10
N GLY A 97 -9.29 2.33 3.31
CA GLY A 97 -9.70 3.67 3.75
C GLY A 97 -8.91 4.81 3.07
N TYR A 98 -7.75 4.51 2.47
CA TYR A 98 -6.83 5.46 1.85
C TYR A 98 -6.45 4.98 0.42
N PRO A 99 -6.83 5.71 -0.65
CA PRO A 99 -6.47 5.39 -2.03
C PRO A 99 -5.00 5.67 -2.33
N VAL A 100 -4.27 4.65 -2.82
CA VAL A 100 -2.99 4.83 -3.50
C VAL A 100 -3.18 5.73 -4.73
N GLY A 101 -2.39 6.80 -4.79
CA GLY A 101 -2.60 7.91 -5.73
C GLY A 101 -2.24 9.29 -5.16
N THR A 102 -2.15 9.44 -3.83
CA THR A 102 -1.74 10.70 -3.19
C THR A 102 -0.98 10.47 -1.86
N GLU A 103 -0.18 11.46 -1.46
CA GLU A 103 0.73 11.43 -0.30
C GLU A 103 0.96 12.86 0.25
N LEU A 104 -0.17 13.54 0.50
CA LEU A 104 -0.28 14.93 0.96
C LEU A 104 0.44 15.28 2.29
N SER A 105 0.47 14.37 3.26
CA SER A 105 1.09 14.57 4.60
C SER A 105 1.31 13.23 5.35
N PRO A 106 2.08 12.30 4.78
CA PRO A 106 2.12 10.88 5.17
C PRO A 106 3.03 10.61 6.39
N GLU A 107 3.04 11.50 7.38
CA GLU A 107 3.96 11.49 8.53
C GLU A 107 3.93 10.17 9.34
N GLN A 108 2.80 9.45 9.33
CA GLN A 108 2.66 8.12 9.95
C GLN A 108 3.47 7.00 9.24
N ARG A 109 3.94 7.20 8.00
CA ARG A 109 4.75 6.19 7.29
C ARG A 109 6.12 5.94 7.97
N GLU A 110 6.64 6.94 8.68
CA GLU A 110 7.91 6.88 9.40
C GLU A 110 7.89 5.90 10.60
N SER A 111 6.75 5.79 11.30
CA SER A 111 6.52 4.76 12.32
C SER A 111 6.05 3.44 11.72
N LEU A 112 5.26 3.45 10.63
CA LEU A 112 4.86 2.28 9.89
C LEU A 112 6.03 1.42 9.46
N LYS A 113 7.05 1.97 8.77
CA LYS A 113 8.17 1.18 8.25
C LYS A 113 8.93 0.41 9.34
N LYS A 114 9.09 1.00 10.53
CA LYS A 114 9.73 0.39 11.70
C LYS A 114 8.88 -0.73 12.31
N ARG A 115 7.55 -0.54 12.39
CA ARG A 115 6.58 -1.61 12.71
C ARG A 115 6.61 -2.73 11.67
N LEU A 116 6.71 -2.38 10.39
CA LEU A 116 6.69 -3.31 9.27
C LEU A 116 7.90 -4.25 9.23
N GLU A 117 9.08 -3.73 9.53
CA GLU A 117 10.31 -4.52 9.73
C GLU A 117 10.22 -5.58 10.85
N LYS A 118 9.17 -5.53 11.69
CA LYS A 118 8.87 -6.46 12.78
C LYS A 118 7.60 -7.30 12.58
N LEU A 119 6.99 -7.26 11.38
CA LEU A 119 6.02 -8.29 10.94
C LEU A 119 6.64 -9.70 11.04
N GLU A 120 7.84 -9.85 10.51
CA GLU A 120 8.75 -10.98 10.77
C GLU A 120 10.22 -10.63 10.47
N ASP A 121 11.14 -11.21 11.25
CA ASP A 121 12.60 -11.05 11.07
C ASP A 121 13.20 -12.01 10.01
N LYS A 122 12.35 -12.86 9.39
CA LYS A 122 12.72 -13.96 8.47
C LYS A 122 12.11 -13.82 7.06
N GLY A 123 11.65 -12.62 6.72
CA GLY A 123 10.90 -12.33 5.46
C GLY A 123 11.73 -12.30 4.18
N GLY A 124 13.05 -12.50 4.24
CA GLY A 124 13.95 -12.52 3.08
C GLY A 124 15.38 -12.98 3.41
N ASN A 125 16.24 -13.03 2.38
CA ASN A 125 17.64 -13.45 2.47
C ASN A 125 18.51 -12.70 1.42
N ASP A 126 19.81 -12.53 1.71
CA ASP A 126 20.78 -11.79 0.87
C ASP A 126 20.99 -12.37 -0.55
N LEU A 13 4.53 -18.70 -1.61
CA LEU A 13 5.45 -18.10 -2.62
C LEU A 13 5.54 -19.00 -3.87
N GLY A 14 5.97 -18.44 -5.01
CA GLY A 14 6.22 -19.21 -6.25
C GLY A 14 4.94 -19.68 -6.96
N VAL A 15 3.97 -18.78 -7.13
CA VAL A 15 2.62 -19.08 -7.68
C VAL A 15 2.18 -18.03 -8.70
N PHE A 16 1.40 -18.46 -9.71
CA PHE A 16 0.94 -17.65 -10.84
C PHE A 16 -0.46 -18.07 -11.33
N GLY A 17 -1.07 -17.26 -12.20
CA GLY A 17 -2.41 -17.47 -12.75
C GLY A 17 -2.89 -16.29 -13.61
N GLU A 18 -4.05 -16.40 -14.23
CA GLU A 18 -4.61 -15.42 -15.18
C GLU A 18 -6.04 -14.97 -14.81
N ARG A 19 -6.44 -13.78 -15.26
CA ARG A 19 -7.80 -13.21 -15.16
C ARG A 19 -8.22 -12.53 -16.49
N PRO A 20 -9.54 -12.39 -16.77
CA PRO A 20 -10.03 -11.54 -17.87
C PRO A 20 -9.79 -10.05 -17.61
N ILE A 21 -10.15 -9.20 -18.59
CA ILE A 21 -10.06 -7.73 -18.48
C ILE A 21 -10.80 -7.15 -17.25
N ALA A 22 -10.30 -6.03 -16.73
CA ALA A 22 -10.79 -5.38 -15.51
C ALA A 22 -10.61 -3.84 -15.56
N ASN A 23 -11.44 -3.13 -14.78
CA ASN A 23 -11.44 -1.67 -14.64
C ASN A 23 -12.08 -1.23 -13.29
N THR A 24 -12.11 0.07 -13.03
CA THR A 24 -12.75 0.70 -11.84
C THR A 24 -13.75 1.78 -12.25
N GLU A 25 -14.81 1.98 -11.44
CA GLU A 25 -15.79 3.04 -11.63
C GLU A 25 -15.25 4.40 -11.14
N TYR A 26 -15.02 4.53 -9.82
CA TYR A 26 -14.46 5.71 -9.15
C TYR A 26 -14.04 5.40 -7.70
N SER A 27 -13.26 6.29 -7.09
CA SER A 27 -12.92 6.31 -5.65
C SER A 27 -14.13 6.73 -4.76
N GLY A 28 -13.92 6.93 -3.45
CA GLY A 28 -14.96 7.47 -2.56
C GLY A 28 -14.42 8.06 -1.24
N ASP A 29 -13.62 7.30 -0.49
CA ASP A 29 -12.96 7.80 0.73
C ASP A 29 -11.73 8.67 0.41
N TYR A 30 -11.48 9.70 1.24
CA TYR A 30 -10.40 10.68 1.03
C TYR A 30 -9.10 10.29 1.73
N ALA A 31 -9.18 9.87 3.00
CA ALA A 31 -8.11 9.31 3.82
C ALA A 31 -8.74 8.59 5.02
N GLN A 32 -8.08 7.57 5.57
CA GLN A 32 -8.53 6.90 6.80
C GLN A 32 -7.35 6.36 7.62
N ARG A 33 -6.57 7.26 8.26
CA ARG A 33 -5.36 6.90 9.03
C ARG A 33 -5.63 5.88 10.15
N ASP A 34 -6.83 5.90 10.75
CA ASP A 34 -7.27 4.95 11.77
C ASP A 34 -7.36 3.48 11.29
N ASP A 35 -7.45 3.22 9.98
CA ASP A 35 -7.51 1.85 9.43
C ASP A 35 -6.12 1.26 9.13
N ALA A 36 -5.04 2.04 9.30
CA ALA A 36 -3.66 1.59 9.07
C ALA A 36 -3.17 0.46 10.02
N LYS A 37 -4.01 0.01 10.97
CA LYS A 37 -3.85 -1.25 11.72
C LYS A 37 -3.89 -2.53 10.85
N ASP A 38 -4.54 -2.48 9.68
CA ASP A 38 -4.67 -3.61 8.72
C ASP A 38 -3.42 -3.89 7.87
N LEU A 39 -2.40 -3.04 7.97
CA LEU A 39 -1.28 -2.99 7.02
C LEU A 39 -0.27 -4.15 7.12
N SER A 40 -0.27 -4.91 8.20
CA SER A 40 0.45 -6.18 8.34
C SER A 40 -0.10 -7.32 7.48
N ALA A 41 -1.19 -7.11 6.75
CA ALA A 41 -1.77 -8.08 5.84
C ALA A 41 -0.90 -8.27 4.60
N LYS A 42 -0.93 -9.49 4.09
CA LYS A 42 -0.46 -9.86 2.74
C LYS A 42 -1.25 -9.08 1.68
N ILE A 43 -0.60 -8.70 0.58
CA ILE A 43 -1.29 -8.14 -0.59
C ILE A 43 -2.22 -9.17 -1.26
N GLU A 44 -1.82 -10.43 -1.19
CA GLU A 44 -2.66 -11.61 -1.51
C GLU A 44 -3.96 -11.69 -0.67
N SER A 45 -4.13 -10.84 0.35
CA SER A 45 -5.38 -10.82 1.15
C SER A 45 -6.53 -10.15 0.37
N MET A 46 -6.20 -9.50 -0.75
CA MET A 46 -7.10 -8.69 -1.57
C MET A 46 -7.57 -9.42 -2.86
N ASN A 47 -7.32 -10.74 -2.95
CA ASN A 47 -7.70 -11.64 -4.05
C ASN A 47 -7.35 -11.16 -5.48
N LEU A 48 -6.21 -10.47 -5.62
CA LEU A 48 -5.78 -9.83 -6.88
C LEU A 48 -5.14 -10.81 -7.88
N SER A 49 -5.08 -10.38 -9.15
CA SER A 49 -4.40 -11.05 -10.27
C SER A 49 -2.91 -11.30 -9.96
N ALA A 50 -2.40 -12.50 -10.23
CA ALA A 50 -1.05 -12.88 -9.80
C ALA A 50 0.08 -12.01 -10.36
N ARG A 51 -0.08 -11.39 -11.55
CA ARG A 51 0.88 -10.43 -12.11
C ARG A 51 1.06 -9.15 -11.29
N CYS A 52 0.02 -8.71 -10.57
CA CYS A 52 0.15 -7.73 -9.47
C CYS A 52 1.08 -8.29 -8.39
N PHE A 53 0.77 -9.46 -7.83
CA PHE A 53 1.53 -9.99 -6.69
C PHE A 53 2.99 -10.32 -7.05
N ASN A 54 3.22 -10.82 -8.27
CA ASN A 54 4.54 -11.19 -8.79
C ASN A 54 5.37 -9.95 -9.19
N CYS A 55 4.73 -8.82 -9.51
CA CYS A 55 5.43 -7.53 -9.56
C CYS A 55 5.89 -7.12 -8.15
N LEU A 56 4.92 -7.00 -7.23
CA LEU A 56 5.09 -6.52 -5.85
C LEU A 56 6.15 -7.35 -5.07
N ASP A 57 6.13 -8.68 -5.21
CA ASP A 57 7.13 -9.59 -4.63
C ASP A 57 8.59 -9.34 -5.09
N LYS A 58 8.82 -8.86 -6.33
CA LYS A 58 10.18 -8.77 -6.91
C LYS A 58 10.89 -7.44 -6.60
N ILE A 59 10.13 -6.36 -6.46
CA ILE A 59 10.61 -5.03 -6.05
C ILE A 59 10.88 -4.94 -4.56
N GLY A 60 10.13 -5.72 -3.77
CA GLY A 60 10.23 -5.75 -2.31
C GLY A 60 9.03 -5.12 -1.60
N ILE A 61 7.81 -5.41 -2.09
CA ILE A 61 6.53 -5.01 -1.52
C ILE A 61 5.71 -6.29 -1.28
N LYS A 62 5.77 -6.87 -0.07
CA LYS A 62 5.14 -8.17 0.26
C LYS A 62 3.82 -8.04 1.02
N TYR A 63 3.46 -6.81 1.45
CA TYR A 63 2.34 -6.53 2.36
C TYR A 63 1.59 -5.26 1.98
N VAL A 64 0.35 -5.13 2.45
CA VAL A 64 -0.48 -3.93 2.26
C VAL A 64 0.25 -2.70 2.78
N GLY A 65 0.91 -2.81 3.93
CA GLY A 65 1.81 -1.80 4.51
C GLY A 65 2.88 -1.32 3.55
N GLU A 66 3.53 -2.27 2.89
CA GLU A 66 4.60 -2.00 1.93
C GLU A 66 4.08 -1.40 0.61
N LEU A 67 2.88 -1.78 0.12
CA LEU A 67 2.22 -1.06 -0.98
C LEU A 67 1.81 0.36 -0.48
N VAL A 68 1.29 0.50 0.74
CA VAL A 68 0.95 1.79 1.35
C VAL A 68 2.18 2.73 1.42
N LEU A 69 3.37 2.18 1.69
CA LEU A 69 4.68 2.86 1.61
C LEU A 69 5.21 3.08 0.18
N MET A 70 4.68 2.37 -0.82
CA MET A 70 4.82 2.68 -2.23
C MET A 70 4.04 3.95 -2.62
N SER A 71 4.67 5.11 -2.37
CA SER A 71 4.28 6.41 -2.93
C SER A 71 3.97 6.32 -4.43
N GLU A 72 3.03 7.11 -4.94
CA GLU A 72 2.49 6.96 -6.31
C GLU A 72 3.59 6.91 -7.39
N GLU A 73 4.64 7.72 -7.25
CA GLU A 73 5.78 7.75 -8.19
C GLU A 73 6.66 6.47 -8.14
N GLU A 74 6.77 5.80 -6.99
CA GLU A 74 7.33 4.44 -6.92
C GLU A 74 6.39 3.47 -7.63
N LEU A 75 5.09 3.55 -7.33
CA LEU A 75 4.05 2.66 -7.83
C LEU A 75 3.95 2.64 -9.36
N LYS A 76 3.94 3.80 -10.01
CA LYS A 76 4.07 3.99 -11.46
C LYS A 76 5.44 3.57 -12.04
N GLY A 77 6.39 3.17 -11.18
CA GLY A 77 7.81 3.01 -11.50
C GLY A 77 8.37 1.58 -11.36
N VAL A 78 7.58 0.56 -10.99
CA VAL A 78 8.01 -0.85 -11.19
C VAL A 78 8.32 -1.16 -12.67
N LYS A 79 8.96 -2.31 -12.93
CA LYS A 79 9.41 -2.71 -14.28
C LYS A 79 8.42 -3.59 -15.08
N ASN A 80 7.46 -4.23 -14.42
CA ASN A 80 6.51 -5.17 -15.03
C ASN A 80 5.06 -4.91 -14.56
N MET A 81 4.69 -3.62 -14.41
CA MET A 81 3.45 -3.22 -13.74
C MET A 81 2.18 -3.85 -14.34
N GLY A 82 2.02 -3.71 -15.66
CA GLY A 82 0.77 -3.99 -16.40
C GLY A 82 -0.40 -3.07 -15.99
N LYS A 83 -0.98 -2.35 -16.96
CA LYS A 83 -2.09 -1.40 -16.72
C LYS A 83 -3.32 -2.04 -16.01
N LYS A 84 -3.60 -3.31 -16.33
CA LYS A 84 -4.64 -4.13 -15.68
C LYS A 84 -4.35 -4.35 -14.18
N SER A 85 -3.09 -4.66 -13.85
CA SER A 85 -2.66 -4.98 -12.47
C SER A 85 -2.60 -3.74 -11.58
N TYR A 86 -2.06 -2.61 -12.04
CA TYR A 86 -2.01 -1.35 -11.26
C TYR A 86 -3.42 -0.88 -10.85
N ASP A 87 -4.41 -0.99 -11.75
CA ASP A 87 -5.80 -0.61 -11.51
C ASP A 87 -6.40 -1.36 -10.30
N GLU A 88 -6.24 -2.68 -10.22
CA GLU A 88 -6.75 -3.48 -9.09
C GLU A 88 -5.85 -3.45 -7.84
N ILE A 89 -4.54 -3.24 -8.01
CA ILE A 89 -3.59 -2.84 -6.95
C ILE A 89 -4.13 -1.63 -6.22
N ALA A 90 -4.39 -0.57 -6.97
CA ALA A 90 -4.87 0.67 -6.42
C ALA A 90 -6.31 0.50 -5.89
N GLU A 91 -7.22 -0.16 -6.60
CA GLU A 91 -8.60 -0.41 -6.13
C GLU A 91 -8.68 -0.95 -4.70
N LYS A 92 -7.96 -2.05 -4.41
CA LYS A 92 -8.04 -2.69 -3.09
C LYS A 92 -7.11 -2.06 -2.05
N LEU A 93 -6.08 -1.33 -2.45
CA LEU A 93 -5.39 -0.44 -1.50
C LEU A 93 -6.27 0.75 -1.10
N ASN A 94 -6.96 1.38 -2.07
CA ASN A 94 -7.92 2.47 -1.86
C ASN A 94 -9.08 2.05 -0.94
N ASP A 95 -9.51 0.79 -1.03
CA ASP A 95 -10.53 0.17 -0.16
C ASP A 95 -10.16 0.16 1.35
N LEU A 96 -8.88 0.36 1.72
CA LEU A 96 -8.44 0.71 3.08
C LEU A 96 -9.12 1.99 3.61
N GLY A 97 -9.37 2.97 2.73
CA GLY A 97 -9.83 4.32 3.02
C GLY A 97 -8.83 5.42 2.63
N TYR A 98 -7.56 5.07 2.38
CA TYR A 98 -6.51 5.94 1.84
C TYR A 98 -6.19 5.48 0.40
N PRO A 99 -6.50 6.30 -0.64
CA PRO A 99 -6.18 5.99 -2.02
C PRO A 99 -4.67 6.04 -2.29
N VAL A 100 -4.05 4.95 -2.78
CA VAL A 100 -2.60 4.79 -2.76
C VAL A 100 -1.79 5.96 -3.32
N GLY A 101 -0.79 6.36 -2.53
CA GLY A 101 0.36 7.12 -3.01
C GLY A 101 0.28 8.64 -2.83
N THR A 102 -0.86 9.17 -2.38
CA THR A 102 -1.01 10.61 -2.04
C THR A 102 -0.17 11.00 -0.80
N GLU A 103 0.03 12.31 -0.59
CA GLU A 103 1.11 12.86 0.24
C GLU A 103 0.69 14.07 1.10
N LEU A 104 -0.61 14.20 1.41
CA LEU A 104 -1.18 15.31 2.19
C LEU A 104 -0.67 15.44 3.64
N SER A 105 -0.41 14.31 4.33
CA SER A 105 -0.01 14.24 5.76
C SER A 105 0.73 12.91 6.07
N PRO A 106 1.82 12.58 5.36
CA PRO A 106 2.35 11.22 5.27
C PRO A 106 3.26 10.79 6.42
N GLU A 107 3.44 11.60 7.47
CA GLU A 107 4.37 11.31 8.59
C GLU A 107 4.13 9.94 9.26
N GLN A 108 2.92 9.38 9.15
CA GLN A 108 2.59 8.02 9.57
C GLN A 108 3.42 6.93 8.85
N ARG A 109 3.92 7.15 7.62
CA ARG A 109 4.82 6.20 6.92
C ARG A 109 6.12 5.92 7.71
N GLU A 110 6.68 6.92 8.38
CA GLU A 110 7.90 6.76 9.18
C GLU A 110 7.68 5.84 10.40
N SER A 111 6.50 5.93 11.02
CA SER A 111 6.07 5.00 12.10
C SER A 111 5.81 3.60 11.55
N LEU A 112 5.09 3.48 10.42
CA LEU A 112 4.77 2.24 9.76
C LEU A 112 6.01 1.43 9.38
N LYS A 113 7.05 2.05 8.80
CA LYS A 113 8.27 1.36 8.35
C LYS A 113 8.90 0.49 9.43
N LYS A 114 9.12 1.03 10.63
CA LYS A 114 9.74 0.33 11.76
C LYS A 114 8.87 -0.82 12.31
N ARG A 115 7.54 -0.68 12.26
CA ARG A 115 6.60 -1.78 12.52
C ARG A 115 6.67 -2.85 11.42
N LEU A 116 6.76 -2.43 10.15
CA LEU A 116 6.79 -3.35 9.01
C LEU A 116 8.03 -4.25 8.98
N GLU A 117 9.19 -3.71 9.36
CA GLU A 117 10.44 -4.49 9.54
C GLU A 117 10.32 -5.63 10.56
N LYS A 118 9.25 -5.67 11.38
CA LYS A 118 8.97 -6.66 12.42
C LYS A 118 7.75 -7.56 12.14
N LEU A 119 7.10 -7.44 10.97
CA LEU A 119 6.17 -8.47 10.49
C LEU A 119 6.88 -9.85 10.43
N GLU A 120 8.07 -9.86 9.83
CA GLU A 120 9.10 -10.90 9.97
C GLU A 120 10.48 -10.31 9.64
N ASP A 121 11.56 -10.85 10.24
CA ASP A 121 12.97 -10.47 10.01
C ASP A 121 13.49 -10.93 8.62
N LYS A 122 12.88 -10.39 7.56
CA LYS A 122 12.98 -10.82 6.16
C LYS A 122 12.90 -9.61 5.19
N GLY A 123 13.54 -9.72 4.03
CA GLY A 123 13.47 -8.73 2.94
C GLY A 123 14.25 -9.13 1.68
N GLY A 124 14.08 -8.35 0.61
CA GLY A 124 14.76 -8.52 -0.68
C GLY A 124 14.27 -7.53 -1.76
N ASN A 125 15.01 -7.43 -2.86
CA ASN A 125 14.77 -6.47 -3.96
C ASN A 125 15.12 -7.00 -5.37
N ASP A 126 15.34 -8.32 -5.50
CA ASP A 126 15.72 -9.03 -6.74
C ASP A 126 15.19 -10.47 -6.82
N LEU A 13 14.08 3.31 20.92
CA LEU A 13 14.94 3.58 19.73
C LEU A 13 15.72 2.31 19.34
N GLY A 14 15.27 1.63 18.27
CA GLY A 14 15.95 0.45 17.69
C GLY A 14 15.06 -0.38 16.76
N VAL A 15 15.68 -1.27 15.98
CA VAL A 15 15.01 -2.22 15.05
C VAL A 15 15.78 -3.55 15.05
N PHE A 16 15.04 -4.67 14.97
CA PHE A 16 15.57 -6.04 14.99
C PHE A 16 14.80 -6.94 13.99
N GLY A 17 15.28 -8.19 13.79
CA GLY A 17 14.71 -9.13 12.82
C GLY A 17 15.29 -10.54 12.95
N GLU A 18 15.50 -11.03 14.18
CA GLU A 18 16.20 -12.29 14.48
C GLU A 18 15.37 -13.58 14.33
N ARG A 19 14.20 -13.50 13.67
CA ARG A 19 13.20 -14.58 13.52
C ARG A 19 12.69 -14.71 12.07
N PRO A 20 12.12 -15.86 11.66
CA PRO A 20 11.47 -16.01 10.36
C PRO A 20 10.17 -15.17 10.26
N ILE A 21 9.75 -14.85 9.03
CA ILE A 21 8.60 -13.99 8.73
C ILE A 21 7.25 -14.52 9.28
N ALA A 22 6.33 -13.59 9.58
CA ALA A 22 4.98 -13.87 10.09
C ALA A 22 4.00 -12.70 9.82
N ASN A 23 2.71 -12.93 10.08
CA ASN A 23 1.63 -11.93 10.02
C ASN A 23 0.56 -12.19 11.11
N THR A 24 -0.26 -11.18 11.41
CA THR A 24 -1.32 -11.22 12.45
C THR A 24 -2.42 -10.17 12.17
N GLU A 25 -3.39 -10.00 13.09
CA GLU A 25 -4.52 -9.08 12.97
C GLU A 25 -4.83 -8.37 14.31
N TYR A 26 -5.30 -7.12 14.21
CA TYR A 26 -5.67 -6.23 15.33
C TYR A 26 -6.86 -5.32 14.93
N SER A 27 -7.25 -4.37 15.80
CA SER A 27 -8.29 -3.36 15.55
C SER A 27 -7.91 -1.98 16.13
N GLY A 28 -8.74 -0.97 15.86
CA GLY A 28 -8.59 0.42 16.31
C GLY A 28 -9.93 1.15 16.34
N ASP A 29 -10.40 1.50 17.55
CA ASP A 29 -11.75 2.03 17.79
C ASP A 29 -11.83 3.57 17.77
N TYR A 30 -10.70 4.27 17.85
CA TYR A 30 -10.64 5.72 18.06
C TYR A 30 -11.13 6.56 16.86
N ALA A 31 -10.94 6.08 15.63
CA ALA A 31 -11.41 6.69 14.39
C ALA A 31 -11.42 5.64 13.27
N GLN A 32 -12.34 5.75 12.30
CA GLN A 32 -12.44 4.76 11.22
C GLN A 32 -11.20 4.73 10.30
N ARG A 33 -10.44 5.83 10.24
CA ARG A 33 -9.13 5.95 9.55
C ARG A 33 -8.00 5.12 10.19
N ASP A 34 -8.25 4.43 11.30
CA ASP A 34 -7.32 3.46 11.90
C ASP A 34 -7.11 2.18 11.06
N ASP A 35 -7.70 2.07 9.85
CA ASP A 35 -7.48 0.96 8.91
C ASP A 35 -6.01 0.65 8.57
N ALA A 36 -5.08 1.58 8.83
CA ALA A 36 -3.64 1.33 8.80
C ALA A 36 -3.15 0.27 9.83
N LYS A 37 -4.03 -0.23 10.72
CA LYS A 37 -3.78 -1.39 11.59
C LYS A 37 -3.68 -2.74 10.84
N ASP A 38 -4.33 -2.86 9.68
CA ASP A 38 -4.38 -4.09 8.84
C ASP A 38 -3.15 -4.30 7.94
N LEU A 39 -2.14 -3.42 8.02
CA LEU A 39 -1.09 -3.34 7.01
C LEU A 39 -0.04 -4.46 7.05
N SER A 40 0.08 -5.21 8.14
CA SER A 40 0.88 -6.44 8.18
C SER A 40 0.28 -7.62 7.44
N ALA A 41 -0.88 -7.45 6.79
CA ALA A 41 -1.45 -8.43 5.91
C ALA A 41 -0.57 -8.61 4.67
N LYS A 42 -0.56 -9.83 4.17
CA LYS A 42 -0.12 -10.15 2.80
C LYS A 42 -0.99 -9.39 1.79
N ILE A 43 -0.40 -8.89 0.70
CA ILE A 43 -1.13 -8.31 -0.44
C ILE A 43 -2.09 -9.33 -1.08
N GLU A 44 -1.72 -10.60 -0.99
CA GLU A 44 -2.56 -11.78 -1.26
C GLU A 44 -3.91 -11.79 -0.50
N SER A 45 -4.15 -10.90 0.47
CA SER A 45 -5.41 -10.85 1.23
C SER A 45 -6.58 -10.24 0.44
N MET A 46 -6.27 -9.64 -0.72
CA MET A 46 -7.15 -8.81 -1.52
C MET A 46 -7.45 -9.51 -2.87
N ASN A 47 -8.56 -9.16 -3.51
CA ASN A 47 -9.11 -9.86 -4.70
C ASN A 47 -8.36 -9.55 -6.03
N LEU A 48 -7.03 -9.41 -5.95
CA LEU A 48 -6.14 -9.14 -7.09
C LEU A 48 -5.91 -10.36 -7.99
N SER A 49 -5.62 -10.10 -9.27
CA SER A 49 -4.92 -11.02 -10.17
C SER A 49 -3.50 -11.32 -9.65
N ALA A 50 -2.97 -12.51 -9.96
CA ALA A 50 -1.61 -12.88 -9.58
C ALA A 50 -0.52 -11.98 -10.17
N ARG A 51 -0.75 -11.35 -11.35
CA ARG A 51 0.23 -10.45 -11.99
C ARG A 51 0.59 -9.24 -11.11
N CYS A 52 -0.40 -8.71 -10.38
CA CYS A 52 -0.23 -7.71 -9.33
C CYS A 52 0.76 -8.18 -8.26
N PHE A 53 0.54 -9.38 -7.71
CA PHE A 53 1.42 -9.93 -6.69
C PHE A 53 2.81 -10.29 -7.23
N ASN A 54 2.90 -10.72 -8.49
CA ASN A 54 4.14 -11.09 -9.17
C ASN A 54 5.03 -9.86 -9.36
N CYS A 55 4.43 -8.70 -9.66
CA CYS A 55 5.14 -7.42 -9.65
C CYS A 55 5.67 -7.09 -8.25
N LEU A 56 4.77 -7.00 -7.27
CA LEU A 56 5.03 -6.57 -5.88
C LEU A 56 6.09 -7.46 -5.20
N ASP A 57 6.06 -8.77 -5.42
CA ASP A 57 7.07 -9.71 -4.91
C ASP A 57 8.48 -9.58 -5.52
N LYS A 58 8.64 -9.09 -6.76
CA LYS A 58 9.96 -9.01 -7.44
C LYS A 58 10.83 -7.85 -6.93
N ILE A 59 10.17 -6.72 -6.66
CA ILE A 59 10.72 -5.55 -5.96
C ILE A 59 10.85 -5.77 -4.45
N GLY A 60 10.06 -6.71 -3.91
CA GLY A 60 10.14 -7.19 -2.54
C GLY A 60 9.05 -6.63 -1.60
N ILE A 61 8.06 -5.93 -2.15
CA ILE A 61 6.83 -5.49 -1.47
C ILE A 61 5.92 -6.72 -1.29
N LYS A 62 5.98 -7.39 -0.13
CA LYS A 62 5.26 -8.64 0.18
C LYS A 62 4.01 -8.44 1.03
N TYR A 63 3.85 -7.26 1.62
CA TYR A 63 2.73 -6.89 2.50
C TYR A 63 2.05 -5.58 2.13
N VAL A 64 0.82 -5.42 2.60
CA VAL A 64 0.00 -4.23 2.36
C VAL A 64 0.69 -2.98 2.88
N GLY A 65 1.41 -3.06 4.01
CA GLY A 65 2.20 -1.99 4.61
C GLY A 65 3.20 -1.39 3.64
N GLU A 66 3.87 -2.24 2.86
CA GLU A 66 4.86 -1.80 1.87
C GLU A 66 4.24 -1.39 0.52
N LEU A 67 3.05 -1.88 0.11
CA LEU A 67 2.29 -1.22 -0.97
C LEU A 67 1.86 0.18 -0.47
N VAL A 68 1.34 0.31 0.76
CA VAL A 68 0.94 1.58 1.36
C VAL A 68 2.14 2.58 1.42
N LEU A 69 3.34 2.09 1.74
CA LEU A 69 4.59 2.87 1.70
C LEU A 69 5.09 3.17 0.29
N MET A 70 4.74 2.37 -0.72
CA MET A 70 4.82 2.70 -2.13
C MET A 70 3.94 3.91 -2.51
N SER A 71 4.45 5.11 -2.20
CA SER A 71 3.98 6.39 -2.77
C SER A 71 3.85 6.28 -4.30
N GLU A 72 2.92 7.05 -4.89
CA GLU A 72 2.50 6.86 -6.30
C GLU A 72 3.68 6.85 -7.30
N GLU A 73 4.71 7.68 -7.08
CA GLU A 73 5.91 7.76 -7.92
C GLU A 73 6.80 6.49 -7.86
N GLU A 74 6.94 5.87 -6.67
CA GLU A 74 7.50 4.52 -6.54
C GLU A 74 6.65 3.51 -7.29
N LEU A 75 5.33 3.57 -7.07
CA LEU A 75 4.35 2.66 -7.64
C LEU A 75 4.36 2.61 -9.18
N LYS A 76 4.39 3.77 -9.85
CA LYS A 76 4.62 3.92 -11.30
C LYS A 76 6.00 3.43 -11.76
N GLY A 77 6.91 3.13 -10.84
CA GLY A 77 8.33 2.88 -11.06
C GLY A 77 8.78 1.41 -11.02
N VAL A 78 7.91 0.42 -10.71
CA VAL A 78 8.22 -0.99 -10.98
C VAL A 78 8.52 -1.25 -12.47
N LYS A 79 9.15 -2.39 -12.79
CA LYS A 79 9.60 -2.71 -14.16
C LYS A 79 8.59 -3.45 -15.04
N ASN A 80 7.59 -4.12 -14.44
CA ASN A 80 6.62 -4.99 -15.14
C ASN A 80 5.17 -4.67 -14.73
N MET A 81 4.87 -3.40 -14.45
CA MET A 81 3.64 -3.00 -13.75
C MET A 81 2.35 -3.54 -14.40
N GLY A 82 2.18 -3.27 -15.70
CA GLY A 82 0.90 -3.40 -16.43
C GLY A 82 -0.20 -2.42 -15.95
N LYS A 83 -0.82 -1.69 -16.89
CA LYS A 83 -1.83 -0.65 -16.59
C LYS A 83 -3.07 -1.20 -15.85
N LYS A 84 -3.63 -2.31 -16.31
CA LYS A 84 -4.76 -3.01 -15.68
C LYS A 84 -4.42 -3.44 -14.25
N SER A 85 -3.27 -4.08 -14.07
CA SER A 85 -2.78 -4.58 -12.79
C SER A 85 -2.57 -3.46 -11.76
N TYR A 86 -1.97 -2.33 -12.14
CA TYR A 86 -1.84 -1.15 -11.28
C TYR A 86 -3.19 -0.58 -10.83
N ASP A 87 -4.17 -0.52 -11.73
CA ASP A 87 -5.50 0.01 -11.43
C ASP A 87 -6.23 -0.81 -10.37
N GLU A 88 -6.20 -2.16 -10.47
CA GLU A 88 -6.74 -3.02 -9.42
C GLU A 88 -5.87 -3.06 -8.15
N ILE A 89 -4.54 -2.97 -8.26
CA ILE A 89 -3.62 -2.71 -7.13
C ILE A 89 -4.12 -1.54 -6.30
N ALA A 90 -4.33 -0.41 -6.97
CA ALA A 90 -4.74 0.84 -6.36
C ALA A 90 -6.18 0.78 -5.81
N GLU A 91 -7.10 0.07 -6.47
CA GLU A 91 -8.49 -0.09 -6.01
C GLU A 91 -8.62 -1.06 -4.81
N LYS A 92 -7.89 -2.19 -4.78
CA LYS A 92 -7.87 -3.07 -3.60
C LYS A 92 -7.15 -2.40 -2.42
N LEU A 93 -6.10 -1.62 -2.66
CA LEU A 93 -5.52 -0.76 -1.62
C LEU A 93 -6.53 0.31 -1.11
N ASN A 94 -7.31 0.93 -2.02
CA ASN A 94 -8.42 1.82 -1.69
C ASN A 94 -9.51 1.15 -0.83
N ASP A 95 -9.82 -0.13 -1.05
CA ASP A 95 -10.84 -0.87 -0.29
C ASP A 95 -10.55 -0.95 1.23
N LEU A 96 -9.28 -0.86 1.65
CA LEU A 96 -8.93 -0.68 3.07
C LEU A 96 -9.46 0.65 3.66
N GLY A 97 -9.44 1.73 2.86
CA GLY A 97 -9.84 3.08 3.28
C GLY A 97 -9.04 4.21 2.61
N TYR A 98 -7.88 3.93 2.01
CA TYR A 98 -6.94 4.92 1.47
C TYR A 98 -6.52 4.53 0.04
N PRO A 99 -6.88 5.31 -1.01
CA PRO A 99 -6.46 5.09 -2.39
C PRO A 99 -4.96 5.37 -2.54
N VAL A 100 -4.17 4.36 -2.95
CA VAL A 100 -2.71 4.39 -2.84
C VAL A 100 -2.03 5.62 -3.43
N GLY A 101 -1.06 6.15 -2.68
CA GLY A 101 0.01 7.00 -3.20
C GLY A 101 -0.20 8.51 -3.06
N THR A 102 -1.37 8.95 -2.58
CA THR A 102 -1.63 10.37 -2.31
C THR A 102 -0.66 10.95 -1.27
N GLU A 103 -0.40 12.26 -1.32
CA GLU A 103 0.61 12.96 -0.51
C GLU A 103 0.04 14.31 -0.05
N LEU A 104 -0.12 14.44 1.28
CA LEU A 104 -0.75 15.57 1.95
C LEU A 104 0.14 16.04 3.11
N SER A 105 0.25 15.17 4.13
CA SER A 105 1.09 15.33 5.35
C SER A 105 1.44 13.95 5.94
N PRO A 106 2.04 13.02 5.17
CA PRO A 106 2.03 11.57 5.45
C PRO A 106 3.07 11.10 6.48
N GLU A 107 3.46 11.96 7.41
CA GLU A 107 4.55 11.74 8.39
C GLU A 107 4.40 10.46 9.23
N GLN A 108 3.17 9.98 9.44
CA GLN A 108 2.86 8.69 10.10
C GLN A 108 3.47 7.47 9.39
N ARG A 109 3.79 7.57 8.09
CA ARG A 109 4.43 6.49 7.30
C ARG A 109 5.82 6.11 7.82
N GLU A 110 6.53 7.03 8.48
CA GLU A 110 7.83 6.74 9.12
C GLU A 110 7.68 5.68 10.23
N SER A 111 6.64 5.81 11.06
CA SER A 111 6.27 4.82 12.09
C SER A 111 5.89 3.47 11.48
N LEU A 112 5.11 3.47 10.38
CA LEU A 112 4.77 2.25 9.64
C LEU A 112 6.01 1.51 9.13
N LYS A 113 7.03 2.20 8.60
CA LYS A 113 8.22 1.55 8.03
C LYS A 113 9.01 0.81 9.12
N LYS A 114 9.14 1.38 10.33
CA LYS A 114 9.73 0.73 11.50
C LYS A 114 8.88 -0.45 11.99
N ARG A 115 7.56 -0.26 12.09
CA ARG A 115 6.59 -1.31 12.46
C ARG A 115 6.60 -2.49 11.47
N LEU A 116 6.76 -2.20 10.18
CA LEU A 116 6.88 -3.18 9.10
C LEU A 116 8.10 -4.08 9.27
N GLU A 117 9.27 -3.51 9.58
CA GLU A 117 10.48 -4.28 9.89
C GLU A 117 10.30 -5.17 11.14
N LYS A 118 9.57 -4.68 12.16
CA LYS A 118 9.19 -5.43 13.36
C LYS A 118 8.16 -6.55 13.15
N LEU A 119 7.46 -6.63 12.00
CA LEU A 119 6.55 -7.76 11.71
C LEU A 119 7.29 -9.11 11.68
N GLU A 120 8.44 -9.14 11.00
CA GLU A 120 9.36 -10.29 10.97
C GLU A 120 9.87 -10.65 12.38
N ASP A 121 10.28 -9.66 13.17
CA ASP A 121 10.79 -9.83 14.54
C ASP A 121 9.76 -10.42 15.54
N LYS A 122 8.47 -10.43 15.18
CA LYS A 122 7.35 -10.97 15.97
C LYS A 122 6.91 -12.38 15.53
N GLY A 123 7.63 -12.98 14.57
CA GLY A 123 7.48 -14.39 14.19
C GLY A 123 8.06 -15.39 15.21
N GLY A 124 8.37 -16.61 14.76
CA GLY A 124 8.97 -17.65 15.62
C GLY A 124 9.40 -18.93 14.89
N ASN A 125 8.61 -19.41 13.93
CA ASN A 125 8.90 -20.59 13.10
C ASN A 125 8.48 -20.37 11.64
N ASP A 126 9.22 -20.96 10.71
CA ASP A 126 8.95 -20.95 9.25
C ASP A 126 7.68 -21.74 8.84
N LEU A 13 26.82 41.30 20.17
CA LEU A 13 27.16 42.27 19.09
C LEU A 13 26.04 42.34 18.04
N GLY A 14 25.92 41.36 17.13
CA GLY A 14 24.97 41.41 16.01
C GLY A 14 24.60 40.05 15.39
N VAL A 15 24.64 38.96 16.17
CA VAL A 15 24.21 37.61 15.73
C VAL A 15 22.70 37.60 15.51
N PHE A 16 22.26 37.39 14.26
CA PHE A 16 20.85 37.37 13.86
C PHE A 16 20.62 36.54 12.58
N GLY A 17 19.41 35.98 12.44
CA GLY A 17 18.92 35.31 11.23
C GLY A 17 17.61 34.56 11.46
N GLU A 18 16.84 34.32 10.39
CA GLU A 18 15.57 33.59 10.42
C GLU A 18 15.23 32.99 9.04
N ARG A 19 14.48 31.87 9.01
CA ARG A 19 14.01 31.16 7.80
C ARG A 19 12.58 30.61 8.00
N PRO A 20 11.78 30.45 6.92
CA PRO A 20 10.38 30.00 7.02
C PRO A 20 10.23 28.50 7.34
N ILE A 21 11.14 27.65 6.85
CA ILE A 21 11.28 26.20 7.07
C ILE A 21 9.97 25.38 7.09
N ALA A 22 8.97 25.75 6.28
CA ALA A 22 7.66 25.08 6.22
C ALA A 22 7.08 25.10 4.79
N ASN A 23 6.58 23.93 4.35
CA ASN A 23 5.88 23.70 3.09
C ASN A 23 4.81 22.59 3.28
N THR A 24 3.70 22.67 2.55
CA THR A 24 2.51 21.81 2.71
C THR A 24 1.80 21.52 1.38
N GLU A 25 0.90 20.54 1.38
CA GLU A 25 0.07 20.14 0.23
C GLU A 25 -1.32 19.66 0.70
N TYR A 26 -2.33 19.77 -0.16
CA TYR A 26 -3.75 19.55 0.13
C TYR A 26 -4.50 18.86 -1.04
N SER A 27 -3.79 18.04 -1.82
CA SER A 27 -4.33 17.31 -2.99
C SER A 27 -5.42 16.26 -2.65
N GLY A 28 -5.63 15.96 -1.37
CA GLY A 28 -6.71 15.12 -0.85
C GLY A 28 -6.83 15.22 0.68
N ASP A 29 -7.82 14.52 1.25
CA ASP A 29 -7.99 14.40 2.71
C ASP A 29 -6.88 13.54 3.36
N TYR A 30 -6.69 13.69 4.68
CA TYR A 30 -5.69 12.95 5.46
C TYR A 30 -5.97 11.44 5.61
N ALA A 31 -7.21 11.00 5.30
CA ALA A 31 -7.71 9.63 5.47
C ALA A 31 -7.65 9.22 6.95
N GLN A 32 -8.21 10.09 7.81
CA GLN A 32 -7.98 10.13 9.25
C GLN A 32 -8.77 9.04 10.01
N ARG A 33 -8.44 7.77 9.76
CA ARG A 33 -9.15 6.56 10.24
C ARG A 33 -8.16 5.44 10.61
N ASP A 34 -8.57 4.55 11.52
CA ASP A 34 -7.73 3.51 12.13
C ASP A 34 -7.30 2.36 11.19
N ASP A 35 -7.79 2.30 9.95
CA ASP A 35 -7.50 1.22 8.99
C ASP A 35 -6.01 0.99 8.67
N ALA A 36 -5.12 1.95 8.94
CA ALA A 36 -3.67 1.71 8.86
C ALA A 36 -3.13 0.70 9.91
N LYS A 37 -3.99 0.19 10.82
CA LYS A 37 -3.69 -0.99 11.66
C LYS A 37 -3.61 -2.31 10.87
N ASP A 38 -4.31 -2.43 9.74
CA ASP A 38 -4.36 -3.65 8.90
C ASP A 38 -3.15 -3.82 7.95
N LEU A 39 -2.15 -2.94 8.05
CA LEU A 39 -1.00 -2.88 7.14
C LEU A 39 0.00 -4.04 7.29
N SER A 40 -0.10 -4.82 8.35
CA SER A 40 0.60 -6.09 8.52
C SER A 40 0.05 -7.24 7.67
N ALA A 41 -1.04 -7.03 6.91
CA ALA A 41 -1.61 -8.04 6.04
C ALA A 41 -0.75 -8.24 4.78
N LYS A 42 -0.83 -9.44 4.25
CA LYS A 42 -0.36 -9.79 2.90
C LYS A 42 -1.18 -9.05 1.84
N ILE A 43 -0.55 -8.62 0.74
CA ILE A 43 -1.24 -8.02 -0.41
C ILE A 43 -2.17 -9.02 -1.11
N GLU A 44 -1.77 -10.29 -1.08
CA GLU A 44 -2.60 -11.46 -1.46
C GLU A 44 -3.92 -11.56 -0.65
N SER A 45 -4.12 -10.75 0.40
CA SER A 45 -5.36 -10.77 1.21
C SER A 45 -6.52 -10.06 0.50
N MET A 46 -6.22 -9.37 -0.62
CA MET A 46 -7.13 -8.48 -1.33
C MET A 46 -7.59 -9.06 -2.68
N ASN A 47 -7.44 -10.37 -2.89
CA ASN A 47 -7.87 -11.14 -4.07
C ASN A 47 -7.37 -10.58 -5.43
N LEU A 48 -6.17 -9.98 -5.45
CA LEU A 48 -5.48 -9.53 -6.67
C LEU A 48 -5.18 -10.68 -7.66
N SER A 49 -5.03 -10.33 -8.94
CA SER A 49 -4.42 -11.20 -9.96
C SER A 49 -2.99 -11.58 -9.59
N ALA A 50 -2.54 -12.78 -9.99
CA ALA A 50 -1.17 -13.21 -9.74
C ALA A 50 -0.13 -12.33 -10.41
N ARG A 51 -0.37 -11.80 -11.63
CA ARG A 51 0.59 -10.90 -12.32
C ARG A 51 0.83 -9.62 -11.50
N CYS A 52 -0.25 -9.06 -10.96
CA CYS A 52 -0.24 -7.97 -9.99
C CYS A 52 0.58 -8.31 -8.74
N PHE A 53 0.34 -9.47 -8.12
CA PHE A 53 1.11 -9.87 -6.94
C PHE A 53 2.58 -10.18 -7.28
N ASN A 54 2.88 -10.66 -8.49
CA ASN A 54 4.23 -11.02 -8.93
C ASN A 54 5.08 -9.76 -9.15
N CYS A 55 4.49 -8.66 -9.63
CA CYS A 55 5.16 -7.36 -9.66
C CYS A 55 5.64 -6.97 -8.25
N LEU A 56 4.69 -6.93 -7.32
CA LEU A 56 4.85 -6.54 -5.91
C LEU A 56 5.90 -7.42 -5.20
N ASP A 57 5.83 -8.74 -5.38
CA ASP A 57 6.84 -9.69 -4.89
C ASP A 57 8.28 -9.48 -5.44
N LYS A 58 8.44 -9.02 -6.69
CA LYS A 58 9.77 -8.92 -7.34
C LYS A 58 10.58 -7.70 -6.91
N ILE A 59 9.89 -6.58 -6.69
CA ILE A 59 10.42 -5.37 -6.04
C ILE A 59 10.56 -5.52 -4.52
N GLY A 60 9.81 -6.48 -3.95
CA GLY A 60 9.85 -6.81 -2.53
C GLY A 60 8.82 -6.09 -1.67
N ILE A 61 7.77 -5.53 -2.28
CA ILE A 61 6.53 -5.11 -1.62
C ILE A 61 5.67 -6.37 -1.38
N LYS A 62 5.69 -6.90 -0.16
CA LYS A 62 5.06 -8.20 0.21
C LYS A 62 3.86 -8.05 1.14
N TYR A 63 3.66 -6.85 1.71
CA TYR A 63 2.53 -6.52 2.58
C TYR A 63 1.80 -5.24 2.18
N VAL A 64 0.56 -5.10 2.65
CA VAL A 64 -0.27 -3.92 2.42
C VAL A 64 0.45 -2.66 2.90
N GLY A 65 1.10 -2.74 4.07
CA GLY A 65 1.99 -1.71 4.61
C GLY A 65 3.06 -1.24 3.64
N GLU A 66 3.71 -2.20 3.00
CA GLU A 66 4.76 -1.99 2.00
C GLU A 66 4.23 -1.38 0.69
N LEU A 67 3.04 -1.77 0.21
CA LEU A 67 2.37 -1.04 -0.90
C LEU A 67 1.99 0.37 -0.41
N VAL A 68 1.41 0.53 0.79
CA VAL A 68 1.03 1.82 1.38
C VAL A 68 2.24 2.77 1.46
N LEU A 69 3.44 2.24 1.73
CA LEU A 69 4.73 2.95 1.71
C LEU A 69 5.33 3.13 0.30
N MET A 70 4.90 2.36 -0.69
CA MET A 70 5.03 2.65 -2.11
C MET A 70 4.18 3.88 -2.52
N SER A 71 4.72 5.07 -2.22
CA SER A 71 4.28 6.34 -2.82
C SER A 71 4.14 6.24 -4.34
N GLU A 72 3.22 7.01 -4.92
CA GLU A 72 2.79 6.90 -6.32
C GLU A 72 3.96 6.90 -7.32
N GLU A 73 5.00 7.70 -7.09
CA GLU A 73 6.21 7.79 -7.90
C GLU A 73 7.05 6.49 -7.90
N GLU A 74 7.14 5.78 -6.77
CA GLU A 74 7.69 4.41 -6.72
C GLU A 74 6.75 3.45 -7.45
N LEU A 75 5.46 3.55 -7.18
CA LEU A 75 4.41 2.67 -7.70
C LEU A 75 4.34 2.62 -9.23
N LYS A 76 4.37 3.78 -9.89
CA LYS A 76 4.52 3.94 -11.35
C LYS A 76 5.89 3.48 -11.90
N GLY A 77 6.83 3.15 -11.00
CA GLY A 77 8.25 2.93 -11.30
C GLY A 77 8.73 1.47 -11.21
N VAL A 78 7.89 0.49 -10.86
CA VAL A 78 8.21 -0.94 -11.09
C VAL A 78 8.51 -1.23 -12.58
N LYS A 79 9.10 -2.39 -12.87
CA LYS A 79 9.61 -2.73 -14.23
C LYS A 79 8.60 -3.35 -15.19
N ASN A 80 7.58 -4.03 -14.69
CA ASN A 80 6.59 -4.78 -15.48
C ASN A 80 5.16 -4.52 -14.99
N MET A 81 4.86 -3.26 -14.63
CA MET A 81 3.63 -2.91 -13.89
C MET A 81 2.35 -3.45 -14.52
N GLY A 82 2.13 -3.15 -15.81
CA GLY A 82 0.85 -3.33 -16.52
C GLY A 82 -0.29 -2.40 -16.04
N LYS A 83 -1.11 -1.90 -16.97
CA LYS A 83 -2.20 -0.92 -16.71
C LYS A 83 -3.28 -1.48 -15.76
N LYS A 84 -3.90 -2.60 -16.13
CA LYS A 84 -4.97 -3.26 -15.35
C LYS A 84 -4.50 -3.70 -13.97
N SER A 85 -3.27 -4.22 -13.90
CA SER A 85 -2.57 -4.60 -12.65
C SER A 85 -2.40 -3.42 -11.68
N TYR A 86 -1.91 -2.26 -12.14
CA TYR A 86 -1.82 -1.07 -11.30
C TYR A 86 -3.21 -0.56 -10.86
N ASP A 87 -4.22 -0.62 -11.75
CA ASP A 87 -5.59 -0.22 -11.42
C ASP A 87 -6.18 -1.08 -10.28
N GLU A 88 -6.06 -2.41 -10.34
CA GLU A 88 -6.48 -3.28 -9.24
C GLU A 88 -5.61 -3.14 -7.97
N ILE A 89 -4.30 -2.86 -8.09
CA ILE A 89 -3.45 -2.40 -6.97
C ILE A 89 -4.11 -1.23 -6.26
N ALA A 90 -4.41 -0.18 -7.01
CA ALA A 90 -4.86 1.08 -6.45
C ALA A 90 -6.31 1.00 -5.91
N GLU A 91 -7.20 0.26 -6.57
CA GLU A 91 -8.57 0.02 -6.09
C GLU A 91 -8.63 -0.90 -4.87
N LYS A 92 -7.82 -1.96 -4.79
CA LYS A 92 -7.75 -2.82 -3.59
C LYS A 92 -7.03 -2.14 -2.43
N LEU A 93 -6.01 -1.32 -2.71
CA LEU A 93 -5.44 -0.44 -1.68
C LEU A 93 -6.46 0.60 -1.19
N ASN A 94 -7.28 1.19 -2.09
CA ASN A 94 -8.42 2.04 -1.72
C ASN A 94 -9.45 1.33 -0.82
N ASP A 95 -9.73 0.05 -1.05
CA ASP A 95 -10.65 -0.74 -0.24
C ASP A 95 -10.24 -0.83 1.25
N LEU A 96 -8.96 -0.61 1.58
CA LEU A 96 -8.50 -0.37 2.96
C LEU A 96 -9.26 0.79 3.66
N GLY A 97 -9.45 1.89 2.92
CA GLY A 97 -9.88 3.20 3.43
C GLY A 97 -9.08 4.37 2.84
N TYR A 98 -7.89 4.11 2.24
CA TYR A 98 -6.98 5.12 1.69
C TYR A 98 -6.56 4.72 0.25
N PRO A 99 -6.96 5.48 -0.80
CA PRO A 99 -6.52 5.25 -2.18
C PRO A 99 -5.04 5.58 -2.37
N VAL A 100 -4.25 4.64 -2.92
CA VAL A 100 -2.82 4.83 -3.11
C VAL A 100 -2.46 6.04 -3.99
N GLY A 101 -1.56 6.88 -3.48
CA GLY A 101 -1.15 8.15 -4.11
C GLY A 101 -1.69 9.43 -3.44
N THR A 102 -2.52 9.30 -2.40
CA THR A 102 -2.99 10.39 -1.53
C THR A 102 -1.96 10.58 -0.40
N GLU A 103 -0.87 11.29 -0.73
CA GLU A 103 0.42 11.29 0.01
C GLU A 103 0.89 12.71 0.39
N LEU A 104 -0.07 13.60 0.61
CA LEU A 104 0.09 15.04 0.87
C LEU A 104 0.67 15.41 2.25
N SER A 105 0.61 14.53 3.24
CA SER A 105 1.24 14.67 4.57
C SER A 105 1.43 13.33 5.30
N PRO A 106 2.16 12.36 4.69
CA PRO A 106 2.10 10.93 5.01
C PRO A 106 3.00 10.53 6.19
N GLU A 107 3.28 11.44 7.13
CA GLU A 107 4.30 11.30 8.19
C GLU A 107 4.18 10.05 9.08
N GLN A 108 3.00 9.42 9.14
CA GLN A 108 2.80 8.06 9.69
C GLN A 108 3.74 7.00 9.08
N ARG A 109 4.31 7.24 7.89
CA ARG A 109 5.42 6.47 7.28
C ARG A 109 6.57 6.19 8.25
N GLU A 110 6.94 7.16 9.09
CA GLU A 110 8.05 7.06 10.02
C GLU A 110 7.88 5.94 11.06
N SER A 111 6.68 5.83 11.67
CA SER A 111 6.33 4.76 12.60
C SER A 111 5.94 3.47 11.89
N LEU A 112 5.27 3.54 10.73
CA LEU A 112 4.90 2.39 9.92
C LEU A 112 6.11 1.56 9.50
N LYS A 113 7.20 2.18 9.00
CA LYS A 113 8.44 1.47 8.68
C LYS A 113 8.94 0.60 9.84
N LYS A 114 9.08 1.17 11.04
CA LYS A 114 9.54 0.44 12.23
C LYS A 114 8.62 -0.70 12.65
N ARG A 115 7.30 -0.53 12.50
CA ARG A 115 6.30 -1.60 12.63
C ARG A 115 6.51 -2.68 11.56
N LEU A 116 6.71 -2.29 10.29
CA LEU A 116 6.82 -3.22 9.17
C LEU A 116 8.09 -4.07 9.21
N GLU A 117 9.22 -3.49 9.60
CA GLU A 117 10.48 -4.22 9.84
C GLU A 117 10.37 -5.29 10.94
N LYS A 118 9.28 -5.29 11.73
CA LYS A 118 8.97 -6.24 12.80
C LYS A 118 7.79 -7.18 12.49
N LEU A 119 7.25 -7.18 11.26
CA LEU A 119 6.38 -8.26 10.77
C LEU A 119 7.13 -9.59 10.72
N GLU A 120 8.36 -9.56 10.19
CA GLU A 120 9.32 -10.66 10.22
C GLU A 120 10.77 -10.11 10.30
N ASP A 121 11.41 -10.27 11.46
CA ASP A 121 12.81 -9.87 11.71
C ASP A 121 13.81 -10.86 11.08
N LYS A 122 13.75 -10.99 9.74
CA LYS A 122 14.45 -12.00 8.93
C LYS A 122 15.97 -12.08 9.13
N GLY A 123 16.64 -10.97 9.44
CA GLY A 123 18.08 -10.87 9.65
C GLY A 123 18.67 -9.51 9.26
N GLY A 124 20.00 -9.38 9.38
CA GLY A 124 20.78 -8.17 9.03
C GLY A 124 21.16 -8.08 7.55
N ASN A 125 20.27 -8.50 6.65
CA ASN A 125 20.52 -8.64 5.21
C ASN A 125 20.75 -7.31 4.46
N ASP A 126 20.29 -6.18 5.03
CA ASP A 126 20.35 -4.80 4.49
C ASP A 126 20.14 -4.67 2.97
N LEU A 13 -45.67 10.41 -39.27
CA LEU A 13 -44.40 10.58 -38.50
C LEU A 13 -44.37 9.64 -37.29
N GLY A 14 -43.25 8.94 -37.08
CA GLY A 14 -42.99 8.15 -35.86
C GLY A 14 -41.84 7.14 -36.02
N VAL A 15 -41.92 6.28 -37.04
CA VAL A 15 -40.94 5.25 -37.46
C VAL A 15 -40.25 4.46 -36.31
N PHE A 16 -40.96 4.26 -35.20
CA PHE A 16 -40.45 3.68 -33.93
C PHE A 16 -39.10 4.29 -33.46
N GLY A 17 -38.91 5.60 -33.65
CA GLY A 17 -37.69 6.34 -33.28
C GLY A 17 -37.93 7.45 -32.25
N GLU A 18 -36.95 7.66 -31.38
CA GLU A 18 -36.94 8.69 -30.33
C GLU A 18 -35.49 9.03 -29.91
N ARG A 19 -35.26 10.23 -29.36
CA ARG A 19 -33.93 10.70 -28.91
C ARG A 19 -33.44 9.94 -27.66
N PRO A 20 -32.13 9.72 -27.49
CA PRO A 20 -31.55 9.12 -26.29
C PRO A 20 -31.56 10.09 -25.09
N ILE A 21 -31.33 9.54 -23.89
CA ILE A 21 -31.24 10.28 -22.60
C ILE A 21 -30.05 9.71 -21.80
N ALA A 22 -29.27 10.60 -21.18
CA ALA A 22 -28.09 10.25 -20.37
C ALA A 22 -27.88 11.21 -19.18
N ASN A 23 -27.10 10.78 -18.19
CA ASN A 23 -26.77 11.50 -16.96
C ASN A 23 -25.31 11.22 -16.51
N THR A 24 -24.82 11.94 -15.51
CA THR A 24 -23.48 11.74 -14.91
C THR A 24 -23.47 12.08 -13.42
N GLU A 25 -22.56 11.46 -12.66
CA GLU A 25 -22.41 11.55 -11.20
C GLU A 25 -20.93 11.41 -10.79
N TYR A 26 -20.61 11.76 -9.52
CA TYR A 26 -19.28 11.60 -8.91
C TYR A 26 -19.39 11.27 -7.42
N SER A 27 -18.43 10.49 -6.89
CA SER A 27 -18.43 9.95 -5.52
C SER A 27 -17.01 9.81 -4.95
N GLY A 28 -16.92 9.69 -3.63
CA GLY A 28 -15.66 9.46 -2.87
C GLY A 28 -15.89 9.29 -1.36
N ASP A 29 -14.82 9.03 -0.62
CA ASP A 29 -14.83 8.82 0.84
C ASP A 29 -13.61 9.46 1.51
N TYR A 30 -13.83 10.15 2.63
CA TYR A 30 -12.78 10.84 3.41
C TYR A 30 -11.89 9.86 4.20
N ALA A 31 -12.50 8.85 4.82
CA ALA A 31 -11.88 7.80 5.64
C ALA A 31 -12.86 6.61 5.79
N GLN A 32 -12.48 5.57 6.55
CA GLN A 32 -13.41 4.52 7.00
C GLN A 32 -13.26 4.22 8.50
N ARG A 33 -12.03 3.91 8.95
CA ARG A 33 -11.57 3.81 10.36
C ARG A 33 -10.03 3.71 10.39
N ASP A 34 -9.45 3.20 11.48
CA ASP A 34 -8.00 3.03 11.71
C ASP A 34 -7.35 1.89 10.86
N ASP A 35 -7.77 1.72 9.60
CA ASP A 35 -7.34 0.63 8.71
C ASP A 35 -5.82 0.56 8.46
N ALA A 36 -5.06 1.66 8.69
CA ALA A 36 -3.60 1.65 8.64
C ALA A 36 -2.94 0.79 9.76
N LYS A 37 -3.71 0.16 10.66
CA LYS A 37 -3.24 -0.88 11.60
C LYS A 37 -3.29 -2.31 11.02
N ASP A 38 -3.92 -2.53 9.86
CA ASP A 38 -3.96 -3.81 9.13
C ASP A 38 -2.83 -3.96 8.09
N LEU A 39 -1.87 -3.03 8.09
CA LEU A 39 -0.77 -2.98 7.11
C LEU A 39 0.28 -4.08 7.28
N SER A 40 0.29 -4.76 8.41
CA SER A 40 1.04 -6.00 8.66
C SER A 40 0.55 -7.21 7.87
N ALA A 41 -0.54 -7.09 7.11
CA ALA A 41 -1.06 -8.14 6.25
C ALA A 41 -0.20 -8.28 4.98
N LYS A 42 -0.18 -9.49 4.44
CA LYS A 42 0.22 -9.78 3.05
C LYS A 42 -0.69 -9.05 2.06
N ILE A 43 -0.15 -8.59 0.93
CA ILE A 43 -0.94 -8.04 -0.18
C ILE A 43 -1.92 -9.06 -0.76
N GLU A 44 -1.58 -10.34 -0.64
CA GLU A 44 -2.45 -11.50 -0.85
C GLU A 44 -3.75 -11.49 0.02
N SER A 45 -3.94 -10.52 0.93
CA SER A 45 -5.20 -10.39 1.71
C SER A 45 -6.36 -9.92 0.83
N MET A 46 -6.05 -9.26 -0.28
CA MET A 46 -6.97 -8.60 -1.19
C MET A 46 -7.50 -9.57 -2.26
N ASN A 47 -8.61 -9.18 -2.89
CA ASN A 47 -9.21 -9.88 -4.06
C ASN A 47 -8.46 -9.57 -5.38
N LEU A 48 -7.12 -9.55 -5.35
CA LEU A 48 -6.25 -9.31 -6.50
C LEU A 48 -6.07 -10.57 -7.36
N SER A 49 -5.93 -10.38 -8.68
CA SER A 49 -5.35 -11.37 -9.61
C SER A 49 -3.83 -11.47 -9.44
N ALA A 50 -3.22 -12.57 -9.86
CA ALA A 50 -1.80 -12.86 -9.60
C ALA A 50 -0.82 -11.86 -10.21
N ARG A 51 -1.12 -11.23 -11.36
CA ARG A 51 -0.23 -10.23 -12.01
C ARG A 51 0.11 -9.08 -11.07
N CYS A 52 -0.89 -8.59 -10.32
CA CYS A 52 -0.75 -7.60 -9.26
C CYS A 52 0.22 -8.06 -8.18
N PHE A 53 0.04 -9.26 -7.64
CA PHE A 53 0.91 -9.77 -6.58
C PHE A 53 2.33 -10.04 -7.09
N ASN A 54 2.47 -10.51 -8.33
CA ASN A 54 3.76 -10.81 -8.97
C ASN A 54 4.55 -9.53 -9.29
N CYS A 55 3.88 -8.46 -9.73
CA CYS A 55 4.46 -7.13 -9.90
C CYS A 55 5.13 -6.62 -8.62
N LEU A 56 4.47 -6.85 -7.48
CA LEU A 56 4.87 -6.45 -6.13
C LEU A 56 5.92 -7.41 -5.52
N ASP A 57 5.82 -8.71 -5.77
CA ASP A 57 6.81 -9.71 -5.37
C ASP A 57 8.16 -9.61 -6.13
N LYS A 58 8.20 -9.11 -7.38
CA LYS A 58 9.42 -9.06 -8.21
C LYS A 58 10.47 -8.06 -7.69
N ILE A 59 9.97 -7.01 -7.04
CA ILE A 59 10.71 -5.93 -6.36
C ILE A 59 10.91 -6.21 -4.86
N GLY A 60 10.03 -7.01 -4.26
CA GLY A 60 10.13 -7.51 -2.89
C GLY A 60 9.04 -6.97 -1.93
N ILE A 61 8.07 -6.21 -2.46
CA ILE A 61 6.91 -5.68 -1.75
C ILE A 61 5.89 -6.82 -1.53
N LYS A 62 5.84 -7.35 -0.31
CA LYS A 62 5.09 -8.56 0.10
C LYS A 62 3.97 -8.26 1.09
N TYR A 63 3.92 -7.06 1.65
CA TYR A 63 2.88 -6.63 2.58
C TYR A 63 2.13 -5.37 2.16
N VAL A 64 0.91 -5.22 2.68
CA VAL A 64 0.05 -4.05 2.45
C VAL A 64 0.78 -2.79 2.91
N GLY A 65 1.48 -2.85 4.05
CA GLY A 65 2.42 -1.84 4.54
C GLY A 65 3.40 -1.37 3.50
N GLU A 66 4.05 -2.30 2.83
CA GLU A 66 5.01 -2.04 1.75
C GLU A 66 4.36 -1.42 0.50
N LEU A 67 3.17 -1.85 0.05
CA LEU A 67 2.44 -1.14 -1.01
C LEU A 67 2.04 0.28 -0.51
N VAL A 68 1.51 0.42 0.71
CA VAL A 68 1.11 1.70 1.29
C VAL A 68 2.29 2.69 1.36
N LEU A 69 3.49 2.19 1.68
CA LEU A 69 4.76 2.94 1.68
C LEU A 69 5.37 3.13 0.28
N MET A 70 4.95 2.36 -0.72
CA MET A 70 5.14 2.63 -2.13
C MET A 70 4.36 3.90 -2.58
N SER A 71 4.94 5.05 -2.25
CA SER A 71 4.51 6.35 -2.77
C SER A 71 4.33 6.31 -4.29
N GLU A 72 3.38 7.08 -4.82
CA GLU A 72 2.91 6.95 -6.22
C GLU A 72 4.04 6.88 -7.27
N GLU A 73 5.09 7.69 -7.10
CA GLU A 73 6.28 7.72 -7.98
C GLU A 73 7.19 6.48 -7.90
N GLU A 74 7.24 5.79 -6.75
CA GLU A 74 7.81 4.44 -6.65
C GLU A 74 6.90 3.46 -7.40
N LEU A 75 5.60 3.54 -7.15
CA LEU A 75 4.57 2.67 -7.65
C LEU A 75 4.50 2.61 -9.19
N LYS A 76 4.54 3.77 -9.86
CA LYS A 76 4.67 3.88 -11.33
C LYS A 76 6.01 3.33 -11.89
N GLY A 77 6.98 3.02 -11.02
CA GLY A 77 8.36 2.73 -11.39
C GLY A 77 8.73 1.24 -11.50
N VAL A 78 7.93 0.29 -10.97
CA VAL A 78 8.28 -1.15 -11.08
C VAL A 78 8.41 -1.61 -12.54
N LYS A 79 9.31 -2.57 -12.79
CA LYS A 79 9.74 -3.01 -14.13
C LYS A 79 8.74 -3.91 -14.90
N ASN A 80 7.55 -4.18 -14.33
CA ASN A 80 6.49 -5.02 -14.90
C ASN A 80 5.08 -4.37 -14.81
N MET A 81 4.97 -3.06 -14.55
CA MET A 81 3.74 -2.36 -14.16
C MET A 81 2.71 -2.11 -15.28
N GLY A 82 2.28 -3.18 -15.98
CA GLY A 82 1.21 -3.15 -16.99
C GLY A 82 -0.09 -2.51 -16.50
N LYS A 83 -0.83 -1.85 -17.41
CA LYS A 83 -1.93 -0.93 -17.07
C LYS A 83 -3.04 -1.50 -16.16
N LYS A 84 -3.47 -2.75 -16.40
CA LYS A 84 -4.51 -3.42 -15.58
C LYS A 84 -4.01 -3.78 -14.18
N SER A 85 -2.73 -4.18 -14.07
CA SER A 85 -2.08 -4.55 -12.82
C SER A 85 -2.09 -3.39 -11.82
N TYR A 86 -1.57 -2.22 -12.21
CA TYR A 86 -1.54 -1.02 -11.35
C TYR A 86 -2.94 -0.51 -10.96
N ASP A 87 -3.89 -0.51 -11.91
CA ASP A 87 -5.26 -0.06 -11.65
C ASP A 87 -5.96 -0.91 -10.58
N GLU A 88 -5.84 -2.24 -10.66
CA GLU A 88 -6.38 -3.17 -9.69
C GLU A 88 -5.62 -3.13 -8.34
N ILE A 89 -4.29 -3.01 -8.37
CA ILE A 89 -3.42 -2.70 -7.22
C ILE A 89 -3.97 -1.50 -6.44
N ALA A 90 -4.18 -0.39 -7.15
CA ALA A 90 -4.62 0.85 -6.56
C ALA A 90 -6.08 0.79 -6.06
N GLU A 91 -6.97 0.07 -6.76
CA GLU A 91 -8.36 -0.14 -6.33
C GLU A 91 -8.47 -0.97 -5.04
N LYS A 92 -7.76 -2.10 -4.91
CA LYS A 92 -7.82 -2.90 -3.68
C LYS A 92 -7.01 -2.29 -2.53
N LEU A 93 -5.99 -1.47 -2.81
CA LEU A 93 -5.42 -0.59 -1.78
C LEU A 93 -6.43 0.47 -1.30
N ASN A 94 -7.18 1.10 -2.24
CA ASN A 94 -8.28 2.01 -1.92
C ASN A 94 -9.39 1.38 -1.06
N ASP A 95 -9.70 0.10 -1.23
CA ASP A 95 -10.71 -0.62 -0.44
C ASP A 95 -10.47 -0.58 1.09
N LEU A 96 -9.20 -0.48 1.52
CA LEU A 96 -8.85 -0.24 2.94
C LEU A 96 -9.33 1.13 3.45
N GLY A 97 -9.40 2.15 2.60
CA GLY A 97 -9.82 3.52 2.94
C GLY A 97 -8.92 4.61 2.37
N TYR A 98 -7.72 4.26 1.90
CA TYR A 98 -6.71 5.19 1.37
C TYR A 98 -6.33 4.75 -0.07
N PRO A 99 -6.74 5.48 -1.12
CA PRO A 99 -6.30 5.22 -2.50
C PRO A 99 -4.81 5.51 -2.66
N VAL A 100 -4.03 4.53 -3.12
CA VAL A 100 -2.57 4.65 -3.17
C VAL A 100 -2.09 5.86 -3.99
N GLY A 101 -1.18 6.63 -3.39
CA GLY A 101 -0.66 7.89 -3.95
C GLY A 101 -1.28 9.17 -3.34
N THR A 102 -2.34 9.05 -2.54
CA THR A 102 -2.91 10.13 -1.71
C THR A 102 -2.06 10.28 -0.45
N GLU A 103 -0.90 10.92 -0.61
CA GLU A 103 0.25 10.92 0.32
C GLU A 103 0.60 12.33 0.87
N LEU A 104 -0.35 13.24 0.76
CA LEU A 104 -0.28 14.66 1.12
C LEU A 104 -0.22 14.99 2.63
N SER A 105 -0.39 13.98 3.49
CA SER A 105 -0.32 14.08 4.96
C SER A 105 0.22 12.76 5.56
N PRO A 106 1.51 12.45 5.32
CA PRO A 106 2.07 11.10 5.45
C PRO A 106 2.70 10.78 6.81
N GLU A 107 2.44 11.57 7.87
CA GLU A 107 3.16 11.51 9.16
C GLU A 107 3.19 10.11 9.82
N GLN A 108 2.18 9.27 9.57
CA GLN A 108 2.14 7.87 10.05
C GLN A 108 3.21 6.96 9.41
N ARG A 109 3.76 7.31 8.23
CA ARG A 109 4.72 6.46 7.50
C ARG A 109 6.04 6.26 8.25
N GLU A 110 6.49 7.27 9.00
CA GLU A 110 7.70 7.15 9.84
C GLU A 110 7.54 6.08 10.94
N SER A 111 6.35 5.99 11.55
CA SER A 111 5.99 4.94 12.51
C SER A 111 5.80 3.59 11.82
N LEU A 112 5.13 3.57 10.66
CA LEU A 112 4.88 2.36 9.87
C LEU A 112 6.16 1.64 9.48
N LYS A 113 7.19 2.34 8.96
CA LYS A 113 8.48 1.73 8.59
C LYS A 113 9.09 0.88 9.71
N LYS A 114 9.15 1.42 10.92
CA LYS A 114 9.70 0.74 12.11
C LYS A 114 8.86 -0.45 12.57
N ARG A 115 7.53 -0.34 12.53
CA ARG A 115 6.61 -1.47 12.74
C ARG A 115 6.78 -2.55 11.66
N LEU A 116 6.95 -2.15 10.39
CA LEU A 116 7.09 -3.07 9.27
C LEU A 116 8.38 -3.92 9.33
N GLU A 117 9.48 -3.29 9.73
CA GLU A 117 10.76 -3.95 10.02
C GLU A 117 10.69 -5.03 11.13
N LYS A 118 9.59 -5.04 11.91
CA LYS A 118 9.32 -5.96 13.01
C LYS A 118 8.18 -6.97 12.73
N LEU A 119 7.64 -6.99 11.51
CA LEU A 119 6.76 -8.09 11.03
C LEU A 119 7.48 -9.44 11.13
N GLU A 120 8.72 -9.49 10.63
CA GLU A 120 9.67 -10.59 10.87
C GLU A 120 11.14 -10.15 10.68
N ASP A 121 12.01 -10.53 11.61
CA ASP A 121 13.45 -10.21 11.60
C ASP A 121 14.25 -10.87 10.45
N LYS A 122 13.66 -11.85 9.76
CA LYS A 122 14.22 -12.53 8.57
C LYS A 122 14.63 -11.52 7.47
N GLY A 123 13.82 -10.48 7.26
CA GLY A 123 14.11 -9.34 6.38
C GLY A 123 14.29 -9.69 4.89
N GLY A 124 14.83 -8.73 4.14
CA GLY A 124 15.14 -8.86 2.70
C GLY A 124 15.74 -7.58 2.11
N ASN A 125 16.23 -7.66 0.87
CA ASN A 125 16.80 -6.53 0.10
C ASN A 125 16.63 -6.73 -1.43
N ASP A 126 16.85 -5.66 -2.20
CA ASP A 126 16.76 -5.61 -3.67
C ASP A 126 17.71 -4.56 -4.29
N LEU A 13 -35.85 44.60 -3.73
CA LEU A 13 -34.92 45.75 -3.88
C LEU A 13 -33.70 45.50 -4.80
N GLY A 14 -33.21 44.26 -4.96
CA GLY A 14 -32.09 43.93 -5.84
C GLY A 14 -31.94 42.42 -6.11
N VAL A 15 -31.02 42.06 -7.03
CA VAL A 15 -30.80 40.68 -7.53
C VAL A 15 -29.32 40.38 -7.78
N PHE A 16 -28.98 39.10 -7.94
CA PHE A 16 -27.64 38.59 -8.26
C PHE A 16 -27.72 37.28 -9.07
N GLY A 17 -26.56 36.80 -9.59
CA GLY A 17 -26.45 35.55 -10.34
C GLY A 17 -25.68 34.47 -9.57
N GLU A 18 -24.37 34.67 -9.41
CA GLU A 18 -23.45 33.81 -8.63
C GLU A 18 -23.64 32.29 -8.86
N ARG A 19 -23.80 31.88 -10.14
CA ARG A 19 -24.10 30.49 -10.54
C ARG A 19 -23.02 29.50 -10.05
N PRO A 20 -23.40 28.32 -9.50
CA PRO A 20 -22.48 27.30 -8.99
C PRO A 20 -21.89 26.42 -10.11
N ILE A 21 -21.31 27.04 -11.14
CA ILE A 21 -20.68 26.38 -12.29
C ILE A 21 -19.63 25.33 -11.88
N ALA A 22 -19.69 24.14 -12.51
CA ALA A 22 -18.89 22.97 -12.14
C ALA A 22 -18.69 22.00 -13.34
N ASN A 23 -17.95 20.92 -13.12
CA ASN A 23 -17.59 19.87 -14.10
C ASN A 23 -17.91 18.43 -13.63
N THR A 24 -18.79 18.29 -12.62
CA THR A 24 -19.24 17.01 -12.04
C THR A 24 -18.10 16.15 -11.47
N GLU A 25 -17.10 16.80 -10.86
CA GLU A 25 -16.13 16.15 -9.96
C GLU A 25 -16.79 15.63 -8.64
N TYR A 26 -16.06 14.81 -7.87
CA TYR A 26 -16.53 14.20 -6.62
C TYR A 26 -15.45 14.18 -5.51
N SER A 27 -15.85 14.55 -4.29
CA SER A 27 -15.06 14.51 -3.05
C SER A 27 -15.97 14.26 -1.83
N GLY A 28 -15.45 13.64 -0.77
CA GLY A 28 -16.22 13.28 0.43
C GLY A 28 -15.37 12.57 1.49
N ASP A 29 -14.27 13.21 1.91
CA ASP A 29 -13.09 12.54 2.51
C ASP A 29 -12.63 13.20 3.83
N TYR A 30 -13.58 13.77 4.58
CA TYR A 30 -13.36 14.42 5.90
C TYR A 30 -12.69 13.49 6.94
N ALA A 31 -12.90 12.18 6.83
CA ALA A 31 -12.28 11.10 7.60
C ALA A 31 -12.34 9.81 6.76
N GLN A 32 -11.69 8.73 7.21
CA GLN A 32 -11.73 7.42 6.54
C GLN A 32 -12.02 6.28 7.55
N ARG A 33 -11.00 5.53 8.00
CA ARG A 33 -11.11 4.40 8.94
C ARG A 33 -9.77 4.10 9.64
N ASP A 34 -9.81 3.42 10.79
CA ASP A 34 -8.65 2.92 11.54
C ASP A 34 -7.93 1.71 10.88
N ASP A 35 -8.39 1.26 9.70
CA ASP A 35 -7.97 0.02 9.05
C ASP A 35 -6.50 -0.03 8.58
N ALA A 36 -5.76 1.09 8.66
CA ALA A 36 -4.29 1.09 8.58
C ALA A 36 -3.61 0.31 9.75
N LYS A 37 -4.38 -0.24 10.68
CA LYS A 37 -3.97 -1.30 11.63
C LYS A 37 -3.76 -2.68 10.98
N ASP A 38 -4.34 -2.93 9.80
CA ASP A 38 -4.29 -4.21 9.05
C ASP A 38 -3.13 -4.33 8.05
N LEU A 39 -2.16 -3.40 8.10
CA LEU A 39 -1.12 -3.28 7.08
C LEU A 39 -0.06 -4.38 7.09
N SER A 40 0.08 -5.15 8.15
CA SER A 40 0.88 -6.38 8.17
C SER A 40 0.27 -7.56 7.41
N ALA A 41 -0.91 -7.38 6.79
CA ALA A 41 -1.49 -8.37 5.90
C ALA A 41 -0.67 -8.51 4.62
N LYS A 42 -0.73 -9.70 4.05
CA LYS A 42 -0.27 -9.98 2.68
C LYS A 42 -1.11 -9.18 1.68
N ILE A 43 -0.50 -8.71 0.59
CA ILE A 43 -1.22 -8.07 -0.51
C ILE A 43 -2.20 -9.05 -1.20
N GLU A 44 -1.82 -10.33 -1.22
CA GLU A 44 -2.66 -11.47 -1.60
C GLU A 44 -3.98 -11.57 -0.80
N SER A 45 -4.15 -10.80 0.29
CA SER A 45 -5.36 -10.85 1.13
C SER A 45 -6.56 -10.14 0.50
N MET A 46 -6.32 -9.40 -0.60
CA MET A 46 -7.27 -8.49 -1.23
C MET A 46 -7.88 -9.07 -2.54
N ASN A 47 -7.72 -10.38 -2.78
CA ASN A 47 -8.18 -11.09 -3.98
C ASN A 47 -7.72 -10.46 -5.32
N LEU A 48 -6.49 -9.94 -5.34
CA LEU A 48 -5.81 -9.39 -6.53
C LEU A 48 -5.36 -10.48 -7.51
N SER A 49 -5.17 -10.09 -8.78
CA SER A 49 -4.48 -10.89 -9.81
C SER A 49 -3.05 -11.25 -9.39
N ALA A 50 -2.58 -12.43 -9.81
CA ALA A 50 -1.19 -12.85 -9.58
C ALA A 50 -0.17 -11.95 -10.25
N ARG A 51 -0.48 -11.28 -11.38
CA ARG A 51 0.48 -10.39 -12.07
C ARG A 51 0.84 -9.16 -11.24
N CYS A 52 -0.15 -8.61 -10.55
CA CYS A 52 0.03 -7.66 -9.44
C CYS A 52 0.97 -8.25 -8.38
N PHE A 53 0.64 -9.41 -7.82
CA PHE A 53 1.39 -9.94 -6.69
C PHE A 53 2.83 -10.31 -7.06
N ASN A 54 3.05 -10.79 -8.29
CA ASN A 54 4.35 -11.16 -8.84
C ASN A 54 5.21 -9.91 -9.13
N CYS A 55 4.60 -8.79 -9.53
CA CYS A 55 5.31 -7.52 -9.59
C CYS A 55 5.79 -7.08 -8.20
N LEU A 56 4.86 -7.00 -7.25
CA LEU A 56 5.08 -6.55 -5.87
C LEU A 56 6.10 -7.44 -5.12
N ASP A 57 6.07 -8.76 -5.31
CA ASP A 57 7.06 -9.70 -4.80
C ASP A 57 8.49 -9.54 -5.38
N LYS A 58 8.68 -9.08 -6.63
CA LYS A 58 10.02 -9.01 -7.26
C LYS A 58 10.88 -7.87 -6.69
N ILE A 59 10.22 -6.75 -6.39
CA ILE A 59 10.78 -5.56 -5.73
C ILE A 59 10.92 -5.76 -4.22
N GLY A 60 10.05 -6.59 -3.65
CA GLY A 60 10.09 -7.03 -2.25
C GLY A 60 8.93 -6.52 -1.39
N ILE A 61 7.95 -5.87 -2.02
CA ILE A 61 6.70 -5.38 -1.42
C ILE A 61 5.77 -6.58 -1.16
N LYS A 62 5.98 -7.26 -0.03
CA LYS A 62 5.25 -8.47 0.39
C LYS A 62 3.89 -8.20 1.06
N TYR A 63 3.68 -6.99 1.58
CA TYR A 63 2.54 -6.66 2.46
C TYR A 63 1.78 -5.40 2.06
N VAL A 64 0.55 -5.30 2.56
CA VAL A 64 -0.31 -4.12 2.35
C VAL A 64 0.41 -2.86 2.85
N GLY A 65 1.14 -2.95 3.97
CA GLY A 65 2.02 -1.91 4.52
C GLY A 65 3.06 -1.44 3.52
N GLU A 66 3.73 -2.38 2.88
CA GLU A 66 4.70 -2.12 1.81
C GLU A 66 4.05 -1.43 0.59
N LEU A 67 2.86 -1.86 0.12
CA LEU A 67 2.14 -1.13 -0.95
C LEU A 67 1.74 0.27 -0.43
N VAL A 68 1.18 0.39 0.78
CA VAL A 68 0.79 1.66 1.40
C VAL A 68 1.98 2.65 1.48
N LEU A 69 3.19 2.15 1.73
CA LEU A 69 4.47 2.88 1.71
C LEU A 69 5.04 3.12 0.29
N MET A 70 4.60 2.37 -0.72
CA MET A 70 4.76 2.65 -2.13
C MET A 70 3.94 3.87 -2.57
N SER A 71 4.46 5.06 -2.24
CA SER A 71 4.03 6.35 -2.79
C SER A 71 3.90 6.29 -4.32
N GLU A 72 2.99 7.06 -4.91
CA GLU A 72 2.59 6.92 -6.33
C GLU A 72 3.79 6.86 -7.31
N GLU A 73 4.83 7.68 -7.08
CA GLU A 73 6.05 7.73 -7.89
C GLU A 73 6.89 6.43 -7.83
N GLU A 74 6.91 5.74 -6.68
CA GLU A 74 7.45 4.37 -6.58
C GLU A 74 6.54 3.40 -7.32
N LEU A 75 5.23 3.50 -7.10
CA LEU A 75 4.20 2.62 -7.61
C LEU A 75 4.13 2.54 -9.15
N LYS A 76 4.18 3.69 -9.83
CA LYS A 76 4.35 3.79 -11.30
C LYS A 76 5.75 3.36 -11.79
N GLY A 77 6.67 3.05 -10.87
CA GLY A 77 8.10 2.86 -11.10
C GLY A 77 8.62 1.42 -11.02
N VAL A 78 7.80 0.41 -10.67
CA VAL A 78 8.17 -1.00 -10.95
C VAL A 78 8.46 -1.24 -12.45
N LYS A 79 9.12 -2.37 -12.76
CA LYS A 79 9.60 -2.69 -14.13
C LYS A 79 8.64 -3.53 -14.99
N ASN A 80 7.60 -4.14 -14.40
CA ASN A 80 6.62 -5.00 -15.08
C ASN A 80 5.17 -4.70 -14.65
N MET A 81 4.86 -3.41 -14.41
CA MET A 81 3.62 -3.01 -13.72
C MET A 81 2.35 -3.57 -14.38
N GLY A 82 2.19 -3.33 -15.69
CA GLY A 82 0.93 -3.51 -16.44
C GLY A 82 -0.20 -2.55 -16.04
N LYS A 83 -0.93 -2.01 -17.02
CA LYS A 83 -1.97 -0.97 -16.83
C LYS A 83 -3.14 -1.47 -15.95
N LYS A 84 -3.74 -2.60 -16.32
CA LYS A 84 -4.88 -3.23 -15.60
C LYS A 84 -4.48 -3.68 -14.19
N SER A 85 -3.26 -4.23 -14.06
CA SER A 85 -2.67 -4.66 -12.79
C SER A 85 -2.49 -3.51 -11.79
N TYR A 86 -1.91 -2.38 -12.20
CA TYR A 86 -1.82 -1.17 -11.36
C TYR A 86 -3.21 -0.62 -10.97
N ASP A 87 -4.17 -0.62 -11.91
CA ASP A 87 -5.53 -0.15 -11.65
C ASP A 87 -6.24 -0.98 -10.57
N GLU A 88 -6.18 -2.32 -10.63
CA GLU A 88 -6.73 -3.17 -9.57
C GLU A 88 -5.91 -3.11 -8.26
N ILE A 89 -4.59 -2.94 -8.32
CA ILE A 89 -3.71 -2.61 -7.19
C ILE A 89 -4.27 -1.42 -6.42
N ALA A 90 -4.48 -0.33 -7.14
CA ALA A 90 -4.93 0.93 -6.57
C ALA A 90 -6.40 0.86 -6.10
N GLU A 91 -7.25 0.04 -6.73
CA GLU A 91 -8.64 -0.19 -6.33
C GLU A 91 -8.75 -1.03 -5.03
N LYS A 92 -7.98 -2.11 -4.89
CA LYS A 92 -7.95 -2.91 -3.66
C LYS A 92 -7.21 -2.23 -2.52
N LEU A 93 -6.19 -1.41 -2.81
CA LEU A 93 -5.63 -0.51 -1.79
C LEU A 93 -6.64 0.57 -1.38
N ASN A 94 -7.42 1.12 -2.32
CA ASN A 94 -8.57 2.00 -2.06
C ASN A 94 -9.57 1.38 -1.06
N ASP A 95 -9.89 0.10 -1.21
CA ASP A 95 -10.84 -0.63 -0.35
C ASP A 95 -10.44 -0.68 1.14
N LEU A 96 -9.15 -0.51 1.47
CA LEU A 96 -8.68 -0.24 2.84
C LEU A 96 -9.39 0.97 3.49
N GLY A 97 -9.63 2.02 2.71
CA GLY A 97 -10.06 3.35 3.15
C GLY A 97 -9.18 4.49 2.61
N TYR A 98 -7.98 4.18 2.10
CA TYR A 98 -7.01 5.16 1.62
C TYR A 98 -6.62 4.87 0.14
N PRO A 99 -6.94 5.78 -0.81
CA PRO A 99 -6.52 5.67 -2.21
C PRO A 99 -5.00 5.82 -2.37
N VAL A 100 -4.28 4.76 -2.81
CA VAL A 100 -2.84 4.81 -3.01
C VAL A 100 -2.39 5.97 -3.89
N GLY A 101 -1.31 6.65 -3.46
CA GLY A 101 -0.79 7.84 -4.12
C GLY A 101 -1.48 9.15 -3.73
N THR A 102 -1.88 9.27 -2.45
CA THR A 102 -2.56 10.45 -1.89
C THR A 102 -1.75 10.87 -0.67
N GLU A 103 -0.84 11.82 -0.90
CA GLU A 103 0.30 12.15 -0.03
C GLU A 103 0.40 13.67 0.18
N LEU A 104 0.30 14.07 1.45
CA LEU A 104 0.02 15.46 1.87
C LEU A 104 1.02 15.92 2.94
N SER A 105 1.00 15.20 4.06
CA SER A 105 1.91 15.36 5.22
C SER A 105 2.11 14.02 5.97
N PRO A 106 2.52 12.94 5.27
CA PRO A 106 2.32 11.55 5.68
C PRO A 106 3.37 11.03 6.69
N GLU A 107 3.71 11.81 7.70
CA GLU A 107 4.74 11.50 8.71
C GLU A 107 4.51 10.14 9.43
N GLN A 108 3.23 9.74 9.60
CA GLN A 108 2.84 8.42 10.11
C GLN A 108 3.35 7.22 9.28
N ARG A 109 3.81 7.44 8.05
CA ARG A 109 4.47 6.40 7.23
C ARG A 109 5.77 5.90 7.89
N GLU A 110 6.50 6.73 8.63
CA GLU A 110 7.80 6.35 9.20
C GLU A 110 7.64 5.36 10.36
N SER A 111 6.66 5.56 11.24
CA SER A 111 6.31 4.60 12.30
C SER A 111 5.73 3.29 11.73
N LEU A 112 4.94 3.34 10.64
CA LEU A 112 4.56 2.17 9.87
C LEU A 112 5.79 1.41 9.36
N LYS A 113 6.74 2.09 8.70
CA LYS A 113 7.98 1.49 8.17
C LYS A 113 8.81 0.83 9.27
N LYS A 114 8.91 1.44 10.45
CA LYS A 114 9.59 0.85 11.62
C LYS A 114 8.91 -0.40 12.16
N ARG A 115 7.56 -0.43 12.21
CA ARG A 115 6.77 -1.64 12.51
C ARG A 115 6.90 -2.71 11.41
N LEU A 116 6.92 -2.30 10.15
CA LEU A 116 7.06 -3.16 8.97
C LEU A 116 8.36 -3.97 8.99
N GLU A 117 9.46 -3.31 9.35
CA GLU A 117 10.78 -3.94 9.57
C GLU A 117 10.80 -5.00 10.69
N LYS A 118 9.77 -5.08 11.53
CA LYS A 118 9.61 -5.98 12.67
C LYS A 118 8.47 -7.00 12.52
N LEU A 119 7.67 -6.93 11.44
CA LEU A 119 6.70 -8.00 11.09
C LEU A 119 7.41 -9.34 10.85
N GLU A 120 8.51 -9.29 10.09
CA GLU A 120 9.37 -10.44 9.75
C GLU A 120 10.79 -9.96 9.40
N ASP A 121 11.78 -10.37 10.19
CA ASP A 121 13.20 -10.28 9.81
C ASP A 121 13.54 -11.29 8.72
N LYS A 122 14.16 -10.83 7.61
CA LYS A 122 14.42 -11.67 6.41
C LYS A 122 15.66 -11.27 5.60
N GLY A 123 15.91 -9.98 5.41
CA GLY A 123 17.00 -9.47 4.54
C GLY A 123 16.69 -8.09 3.95
N GLY A 124 17.26 -7.83 2.77
CA GLY A 124 17.05 -6.61 1.98
C GLY A 124 17.20 -6.85 0.46
N ASN A 125 17.07 -5.77 -0.33
CA ASN A 125 17.13 -5.82 -1.80
C ASN A 125 17.85 -4.58 -2.39
N ASP A 126 18.28 -4.65 -3.65
CA ASP A 126 19.02 -3.58 -4.36
C ASP A 126 18.24 -2.26 -4.53
N LEU A 13 4.32 -23.36 -5.17
CA LEU A 13 3.12 -23.51 -4.29
C LEU A 13 2.32 -22.20 -4.27
N GLY A 14 1.03 -22.25 -4.60
CA GLY A 14 0.12 -21.09 -4.60
C GLY A 14 -1.26 -21.39 -5.19
N VAL A 15 -2.17 -20.42 -5.10
CA VAL A 15 -3.54 -20.47 -5.66
C VAL A 15 -4.06 -19.06 -5.98
N PHE A 16 -4.92 -18.95 -7.00
CA PHE A 16 -5.46 -17.68 -7.52
C PHE A 16 -6.97 -17.78 -7.84
N GLY A 17 -7.60 -16.66 -8.22
CA GLY A 17 -9.05 -16.54 -8.38
C GLY A 17 -9.45 -15.58 -9.50
N GLU A 18 -9.38 -16.06 -10.75
CA GLU A 18 -9.75 -15.31 -11.97
C GLU A 18 -11.26 -14.96 -12.10
N ARG A 19 -12.12 -15.48 -11.19
CA ARG A 19 -13.56 -15.20 -11.11
C ARG A 19 -13.87 -13.71 -10.89
N PRO A 20 -15.10 -13.23 -11.23
CA PRO A 20 -15.51 -11.82 -11.11
C PRO A 20 -15.80 -11.36 -9.65
N ILE A 21 -15.02 -11.81 -8.67
CA ILE A 21 -15.15 -11.48 -7.23
C ILE A 21 -14.88 -10.00 -6.87
N ALA A 22 -14.49 -9.17 -7.85
CA ALA A 22 -14.35 -7.71 -7.72
C ALA A 22 -15.69 -6.94 -7.62
N ASN A 23 -16.83 -7.64 -7.57
CA ASN A 23 -18.20 -7.10 -7.55
C ASN A 23 -18.60 -6.32 -6.27
N THR A 24 -17.70 -6.09 -5.31
CA THR A 24 -17.95 -5.35 -4.07
C THR A 24 -16.86 -4.30 -3.78
N GLU A 25 -17.28 -3.18 -3.18
CA GLU A 25 -16.46 -2.01 -2.85
C GLU A 25 -17.14 -1.18 -1.74
N TYR A 26 -16.35 -0.52 -0.89
CA TYR A 26 -16.85 0.30 0.24
C TYR A 26 -16.23 1.71 0.27
N SER A 27 -17.08 2.70 0.58
CA SER A 27 -16.76 4.14 0.63
C SER A 27 -17.61 4.86 1.70
N GLY A 28 -17.22 6.09 2.06
CA GLY A 28 -17.98 6.93 3.01
C GLY A 28 -17.25 8.22 3.44
N ASP A 29 -15.91 8.21 3.44
CA ASP A 29 -15.03 9.36 3.73
C ASP A 29 -13.83 9.37 2.78
N TYR A 30 -13.18 10.54 2.62
CA TYR A 30 -12.01 10.70 1.75
C TYR A 30 -10.82 9.82 2.20
N ALA A 31 -10.53 9.84 3.51
CA ALA A 31 -9.65 8.92 4.23
C ALA A 31 -9.92 9.06 5.74
N GLN A 32 -9.45 8.10 6.55
CA GLN A 32 -9.47 8.23 8.02
C GLN A 32 -8.15 7.78 8.72
N ARG A 33 -7.25 7.11 7.98
CA ARG A 33 -5.98 6.47 8.42
C ARG A 33 -6.11 5.34 9.47
N ASP A 34 -7.28 5.11 10.06
CA ASP A 34 -7.51 4.04 11.05
C ASP A 34 -7.24 2.62 10.50
N ASP A 35 -7.36 2.45 9.18
CA ASP A 35 -7.00 1.25 8.42
C ASP A 35 -5.50 0.89 8.45
N ALA A 36 -4.63 1.79 8.92
CA ALA A 36 -3.19 1.53 8.99
C ALA A 36 -2.78 0.42 10.02
N LYS A 37 -3.72 -0.09 10.83
CA LYS A 37 -3.49 -1.17 11.80
C LYS A 37 -3.43 -2.59 11.19
N ASP A 38 -3.98 -2.81 9.99
CA ASP A 38 -4.01 -4.10 9.27
C ASP A 38 -3.06 -4.15 8.06
N LEU A 39 -2.05 -3.29 8.06
CA LEU A 39 -1.02 -3.22 7.02
C LEU A 39 -0.01 -4.38 7.05
N SER A 40 0.12 -5.11 8.15
CA SER A 40 0.89 -6.34 8.22
C SER A 40 0.26 -7.54 7.51
N ALA A 41 -0.90 -7.35 6.88
CA ALA A 41 -1.49 -8.31 5.98
C ALA A 41 -0.64 -8.45 4.71
N LYS A 42 -0.73 -9.62 4.09
CA LYS A 42 -0.30 -9.87 2.71
C LYS A 42 -1.12 -9.02 1.73
N ILE A 43 -0.50 -8.55 0.66
CA ILE A 43 -1.22 -7.90 -0.45
C ILE A 43 -2.20 -8.85 -1.14
N GLU A 44 -1.85 -10.15 -1.14
CA GLU A 44 -2.73 -11.27 -1.48
C GLU A 44 -4.08 -11.29 -0.73
N SER A 45 -4.22 -10.55 0.39
CA SER A 45 -5.42 -10.61 1.24
C SER A 45 -6.66 -10.01 0.55
N MET A 46 -6.42 -9.17 -0.46
CA MET A 46 -7.44 -8.45 -1.23
C MET A 46 -8.00 -9.28 -2.42
N ASN A 47 -7.60 -10.55 -2.56
CA ASN A 47 -7.94 -11.46 -3.67
C ASN A 47 -7.56 -10.93 -5.07
N LEU A 48 -6.42 -10.22 -5.17
CA LEU A 48 -5.86 -9.68 -6.42
C LEU A 48 -5.42 -10.77 -7.43
N SER A 49 -5.26 -10.38 -8.69
CA SER A 49 -4.68 -11.22 -9.76
C SER A 49 -3.16 -11.41 -9.56
N ALA A 50 -2.61 -12.50 -10.12
CA ALA A 50 -1.20 -12.84 -9.95
C ALA A 50 -0.24 -11.82 -10.53
N ARG A 51 -0.49 -11.24 -11.71
CA ARG A 51 0.48 -10.32 -12.38
C ARG A 51 0.82 -9.11 -11.52
N CYS A 52 -0.18 -8.52 -10.87
CA CYS A 52 0.04 -7.45 -9.90
C CYS A 52 0.78 -7.94 -8.65
N PHE A 53 0.44 -9.12 -8.11
CA PHE A 53 1.13 -9.64 -6.92
C PHE A 53 2.58 -10.03 -7.21
N ASN A 54 2.84 -10.50 -8.43
CA ASN A 54 4.15 -10.91 -8.95
C ASN A 54 5.03 -9.70 -9.25
N CYS A 55 4.44 -8.58 -9.69
CA CYS A 55 5.13 -7.29 -9.77
C CYS A 55 5.59 -6.82 -8.39
N LEU A 56 4.68 -6.84 -7.42
CA LEU A 56 4.90 -6.44 -6.03
C LEU A 56 5.93 -7.34 -5.32
N ASP A 57 5.85 -8.66 -5.50
CA ASP A 57 6.76 -9.65 -4.93
C ASP A 57 8.25 -9.48 -5.33
N LYS A 58 8.57 -9.08 -6.57
CA LYS A 58 9.94 -9.19 -7.11
C LYS A 58 10.84 -8.00 -6.78
N ILE A 59 10.22 -6.83 -6.58
CA ILE A 59 10.81 -5.64 -5.95
C ILE A 59 10.94 -5.78 -4.43
N GLY A 60 10.11 -6.65 -3.84
CA GLY A 60 10.16 -7.07 -2.44
C GLY A 60 8.93 -6.65 -1.61
N ILE A 61 7.99 -5.93 -2.22
CA ILE A 61 6.72 -5.48 -1.62
C ILE A 61 5.76 -6.67 -1.49
N LYS A 62 5.74 -7.31 -0.31
CA LYS A 62 5.01 -8.56 -0.01
C LYS A 62 3.84 -8.34 0.95
N TYR A 63 3.80 -7.20 1.62
CA TYR A 63 2.71 -6.81 2.54
C TYR A 63 2.07 -5.48 2.20
N VAL A 64 0.86 -5.28 2.73
CA VAL A 64 0.06 -4.08 2.49
C VAL A 64 0.78 -2.84 3.01
N GLY A 65 1.53 -2.95 4.12
CA GLY A 65 2.41 -1.91 4.66
C GLY A 65 3.38 -1.39 3.60
N GLU A 66 3.96 -2.31 2.84
CA GLU A 66 4.89 -2.03 1.75
C GLU A 66 4.22 -1.40 0.51
N LEU A 67 3.01 -1.83 0.10
CA LEU A 67 2.26 -1.10 -0.94
C LEU A 67 1.90 0.32 -0.42
N VAL A 68 1.37 0.44 0.81
CA VAL A 68 1.04 1.72 1.44
C VAL A 68 2.26 2.66 1.51
N LEU A 69 3.46 2.12 1.76
CA LEU A 69 4.75 2.82 1.73
C LEU A 69 5.28 3.09 0.30
N MET A 70 4.81 2.34 -0.71
CA MET A 70 4.91 2.66 -2.12
C MET A 70 4.05 3.89 -2.50
N SER A 71 4.58 5.07 -2.17
CA SER A 71 4.16 6.36 -2.74
C SER A 71 4.01 6.27 -4.27
N GLU A 72 3.11 7.05 -4.87
CA GLU A 72 2.70 6.91 -6.28
C GLU A 72 3.91 6.88 -7.25
N GLU A 73 4.93 7.70 -7.01
CA GLU A 73 6.15 7.77 -7.83
C GLU A 73 7.01 6.48 -7.76
N GLU A 74 7.03 5.80 -6.61
CA GLU A 74 7.57 4.43 -6.50
C GLU A 74 6.68 3.45 -7.26
N LEU A 75 5.37 3.53 -7.05
CA LEU A 75 4.35 2.67 -7.64
C LEU A 75 4.38 2.64 -9.18
N LYS A 76 4.45 3.82 -9.81
CA LYS A 76 4.71 4.01 -11.26
C LYS A 76 6.08 3.48 -11.72
N GLY A 77 6.96 3.11 -10.79
CA GLY A 77 8.38 2.85 -11.01
C GLY A 77 8.82 1.38 -10.96
N VAL A 78 7.94 0.41 -10.66
CA VAL A 78 8.22 -1.01 -10.98
C VAL A 78 8.52 -1.22 -12.48
N LYS A 79 9.12 -2.36 -12.84
CA LYS A 79 9.62 -2.61 -14.21
C LYS A 79 8.68 -3.34 -15.19
N ASN A 80 7.58 -3.91 -14.71
CA ASN A 80 6.59 -4.66 -15.51
C ASN A 80 5.13 -4.33 -15.12
N MET A 81 4.84 -3.07 -14.72
CA MET A 81 3.59 -2.72 -14.04
C MET A 81 2.29 -3.05 -14.80
N GLY A 82 2.28 -2.87 -16.13
CA GLY A 82 1.05 -2.92 -16.94
C GLY A 82 0.03 -1.84 -16.57
N LYS A 83 -1.21 -1.99 -17.07
CA LYS A 83 -2.31 -1.02 -16.83
C LYS A 83 -3.34 -1.58 -15.83
N LYS A 84 -4.02 -2.67 -16.18
CA LYS A 84 -5.06 -3.32 -15.34
C LYS A 84 -4.50 -3.77 -13.98
N SER A 85 -3.28 -4.31 -13.97
CA SER A 85 -2.53 -4.74 -12.77
C SER A 85 -2.37 -3.61 -11.73
N TYR A 86 -1.92 -2.43 -12.15
CA TYR A 86 -1.82 -1.24 -11.28
C TYR A 86 -3.21 -0.71 -10.86
N ASP A 87 -4.19 -0.75 -11.76
CA ASP A 87 -5.55 -0.28 -11.48
C ASP A 87 -6.23 -1.11 -10.38
N GLU A 88 -6.15 -2.45 -10.41
CA GLU A 88 -6.65 -3.30 -9.33
C GLU A 88 -5.82 -3.17 -8.03
N ILE A 89 -4.49 -3.00 -8.14
CA ILE A 89 -3.60 -2.63 -7.02
C ILE A 89 -4.16 -1.41 -6.28
N ALA A 90 -4.37 -0.33 -7.02
CA ALA A 90 -4.77 0.96 -6.45
C ALA A 90 -6.23 0.94 -5.96
N GLU A 91 -7.15 0.26 -6.66
CA GLU A 91 -8.55 0.13 -6.25
C GLU A 91 -8.74 -0.73 -5.00
N LYS A 92 -8.03 -1.86 -4.88
CA LYS A 92 -8.05 -2.66 -3.64
C LYS A 92 -7.30 -1.99 -2.48
N LEU A 93 -6.20 -1.27 -2.75
CA LEU A 93 -5.57 -0.45 -1.70
C LEU A 93 -6.52 0.66 -1.19
N ASN A 94 -7.26 1.32 -2.10
CA ASN A 94 -8.34 2.25 -1.76
C ASN A 94 -9.42 1.63 -0.85
N ASP A 95 -9.86 0.40 -1.14
CA ASP A 95 -10.94 -0.27 -0.40
C ASP A 95 -10.66 -0.45 1.11
N LEU A 96 -9.38 -0.45 1.53
CA LEU A 96 -9.00 -0.38 2.96
C LEU A 96 -9.48 0.89 3.67
N GLY A 97 -9.42 2.04 2.99
CA GLY A 97 -9.69 3.35 3.56
C GLY A 97 -8.82 4.49 2.98
N TYR A 98 -7.74 4.17 2.26
CA TYR A 98 -6.80 5.16 1.72
C TYR A 98 -6.42 4.79 0.25
N PRO A 99 -6.84 5.58 -0.76
CA PRO A 99 -6.41 5.38 -2.15
C PRO A 99 -4.91 5.66 -2.33
N VAL A 100 -4.17 4.68 -2.85
CA VAL A 100 -2.73 4.80 -3.03
C VAL A 100 -2.33 6.00 -3.91
N GLY A 101 -1.40 6.81 -3.39
CA GLY A 101 -0.97 8.07 -4.00
C GLY A 101 -1.54 9.34 -3.31
N THR A 102 -2.49 9.18 -2.38
CA THR A 102 -2.96 10.24 -1.48
C THR A 102 -1.94 10.40 -0.33
N GLU A 103 -0.83 11.06 -0.66
CA GLU A 103 0.43 11.12 0.13
C GLU A 103 0.81 12.55 0.56
N LEU A 104 -0.15 13.46 0.49
CA LEU A 104 -0.04 14.91 0.78
C LEU A 104 0.24 15.29 2.25
N SER A 105 0.16 14.32 3.15
CA SER A 105 0.47 14.44 4.59
C SER A 105 0.96 13.09 5.14
N PRO A 106 2.17 12.65 4.74
CA PRO A 106 2.59 11.24 4.79
C PRO A 106 3.33 10.84 6.08
N GLU A 107 3.31 11.66 7.13
CA GLU A 107 4.11 11.47 8.37
C GLU A 107 3.92 10.08 9.04
N GLN A 108 2.82 9.40 8.75
CA GLN A 108 2.54 8.00 9.14
C GLN A 108 3.62 7.02 8.63
N ARG A 109 4.30 7.32 7.51
CA ARG A 109 5.40 6.53 6.93
C ARG A 109 6.49 6.18 7.95
N GLU A 110 6.93 7.15 8.74
CA GLU A 110 8.00 6.95 9.73
C GLU A 110 7.62 5.90 10.77
N SER A 111 6.40 5.98 11.31
CA SER A 111 5.86 5.02 12.29
C SER A 111 5.64 3.63 11.69
N LEU A 112 5.08 3.54 10.49
CA LEU A 112 4.82 2.29 9.79
C LEU A 112 6.10 1.52 9.45
N LYS A 113 7.17 2.20 9.03
CA LYS A 113 8.38 1.55 8.50
C LYS A 113 9.14 0.77 9.57
N LYS A 114 9.23 1.26 10.82
CA LYS A 114 9.80 0.53 11.96
C LYS A 114 8.92 -0.64 12.39
N ARG A 115 7.58 -0.45 12.40
CA ARG A 115 6.61 -1.54 12.69
C ARG A 115 6.71 -2.66 11.66
N LEU A 116 6.84 -2.32 10.37
CA LEU A 116 7.01 -3.27 9.27
C LEU A 116 8.24 -4.19 9.43
N GLU A 117 9.38 -3.63 9.82
CA GLU A 117 10.61 -4.42 10.13
C GLU A 117 10.45 -5.39 11.33
N LYS A 118 9.42 -5.22 12.16
CA LYS A 118 9.16 -6.01 13.36
C LYS A 118 7.95 -6.97 13.24
N LEU A 119 7.28 -6.99 12.07
CA LEU A 119 6.29 -8.04 11.74
C LEU A 119 6.95 -9.44 11.77
N GLU A 120 8.12 -9.53 11.11
CA GLU A 120 9.09 -10.63 11.23
C GLU A 120 10.48 -10.16 10.77
N ASP A 121 11.53 -10.60 11.48
CA ASP A 121 12.94 -10.26 11.19
C ASP A 121 13.53 -10.94 9.93
N LYS A 122 12.81 -11.92 9.35
CA LYS A 122 13.18 -12.64 8.12
C LYS A 122 13.36 -11.68 6.92
N GLY A 123 14.27 -12.04 6.00
CA GLY A 123 14.57 -11.28 4.79
C GLY A 123 15.31 -12.09 3.71
N GLY A 124 15.71 -11.43 2.63
CA GLY A 124 16.37 -12.04 1.46
C GLY A 124 16.95 -11.01 0.48
N ASN A 125 17.38 -11.49 -0.70
CA ASN A 125 17.90 -10.66 -1.79
C ASN A 125 16.83 -9.68 -2.37
N ASP A 126 17.29 -8.61 -3.03
CA ASP A 126 16.46 -7.57 -3.69
C ASP A 126 17.06 -7.14 -5.05
N LEU A 13 -14.83 56.29 29.41
CA LEU A 13 -16.00 55.38 29.24
C LEU A 13 -15.97 54.73 27.85
N GLY A 14 -16.07 53.39 27.79
CA GLY A 14 -16.25 52.64 26.54
C GLY A 14 -15.98 51.14 26.70
N VAL A 15 -14.72 50.78 27.01
CA VAL A 15 -14.21 49.41 27.23
C VAL A 15 -14.78 48.38 26.23
N PHE A 16 -14.45 48.56 24.94
CA PHE A 16 -14.91 47.70 23.83
C PHE A 16 -13.80 47.45 22.79
N GLY A 17 -14.05 46.50 21.87
CA GLY A 17 -13.14 46.07 20.82
C GLY A 17 -13.68 44.91 19.98
N GLU A 18 -12.82 44.29 19.18
CA GLU A 18 -13.12 43.10 18.37
C GLU A 18 -11.94 42.11 18.30
N ARG A 19 -12.23 40.85 17.98
CA ARG A 19 -11.25 39.73 17.96
C ARG A 19 -11.71 38.62 16.97
N PRO A 20 -10.79 37.99 16.20
CA PRO A 20 -11.11 36.81 15.39
C PRO A 20 -11.37 35.57 16.26
N ILE A 21 -11.80 34.46 15.64
CA ILE A 21 -11.91 33.14 16.29
C ILE A 21 -10.55 32.69 16.86
N ALA A 22 -10.54 32.35 18.15
CA ALA A 22 -9.30 32.10 18.93
C ALA A 22 -9.43 30.98 19.99
N ASN A 23 -10.51 30.19 19.95
CA ASN A 23 -10.74 29.10 20.90
C ASN A 23 -9.74 27.94 20.74
N THR A 24 -9.45 27.24 21.84
CA THR A 24 -8.64 26.01 21.88
C THR A 24 -9.32 24.86 21.12
N GLU A 25 -8.55 23.85 20.68
CA GLU A 25 -9.13 22.58 20.18
C GLU A 25 -9.83 21.80 21.32
N TYR A 26 -10.91 21.09 21.00
CA TYR A 26 -11.77 20.35 21.96
C TYR A 26 -12.08 18.91 21.49
N SER A 27 -11.18 18.30 20.69
CA SER A 27 -11.32 16.94 20.17
C SER A 27 -11.38 15.86 21.27
N GLY A 28 -11.89 14.68 20.90
CA GLY A 28 -12.13 13.52 21.78
C GLY A 28 -12.08 12.20 21.00
N ASP A 29 -10.92 11.92 20.38
CA ASP A 29 -10.67 10.79 19.47
C ASP A 29 -11.55 10.80 18.20
N TYR A 30 -12.01 11.99 17.79
CA TYR A 30 -12.87 12.22 16.62
C TYR A 30 -12.25 11.76 15.28
N ALA A 31 -10.92 11.78 15.19
CA ALA A 31 -10.13 11.44 13.99
C ALA A 31 -8.88 10.61 14.35
N GLN A 32 -9.06 9.58 15.20
CA GLN A 32 -8.00 8.74 15.76
C GLN A 32 -7.06 8.04 14.77
N ARG A 33 -7.49 7.87 13.49
CA ARG A 33 -6.70 7.42 12.32
C ARG A 33 -5.73 6.23 12.54
N ASP A 34 -6.15 5.26 13.35
CA ASP A 34 -5.43 4.02 13.66
C ASP A 34 -5.59 2.92 12.57
N ASP A 35 -6.30 3.20 11.48
CA ASP A 35 -6.56 2.26 10.37
C ASP A 35 -5.29 1.65 9.75
N ALA A 36 -4.14 2.32 9.87
CA ALA A 36 -2.84 1.80 9.47
C ALA A 36 -2.36 0.55 10.28
N LYS A 37 -3.09 0.10 11.30
CA LYS A 37 -2.84 -1.18 12.01
C LYS A 37 -3.13 -2.44 11.16
N ASP A 38 -4.00 -2.35 10.15
CA ASP A 38 -4.29 -3.44 9.18
C ASP A 38 -3.17 -3.69 8.16
N LEU A 39 -2.11 -2.88 8.18
CA LEU A 39 -1.05 -2.90 7.18
C LEU A 39 -0.03 -4.04 7.32
N SER A 40 -0.05 -4.76 8.43
CA SER A 40 0.63 -6.03 8.64
C SER A 40 0.08 -7.20 7.81
N ALA A 41 -1.01 -6.99 7.05
CA ALA A 41 -1.59 -7.98 6.19
C ALA A 41 -0.74 -8.19 4.93
N LYS A 42 -0.79 -9.41 4.42
CA LYS A 42 -0.35 -9.76 3.05
C LYS A 42 -1.18 -9.03 2.01
N ILE A 43 -0.57 -8.67 0.88
CA ILE A 43 -1.28 -8.13 -0.30
C ILE A 43 -2.22 -9.18 -0.92
N GLU A 44 -1.87 -10.45 -0.75
CA GLU A 44 -2.75 -11.61 -0.99
C GLU A 44 -4.10 -11.55 -0.24
N SER A 45 -4.29 -10.63 0.72
CA SER A 45 -5.53 -10.52 1.50
C SER A 45 -6.66 -9.84 0.71
N MET A 46 -6.34 -9.33 -0.49
CA MET A 46 -7.20 -8.43 -1.27
C MET A 46 -7.62 -9.04 -2.62
N ASN A 47 -7.48 -10.37 -2.77
CA ASN A 47 -7.80 -11.21 -3.94
C ASN A 47 -7.36 -10.67 -5.32
N LEU A 48 -6.18 -10.03 -5.37
CA LEU A 48 -5.51 -9.57 -6.60
C LEU A 48 -5.16 -10.73 -7.57
N SER A 49 -5.04 -10.41 -8.86
CA SER A 49 -4.51 -11.28 -9.91
C SER A 49 -3.01 -11.57 -9.72
N ALA A 50 -2.52 -12.68 -10.30
CA ALA A 50 -1.12 -13.09 -10.12
C ALA A 50 -0.11 -12.12 -10.72
N ARG A 51 -0.31 -11.55 -11.92
CA ARG A 51 0.66 -10.61 -12.54
C ARG A 51 0.87 -9.36 -11.68
N CYS A 52 -0.24 -8.84 -11.14
CA CYS A 52 -0.27 -7.82 -10.09
C CYS A 52 0.55 -8.23 -8.86
N PHE A 53 0.31 -9.41 -8.28
CA PHE A 53 1.07 -9.84 -7.10
C PHE A 53 2.55 -10.12 -7.41
N ASN A 54 2.86 -10.58 -8.62
CA ASN A 54 4.20 -10.95 -9.06
C ASN A 54 5.05 -9.72 -9.38
N CYS A 55 4.44 -8.58 -9.76
CA CYS A 55 5.12 -7.29 -9.70
C CYS A 55 5.60 -6.98 -8.28
N LEU A 56 4.65 -6.95 -7.35
CA LEU A 56 4.80 -6.59 -5.94
C LEU A 56 5.87 -7.48 -5.25
N ASP A 57 5.82 -8.79 -5.45
CA ASP A 57 6.82 -9.74 -4.99
C ASP A 57 8.27 -9.50 -5.52
N LYS A 58 8.45 -9.01 -6.77
CA LYS A 58 9.77 -8.89 -7.42
C LYS A 58 10.56 -7.65 -6.97
N ILE A 59 9.84 -6.55 -6.75
CA ILE A 59 10.37 -5.32 -6.09
C ILE A 59 10.50 -5.50 -4.57
N GLY A 60 9.75 -6.46 -4.01
CA GLY A 60 9.79 -6.83 -2.60
C GLY A 60 8.74 -6.12 -1.74
N ILE A 61 7.71 -5.53 -2.35
CA ILE A 61 6.47 -5.13 -1.67
C ILE A 61 5.64 -6.41 -1.43
N LYS A 62 5.65 -6.93 -0.19
CA LYS A 62 5.05 -8.23 0.18
C LYS A 62 3.86 -8.11 1.15
N TYR A 63 3.65 -6.91 1.70
CA TYR A 63 2.52 -6.58 2.58
C TYR A 63 1.80 -5.31 2.17
N VAL A 64 0.55 -5.15 2.66
CA VAL A 64 -0.27 -3.97 2.43
C VAL A 64 0.47 -2.72 2.91
N GLY A 65 1.14 -2.80 4.07
CA GLY A 65 2.06 -1.78 4.59
C GLY A 65 3.09 -1.31 3.59
N GLU A 66 3.73 -2.27 2.92
CA GLU A 66 4.78 -2.03 1.93
C GLU A 66 4.22 -1.42 0.63
N LEU A 67 3.01 -1.81 0.17
CA LEU A 67 2.33 -1.10 -0.92
C LEU A 67 1.92 0.32 -0.44
N VAL A 68 1.35 0.47 0.77
CA VAL A 68 0.97 1.76 1.34
C VAL A 68 2.17 2.72 1.38
N LEU A 69 3.36 2.21 1.69
CA LEU A 69 4.63 2.93 1.66
C LEU A 69 5.17 3.20 0.25
N MET A 70 4.80 2.38 -0.75
CA MET A 70 4.90 2.69 -2.17
C MET A 70 4.00 3.88 -2.59
N SER A 71 4.45 5.09 -2.28
CA SER A 71 3.90 6.34 -2.84
C SER A 71 3.85 6.30 -4.38
N GLU A 72 2.98 7.12 -4.99
CA GLU A 72 2.61 7.00 -6.42
C GLU A 72 3.83 6.97 -7.36
N GLU A 73 4.85 7.80 -7.08
CA GLU A 73 6.09 7.92 -7.86
C GLU A 73 6.96 6.65 -7.77
N GLU A 74 6.99 6.00 -6.61
CA GLU A 74 7.56 4.66 -6.41
C GLU A 74 6.75 3.64 -7.20
N LEU A 75 5.43 3.66 -7.04
CA LEU A 75 4.47 2.74 -7.65
C LEU A 75 4.51 2.69 -9.19
N LYS A 76 4.55 3.85 -9.84
CA LYS A 76 4.77 3.98 -11.31
C LYS A 76 6.18 3.53 -11.76
N GLY A 77 7.08 3.24 -10.81
CA GLY A 77 8.50 2.96 -11.03
C GLY A 77 8.90 1.48 -11.03
N VAL A 78 8.00 0.51 -10.78
CA VAL A 78 8.30 -0.92 -11.03
C VAL A 78 8.63 -1.19 -12.52
N LYS A 79 9.16 -2.39 -12.81
CA LYS A 79 9.67 -2.73 -14.16
C LYS A 79 8.68 -3.39 -15.12
N ASN A 80 7.69 -4.13 -14.60
CA ASN A 80 6.73 -4.91 -15.39
C ASN A 80 5.29 -4.68 -14.90
N MET A 81 4.96 -3.42 -14.56
CA MET A 81 3.74 -3.08 -13.82
C MET A 81 2.45 -3.67 -14.42
N GLY A 82 2.21 -3.41 -15.72
CA GLY A 82 0.94 -3.65 -16.41
C GLY A 82 -0.18 -2.67 -15.99
N LYS A 83 -0.97 -2.19 -16.97
CA LYS A 83 -2.00 -1.15 -16.77
C LYS A 83 -3.14 -1.60 -15.86
N LYS A 84 -3.72 -2.77 -16.14
CA LYS A 84 -4.82 -3.37 -15.35
C LYS A 84 -4.38 -3.72 -13.92
N SER A 85 -3.16 -4.27 -13.80
CA SER A 85 -2.55 -4.63 -12.51
C SER A 85 -2.40 -3.43 -11.55
N TYR A 86 -1.91 -2.27 -12.03
CA TYR A 86 -1.83 -1.06 -11.22
C TYR A 86 -3.22 -0.56 -10.78
N ASP A 87 -4.22 -0.64 -11.67
CA ASP A 87 -5.60 -0.22 -11.37
C ASP A 87 -6.22 -1.07 -10.24
N GLU A 88 -6.07 -2.40 -10.27
CA GLU A 88 -6.51 -3.24 -9.15
C GLU A 88 -5.62 -3.10 -7.90
N ILE A 89 -4.32 -2.85 -8.03
CA ILE A 89 -3.44 -2.40 -6.91
C ILE A 89 -4.09 -1.24 -6.18
N ALA A 90 -4.41 -0.19 -6.93
CA ALA A 90 -4.91 1.05 -6.39
C ALA A 90 -6.34 0.93 -5.85
N GLU A 91 -7.21 0.13 -6.48
CA GLU A 91 -8.56 -0.18 -6.00
C GLU A 91 -8.58 -0.99 -4.70
N LYS A 92 -7.78 -2.06 -4.60
CA LYS A 92 -7.66 -2.87 -3.38
C LYS A 92 -6.97 -2.09 -2.26
N LEU A 93 -5.98 -1.26 -2.57
CA LEU A 93 -5.39 -0.37 -1.59
C LEU A 93 -6.40 0.70 -1.11
N ASN A 94 -7.23 1.24 -2.02
CA ASN A 94 -8.36 2.12 -1.69
C ASN A 94 -9.41 1.46 -0.77
N ASP A 95 -9.67 0.16 -0.92
CA ASP A 95 -10.61 -0.58 -0.05
C ASP A 95 -10.22 -0.57 1.44
N LEU A 96 -8.93 -0.39 1.76
CA LEU A 96 -8.44 -0.04 3.11
C LEU A 96 -9.15 1.18 3.73
N GLY A 97 -9.36 2.22 2.91
CA GLY A 97 -9.74 3.58 3.31
C GLY A 97 -8.91 4.68 2.63
N TYR A 98 -7.73 4.35 2.07
CA TYR A 98 -6.77 5.29 1.49
C TYR A 98 -6.38 4.85 0.05
N PRO A 99 -6.79 5.57 -1.01
CA PRO A 99 -6.37 5.30 -2.40
C PRO A 99 -4.88 5.60 -2.59
N VAL A 100 -4.10 4.61 -3.05
CA VAL A 100 -2.64 4.71 -3.12
C VAL A 100 -2.13 5.90 -3.92
N GLY A 101 -1.13 6.58 -3.36
CA GLY A 101 -0.47 7.75 -3.97
C GLY A 101 -0.91 9.11 -3.43
N THR A 102 -1.97 9.14 -2.61
CA THR A 102 -2.57 10.31 -1.94
C THR A 102 -1.69 10.77 -0.76
N GLU A 103 -0.47 11.22 -1.07
CA GLU A 103 0.62 11.57 -0.14
C GLU A 103 0.54 13.04 0.35
N LEU A 104 -0.60 13.48 0.90
CA LEU A 104 -0.79 14.91 1.24
C LEU A 104 0.14 15.37 2.39
N SER A 105 0.20 14.56 3.46
CA SER A 105 1.02 14.78 4.67
C SER A 105 1.12 13.51 5.56
N PRO A 106 1.44 12.32 4.99
CA PRO A 106 1.31 11.02 5.67
C PRO A 106 2.49 10.71 6.61
N GLU A 107 2.65 11.50 7.68
CA GLU A 107 3.75 11.39 8.65
C GLU A 107 3.82 10.01 9.35
N GLN A 108 2.74 9.20 9.30
CA GLN A 108 2.73 7.78 9.67
C GLN A 108 3.74 6.92 8.87
N ARG A 109 4.26 7.40 7.72
CA ARG A 109 5.32 6.74 6.93
C ARG A 109 6.54 6.34 7.77
N GLU A 110 6.98 7.23 8.67
CA GLU A 110 8.19 7.02 9.49
C GLU A 110 8.00 5.91 10.53
N SER A 111 6.84 5.84 11.20
CA SER A 111 6.52 4.80 12.18
C SER A 111 6.11 3.47 11.53
N LEU A 112 5.40 3.50 10.40
CA LEU A 112 5.00 2.33 9.65
C LEU A 112 6.20 1.48 9.21
N LYS A 113 7.28 2.08 8.68
CA LYS A 113 8.50 1.33 8.35
C LYS A 113 9.01 0.48 9.51
N LYS A 114 9.20 1.08 10.68
CA LYS A 114 9.71 0.41 11.89
C LYS A 114 8.76 -0.67 12.40
N ARG A 115 7.44 -0.48 12.31
CA ARG A 115 6.43 -1.52 12.52
C ARG A 115 6.54 -2.65 11.50
N LEU A 116 6.76 -2.33 10.22
CA LEU A 116 6.85 -3.31 9.15
C LEU A 116 8.08 -4.23 9.23
N GLU A 117 9.23 -3.68 9.63
CA GLU A 117 10.45 -4.47 9.86
C GLU A 117 10.28 -5.60 10.91
N LYS A 118 9.25 -5.51 11.78
CA LYS A 118 8.91 -6.47 12.83
C LYS A 118 7.85 -7.52 12.44
N LEU A 119 7.25 -7.44 11.24
CA LEU A 119 6.31 -8.45 10.74
C LEU A 119 6.94 -9.85 10.66
N GLU A 120 8.16 -9.91 10.12
CA GLU A 120 9.01 -11.11 10.08
C GLU A 120 10.49 -10.71 10.22
N ASP A 121 11.10 -11.00 11.38
CA ASP A 121 12.49 -10.62 11.67
C ASP A 121 13.52 -11.31 10.74
N LYS A 122 14.61 -10.60 10.45
CA LYS A 122 15.66 -10.98 9.46
C LYS A 122 16.97 -10.22 9.70
N GLY A 123 18.02 -10.60 8.97
CA GLY A 123 19.33 -9.91 8.98
C GLY A 123 19.29 -8.50 8.38
N GLY A 124 20.34 -7.70 8.63
CA GLY A 124 20.40 -6.29 8.23
C GLY A 124 20.50 -6.05 6.71
N ASN A 125 21.14 -6.97 5.98
CA ASN A 125 21.34 -6.95 4.52
C ASN A 125 21.87 -5.58 3.98
N ASP A 126 22.76 -4.94 4.74
CA ASP A 126 23.43 -3.67 4.39
C ASP A 126 24.32 -3.74 3.13
N LEU A 13 -17.80 -26.30 7.32
CA LEU A 13 -17.50 -26.21 8.77
C LEU A 13 -16.26 -25.33 8.99
N GLY A 14 -16.39 -24.28 9.82
CA GLY A 14 -15.30 -23.36 10.15
C GLY A 14 -15.73 -22.12 10.97
N VAL A 15 -14.76 -21.28 11.32
CA VAL A 15 -14.94 -20.01 12.06
C VAL A 15 -13.81 -19.02 11.70
N PHE A 16 -14.07 -17.72 11.83
CA PHE A 16 -13.12 -16.65 11.48
C PHE A 16 -13.29 -15.40 12.37
N GLY A 17 -12.22 -14.61 12.51
CA GLY A 17 -12.18 -13.40 13.35
C GLY A 17 -10.78 -12.79 13.47
N GLU A 18 -10.00 -12.76 12.38
CA GLU A 18 -8.57 -12.43 12.37
C GLU A 18 -8.26 -10.91 12.29
N ARG A 19 -9.28 -10.06 12.51
CA ARG A 19 -9.21 -8.58 12.39
C ARG A 19 -8.21 -7.94 13.36
N PRO A 20 -7.56 -6.81 12.99
CA PRO A 20 -6.66 -6.06 13.87
C PRO A 20 -7.41 -5.22 14.92
N ILE A 21 -6.65 -4.62 15.85
CA ILE A 21 -7.15 -3.60 16.79
C ILE A 21 -7.63 -2.35 16.03
N ALA A 22 -8.74 -1.75 16.49
CA ALA A 22 -9.27 -0.47 16.00
C ALA A 22 -10.05 0.26 17.12
N ASN A 23 -10.19 1.58 16.99
CA ASN A 23 -10.78 2.46 18.00
C ASN A 23 -11.71 3.56 17.42
N THR A 24 -11.57 3.94 16.14
CA THR A 24 -12.54 4.83 15.47
C THR A 24 -13.86 4.11 15.13
N GLU A 25 -14.86 4.84 14.64
CA GLU A 25 -16.16 4.31 14.20
C GLU A 25 -15.99 3.26 13.08
N TYR A 26 -16.40 2.01 13.36
CA TYR A 26 -16.12 0.84 12.50
C TYR A 26 -16.76 0.92 11.09
N SER A 27 -17.82 1.71 10.92
CA SER A 27 -18.48 1.96 9.63
C SER A 27 -17.62 2.77 8.65
N GLY A 28 -16.77 3.68 9.17
CA GLY A 28 -15.83 4.49 8.38
C GLY A 28 -15.38 5.78 9.07
N ASP A 29 -14.33 6.40 8.53
CA ASP A 29 -13.65 7.59 9.09
C ASP A 29 -13.17 8.53 7.96
N TYR A 30 -13.13 9.85 8.22
CA TYR A 30 -12.75 10.89 7.25
C TYR A 30 -11.31 10.78 6.68
N ALA A 31 -10.39 10.12 7.40
CA ALA A 31 -9.01 9.88 6.97
C ALA A 31 -8.50 8.45 7.27
N GLN A 32 -9.18 7.73 8.17
CA GLN A 32 -9.03 6.29 8.45
C GLN A 32 -7.61 5.83 8.82
N ARG A 33 -6.79 6.74 9.40
CA ARG A 33 -5.42 6.45 9.89
C ARG A 33 -5.38 5.34 10.94
N ASP A 34 -6.44 5.24 11.75
CA ASP A 34 -6.64 4.20 12.76
C ASP A 34 -6.67 2.76 12.20
N ASP A 35 -7.08 2.58 10.93
CA ASP A 35 -7.13 1.28 10.27
C ASP A 35 -5.75 0.74 9.84
N ALA A 36 -4.70 1.59 9.84
CA ALA A 36 -3.35 1.22 9.38
C ALA A 36 -2.66 0.11 10.22
N LYS A 37 -3.29 -0.38 11.31
CA LYS A 37 -2.93 -1.65 11.98
C LYS A 37 -3.10 -2.89 11.07
N ASP A 38 -3.95 -2.83 10.05
CA ASP A 38 -4.17 -3.89 9.04
C ASP A 38 -2.99 -4.12 8.08
N LEU A 39 -2.01 -3.21 8.06
CA LEU A 39 -1.00 -3.17 7.01
C LEU A 39 0.03 -4.29 7.04
N SER A 40 0.17 -5.02 8.13
CA SER A 40 0.98 -6.24 8.19
C SER A 40 0.40 -7.43 7.42
N ALA A 41 -0.77 -7.27 6.79
CA ALA A 41 -1.36 -8.27 5.93
C ALA A 41 -0.51 -8.48 4.67
N LYS A 42 -0.60 -9.69 4.14
CA LYS A 42 -0.16 -10.06 2.78
C LYS A 42 -0.99 -9.29 1.75
N ILE A 43 -0.35 -8.79 0.68
CA ILE A 43 -1.04 -8.17 -0.46
C ILE A 43 -1.97 -9.16 -1.18
N GLU A 44 -1.59 -10.44 -1.14
CA GLU A 44 -2.41 -11.59 -1.57
C GLU A 44 -3.78 -11.68 -0.84
N SER A 45 -4.03 -10.90 0.23
CA SER A 45 -5.28 -10.95 0.99
C SER A 45 -6.46 -10.32 0.22
N MET A 46 -6.16 -9.51 -0.80
CA MET A 46 -7.12 -8.71 -1.57
C MET A 46 -7.87 -9.49 -2.68
N ASN A 47 -7.56 -10.79 -2.85
CA ASN A 47 -8.09 -11.66 -3.92
C ASN A 47 -7.91 -11.09 -5.36
N LEU A 48 -6.79 -10.38 -5.58
CA LEU A 48 -6.40 -9.79 -6.86
C LEU A 48 -5.87 -10.85 -7.85
N SER A 49 -5.78 -10.50 -9.14
CA SER A 49 -5.09 -11.28 -10.17
C SER A 49 -3.59 -11.41 -9.85
N ALA A 50 -2.97 -12.54 -10.19
CA ALA A 50 -1.60 -12.84 -9.80
C ALA A 50 -0.54 -11.86 -10.33
N ARG A 51 -0.79 -11.15 -11.45
CA ARG A 51 0.15 -10.16 -12.00
C ARG A 51 0.41 -8.97 -11.07
N CYS A 52 -0.58 -8.55 -10.28
CA CYS A 52 -0.40 -7.65 -9.14
C CYS A 52 0.66 -8.22 -8.19
N PHE A 53 0.42 -9.43 -7.67
CA PHE A 53 1.26 -9.97 -6.60
C PHE A 53 2.66 -10.33 -7.09
N ASN A 54 2.79 -10.79 -8.34
CA ASN A 54 4.07 -11.15 -8.95
C ASN A 54 4.91 -9.91 -9.27
N CYS A 55 4.29 -8.79 -9.64
CA CYS A 55 5.01 -7.52 -9.76
C CYS A 55 5.59 -7.09 -8.39
N LEU A 56 4.72 -7.03 -7.37
CA LEU A 56 5.03 -6.61 -6.00
C LEU A 56 6.08 -7.53 -5.32
N ASP A 57 5.98 -8.84 -5.50
CA ASP A 57 6.96 -9.82 -5.03
C ASP A 57 8.38 -9.69 -5.64
N LYS A 58 8.53 -9.21 -6.89
CA LYS A 58 9.84 -9.17 -7.59
C LYS A 58 10.74 -8.03 -7.12
N ILE A 59 10.12 -6.90 -6.79
CA ILE A 59 10.72 -5.73 -6.10
C ILE A 59 10.87 -5.97 -4.59
N GLY A 60 10.04 -6.85 -4.04
CA GLY A 60 10.12 -7.34 -2.65
C GLY A 60 9.02 -6.81 -1.73
N ILE A 61 8.06 -6.05 -2.28
CA ILE A 61 6.84 -5.59 -1.61
C ILE A 61 5.89 -6.79 -1.45
N LYS A 62 5.87 -7.39 -0.24
CA LYS A 62 5.14 -8.62 0.12
C LYS A 62 3.97 -8.36 1.08
N TYR A 63 3.91 -7.17 1.68
CA TYR A 63 2.82 -6.76 2.57
C TYR A 63 2.14 -5.46 2.17
N VAL A 64 0.91 -5.28 2.64
CA VAL A 64 0.09 -4.10 2.38
C VAL A 64 0.78 -2.84 2.90
N GLY A 65 1.49 -2.92 4.02
CA GLY A 65 2.37 -1.89 4.58
C GLY A 65 3.38 -1.37 3.55
N GLU A 66 4.05 -2.30 2.87
CA GLU A 66 5.00 -2.02 1.81
C GLU A 66 4.36 -1.40 0.56
N LEU A 67 3.16 -1.85 0.13
CA LEU A 67 2.42 -1.16 -0.96
C LEU A 67 2.02 0.26 -0.49
N VAL A 68 1.46 0.41 0.73
CA VAL A 68 1.06 1.68 1.33
C VAL A 68 2.26 2.66 1.39
N LEU A 69 3.47 2.16 1.68
CA LEU A 69 4.73 2.92 1.67
C LEU A 69 5.33 3.14 0.27
N MET A 70 4.92 2.36 -0.73
CA MET A 70 5.06 2.64 -2.14
C MET A 70 4.22 3.86 -2.59
N SER A 71 4.73 5.05 -2.27
CA SER A 71 4.28 6.32 -2.86
C SER A 71 4.22 6.23 -4.40
N GLU A 72 3.33 7.01 -5.03
CA GLU A 72 2.98 6.84 -6.45
C GLU A 72 4.20 6.80 -7.40
N GLU A 73 5.25 7.58 -7.10
CA GLU A 73 6.48 7.66 -7.90
C GLU A 73 7.30 6.35 -7.88
N GLU A 74 7.31 5.62 -6.76
CA GLU A 74 7.80 4.23 -6.71
C GLU A 74 6.84 3.31 -7.47
N LEU A 75 5.54 3.45 -7.21
CA LEU A 75 4.48 2.58 -7.70
C LEU A 75 4.37 2.51 -9.23
N LYS A 76 4.37 3.67 -9.91
CA LYS A 76 4.51 3.79 -11.37
C LYS A 76 5.86 3.28 -11.91
N GLY A 77 6.83 3.00 -11.04
CA GLY A 77 8.24 2.76 -11.38
C GLY A 77 8.70 1.29 -11.42
N VAL A 78 7.88 0.31 -10.95
CA VAL A 78 8.21 -1.12 -11.14
C VAL A 78 8.38 -1.50 -12.63
N LYS A 79 9.06 -2.61 -12.90
CA LYS A 79 9.43 -3.04 -14.27
C LYS A 79 8.27 -3.61 -15.12
N ASN A 80 7.20 -4.10 -14.49
CA ASN A 80 6.12 -4.84 -15.16
C ASN A 80 4.73 -4.22 -14.90
N MET A 81 4.65 -2.89 -14.70
CA MET A 81 3.42 -2.19 -14.31
C MET A 81 2.36 -2.00 -15.42
N GLY A 82 1.86 -3.11 -15.97
CA GLY A 82 0.69 -3.12 -16.86
C GLY A 82 -0.50 -2.35 -16.26
N LYS A 83 -1.23 -1.58 -17.09
CA LYS A 83 -2.22 -0.57 -16.64
C LYS A 83 -3.31 -1.17 -15.72
N LYS A 84 -3.90 -2.29 -16.15
CA LYS A 84 -4.93 -3.02 -15.39
C LYS A 84 -4.42 -3.65 -14.08
N SER A 85 -3.15 -4.08 -14.04
CA SER A 85 -2.48 -4.57 -12.83
C SER A 85 -2.33 -3.46 -11.78
N TYR A 86 -1.87 -2.27 -12.19
CA TYR A 86 -1.80 -1.10 -11.30
C TYR A 86 -3.20 -0.62 -10.85
N ASP A 87 -4.19 -0.64 -11.74
CA ASP A 87 -5.56 -0.22 -11.42
C ASP A 87 -6.18 -1.08 -10.30
N GLU A 88 -6.10 -2.41 -10.40
CA GLU A 88 -6.59 -3.30 -9.35
C GLU A 88 -5.74 -3.27 -8.05
N ILE A 89 -4.42 -3.04 -8.18
CA ILE A 89 -3.52 -2.67 -7.06
C ILE A 89 -4.09 -1.49 -6.28
N ALA A 90 -4.31 -0.38 -6.99
CA ALA A 90 -4.70 0.89 -6.38
C ALA A 90 -6.14 0.85 -5.83
N GLU A 91 -7.06 0.14 -6.48
CA GLU A 91 -8.45 0.01 -6.05
C GLU A 91 -8.59 -0.80 -4.74
N LYS A 92 -7.90 -1.94 -4.58
CA LYS A 92 -7.92 -2.67 -3.32
C LYS A 92 -7.01 -2.07 -2.24
N LEU A 93 -5.97 -1.30 -2.57
CA LEU A 93 -5.33 -0.41 -1.60
C LEU A 93 -6.32 0.66 -1.08
N ASN A 94 -7.09 1.30 -1.99
CA ASN A 94 -8.16 2.25 -1.66
C ASN A 94 -9.25 1.66 -0.77
N ASP A 95 -9.58 0.36 -0.94
CA ASP A 95 -10.60 -0.34 -0.15
C ASP A 95 -10.31 -0.40 1.36
N LEU A 96 -9.05 -0.21 1.80
CA LEU A 96 -8.70 0.00 3.22
C LEU A 96 -9.12 1.39 3.76
N GLY A 97 -9.25 2.39 2.90
CA GLY A 97 -9.59 3.78 3.25
C GLY A 97 -8.72 4.84 2.57
N TYR A 98 -7.58 4.47 1.97
CA TYR A 98 -6.58 5.39 1.43
C TYR A 98 -6.18 4.97 -0.01
N PRO A 99 -6.53 5.75 -1.05
CA PRO A 99 -6.13 5.50 -2.43
C PRO A 99 -4.62 5.70 -2.61
N VAL A 100 -3.89 4.65 -3.01
CA VAL A 100 -2.42 4.70 -3.05
C VAL A 100 -1.86 5.84 -3.89
N GLY A 101 -0.83 6.49 -3.35
CA GLY A 101 -0.09 7.55 -4.03
C GLY A 101 -0.58 8.98 -3.77
N THR A 102 -1.57 9.19 -2.89
CA THR A 102 -1.88 10.53 -2.37
C THR A 102 -0.97 10.88 -1.17
N GLU A 103 -0.59 12.15 -1.02
CA GLU A 103 0.57 12.59 -0.21
C GLU A 103 0.24 13.80 0.69
N LEU A 104 -1.03 13.97 1.05
CA LEU A 104 -1.57 15.14 1.76
C LEU A 104 -0.88 15.51 3.10
N SER A 105 -0.51 14.52 3.91
CA SER A 105 0.18 14.66 5.21
C SER A 105 0.58 13.28 5.77
N PRO A 106 1.52 12.57 5.11
CA PRO A 106 1.74 11.13 5.28
C PRO A 106 2.61 10.76 6.51
N GLU A 107 2.57 11.55 7.57
CA GLU A 107 3.46 11.45 8.75
C GLU A 107 3.39 10.10 9.51
N GLN A 108 2.38 9.26 9.25
CA GLN A 108 2.35 7.86 9.72
C GLN A 108 3.45 6.99 9.07
N ARG A 109 4.05 7.41 7.94
CA ARG A 109 5.10 6.71 7.20
C ARG A 109 6.28 6.25 8.07
N GLU A 110 6.84 7.15 8.88
CA GLU A 110 7.96 6.83 9.78
C GLU A 110 7.59 5.73 10.80
N SER A 111 6.44 5.87 11.45
CA SER A 111 5.90 4.89 12.42
C SER A 111 5.61 3.53 11.78
N LEU A 112 4.98 3.52 10.59
CA LEU A 112 4.70 2.33 9.82
C LEU A 112 5.98 1.59 9.44
N LYS A 113 7.02 2.26 8.93
CA LYS A 113 8.28 1.63 8.56
C LYS A 113 8.90 0.84 9.72
N LYS A 114 8.99 1.42 10.91
CA LYS A 114 9.52 0.76 12.11
C LYS A 114 8.68 -0.44 12.55
N ARG A 115 7.34 -0.36 12.46
CA ARG A 115 6.44 -1.51 12.65
C ARG A 115 6.67 -2.58 11.57
N LEU A 116 6.85 -2.19 10.31
CA LEU A 116 7.08 -3.09 9.18
C LEU A 116 8.34 -3.95 9.35
N GLU A 117 9.43 -3.36 9.83
CA GLU A 117 10.66 -4.11 10.19
C GLU A 117 10.47 -5.10 11.35
N LYS A 118 9.46 -4.90 12.20
CA LYS A 118 9.16 -5.70 13.40
C LYS A 118 8.04 -6.75 13.21
N LEU A 119 7.38 -6.79 12.04
CA LEU A 119 6.42 -7.84 11.71
C LEU A 119 7.05 -9.25 11.77
N GLU A 120 8.27 -9.37 11.24
CA GLU A 120 9.17 -10.50 11.53
C GLU A 120 10.65 -10.07 11.55
N ASP A 121 11.32 -10.31 12.68
CA ASP A 121 12.76 -10.04 12.88
C ASP A 121 13.70 -10.90 12.00
N LYS A 122 13.16 -11.93 11.32
CA LYS A 122 13.82 -12.70 10.27
C LYS A 122 14.21 -11.86 9.03
N GLY A 123 13.57 -10.70 8.84
CA GLY A 123 13.86 -9.75 7.76
C GLY A 123 15.07 -8.85 8.02
N GLY A 124 15.26 -7.82 7.19
CA GLY A 124 16.33 -6.83 7.33
C GLY A 124 16.11 -5.56 6.49
N ASN A 125 16.89 -4.52 6.79
CA ASN A 125 16.74 -3.18 6.19
C ASN A 125 17.11 -3.10 4.69
N ASP A 126 17.93 -4.04 4.19
CA ASP A 126 18.43 -4.12 2.80
C ASP A 126 18.71 -5.57 2.35
#